data_3E05
#
_entry.id   3E05
#
_cell.length_a   124.710
_cell.length_b   83.451
_cell.length_c   149.056
_cell.angle_alpha   90.00
_cell.angle_beta   95.72
_cell.angle_gamma   90.00
#
_symmetry.space_group_name_H-M   'C 1 2 1'
#
loop_
_entity.id
_entity.type
_entity.pdbx_description
1 polymer 'Precorrin-6Y C5,15-methyltransferase (Decarboxylating)'
2 non-polymer 'CHLORIDE ION'
3 non-polymer GLYCEROL
4 water water
#
_entity_poly.entity_id   1
_entity_poly.type   'polypeptide(L)'
_entity_poly.pdbx_seq_one_letter_code
;MSLAQYPVIGIDDDEFATAKKLITKQEVRAVTLSKLRLQDDLVMWDIGAGSASVSIEASNLMPNGRIFALERNPQYLGFI
RDNLKKFVARNVTLVEAFAPEGLDDLPDPDRVFIGGSGGMLEEIIDAVDRRLKSEGVIVLNAVTLDTLTKAVEFLEDHGY
MVEVACVNVAKTKGLTEYKMFESHNPVYIITAWKSDEGHHHHHH
;
_entity_poly.pdbx_strand_id   A,B,C,D,E,F,G,H
#
loop_
_chem_comp.id
_chem_comp.type
_chem_comp.name
_chem_comp.formula
CL non-polymer 'CHLORIDE ION' 'Cl -1'
GOL non-polymer GLYCEROL 'C3 H8 O3'
#
# COMPACT_ATOMS: atom_id res chain seq x y z
N GLN A 5 -2.62 -24.58 22.86
CA GLN A 5 -4.11 -24.58 22.76
C GLN A 5 -4.61 -23.64 21.67
N TYR A 6 -5.32 -24.22 20.70
CA TYR A 6 -5.93 -23.48 19.60
C TYR A 6 -7.44 -23.64 19.63
N PRO A 7 -8.19 -22.58 19.21
CA PRO A 7 -9.64 -22.77 19.19
C PRO A 7 -10.08 -23.85 18.21
N VAL A 8 -11.31 -24.33 18.36
CA VAL A 8 -11.87 -25.33 17.48
C VAL A 8 -11.95 -24.74 16.05
N ILE A 9 -12.46 -23.52 15.93
CA ILE A 9 -12.42 -22.77 14.68
C ILE A 9 -12.07 -21.35 15.06
N GLY A 10 -11.53 -20.61 14.11
CA GLY A 10 -11.16 -19.22 14.35
C GLY A 10 -9.71 -19.07 14.76
N ILE A 11 -8.89 -20.00 14.27
CA ILE A 11 -7.43 -19.89 14.43
C ILE A 11 -6.97 -18.69 13.61
N ASP A 12 -6.17 -17.82 14.21
CA ASP A 12 -5.69 -16.60 13.55
C ASP A 12 -4.89 -16.94 12.31
N ASP A 13 -5.10 -16.18 11.24
CA ASP A 13 -4.46 -16.45 9.94
C ASP A 13 -2.92 -16.48 10.04
N ASP A 14 -2.36 -15.66 10.94
CA ASP A 14 -0.91 -15.57 11.13
C ASP A 14 -0.25 -16.84 11.65
N GLU A 15 -1.05 -17.74 12.23
CA GLU A 15 -0.56 -19.00 12.79
C GLU A 15 -0.32 -20.06 11.73
N PHE A 16 -0.85 -19.84 10.54
CA PHE A 16 -0.64 -20.77 9.47
C PHE A 16 0.58 -20.34 8.68
N ALA A 17 1.39 -21.32 8.27
CA ALA A 17 2.44 -21.09 7.29
C ALA A 17 1.71 -20.93 5.97
N THR A 18 1.92 -19.78 5.33
CA THR A 18 1.17 -19.43 4.12
C THR A 18 1.92 -18.46 3.22
N ALA A 19 1.31 -18.14 2.08
CA ALA A 19 1.76 -17.07 1.20
C ALA A 19 0.65 -16.04 1.12
N LYS A 20 1.04 -14.82 0.72
CA LYS A 20 0.11 -13.75 0.42
C LYS A 20 -0.90 -14.19 -0.63
N LYS A 21 -2.18 -13.92 -0.35
CA LYS A 21 -3.34 -14.25 -1.21
C LYS A 21 -3.74 -15.74 -1.23
N LEU A 22 -2.99 -16.60 -0.54
CA LEU A 22 -3.25 -18.04 -0.59
C LEU A 22 -4.28 -18.53 0.44
N ILE A 23 -4.12 -18.08 1.68
CA ILE A 23 -4.93 -18.60 2.78
C ILE A 23 -6.44 -18.29 2.60
N THR A 24 -7.29 -19.26 2.90
CA THR A 24 -8.70 -18.98 3.09
C THR A 24 -8.73 -18.24 4.44
N LYS A 25 -9.00 -16.93 4.38
CA LYS A 25 -8.99 -16.12 5.60
C LYS A 25 -10.05 -16.55 6.60
N GLN A 26 -9.79 -16.25 7.87
CA GLN A 26 -10.56 -16.72 9.02
C GLN A 26 -12.09 -16.62 8.91
N GLU A 27 -12.58 -15.43 8.55
CA GLU A 27 -14.01 -15.19 8.52
C GLU A 27 -14.69 -16.02 7.41
N VAL A 28 -14.13 -15.99 6.22
CA VAL A 28 -14.66 -16.72 5.05
C VAL A 28 -14.48 -18.23 5.27
N ARG A 29 -13.37 -18.60 5.91
CA ARG A 29 -13.17 -19.99 6.36
C ARG A 29 -14.32 -20.51 7.23
N ALA A 30 -14.70 -19.74 8.25
CA ALA A 30 -15.84 -20.06 9.10
C ALA A 30 -17.14 -20.23 8.29
N VAL A 31 -17.43 -19.30 7.37
CA VAL A 31 -18.63 -19.44 6.53
C VAL A 31 -18.51 -20.67 5.62
N THR A 32 -17.32 -20.90 5.10
CA THR A 32 -17.10 -22.07 4.23
C THR A 32 -17.39 -23.38 5.00
N LEU A 33 -16.83 -23.48 6.21
CA LEU A 33 -17.06 -24.64 7.07
C LEU A 33 -18.55 -24.86 7.32
N SER A 34 -19.26 -23.76 7.60
CA SER A 34 -20.68 -23.72 7.83
C SER A 34 -21.44 -24.26 6.60
N LYS A 35 -21.05 -23.81 5.41
CA LYS A 35 -21.71 -24.25 4.17
C LYS A 35 -21.48 -25.73 3.86
N LEU A 36 -20.33 -26.23 4.28
CA LEU A 36 -20.02 -27.66 4.12
C LEU A 36 -20.93 -28.59 4.90
N ARG A 37 -21.69 -28.06 5.87
CA ARG A 37 -22.67 -28.85 6.65
C ARG A 37 -22.01 -30.11 7.25
N LEU A 38 -20.95 -29.91 8.03
CA LEU A 38 -20.12 -31.01 8.53
C LEU A 38 -20.78 -31.71 9.70
N GLN A 39 -20.53 -33.01 9.82
CA GLN A 39 -20.88 -33.76 11.02
C GLN A 39 -19.80 -34.81 11.16
N ASP A 40 -19.58 -35.31 12.37
CA ASP A 40 -18.51 -36.31 12.63
C ASP A 40 -18.64 -37.54 11.74
N ASP A 41 -17.50 -38.21 11.50
CA ASP A 41 -17.41 -39.49 10.73
C ASP A 41 -17.50 -39.41 9.20
N LEU A 42 -17.64 -38.20 8.64
CA LEU A 42 -17.72 -38.09 7.18
C LEU A 42 -16.34 -38.12 6.53
N VAL A 43 -16.30 -38.46 5.24
CA VAL A 43 -15.10 -38.30 4.42
C VAL A 43 -15.16 -36.96 3.66
N MET A 44 -14.10 -36.16 3.76
CA MET A 44 -14.03 -34.86 3.07
C MET A 44 -12.78 -34.76 2.22
N TRP A 45 -12.93 -34.27 0.98
CA TRP A 45 -11.82 -33.91 0.12
C TRP A 45 -11.65 -32.39 0.11
N ASP A 46 -10.41 -31.93 0.25
CA ASP A 46 -10.06 -30.51 0.14
C ASP A 46 -9.12 -30.36 -1.06
N ILE A 47 -9.72 -30.08 -2.20
CA ILE A 47 -9.01 -29.96 -3.47
C ILE A 47 -8.36 -28.56 -3.64
N GLY A 48 -7.04 -28.55 -3.74
CA GLY A 48 -6.26 -27.31 -3.86
C GLY A 48 -6.17 -26.71 -2.48
N ALA A 49 -5.63 -27.49 -1.55
CA ALA A 49 -5.70 -27.16 -0.12
C ALA A 49 -4.94 -25.91 0.31
N GLY A 50 -3.90 -25.55 -0.44
CA GLY A 50 -3.15 -24.33 -0.18
C GLY A 50 -2.31 -24.47 1.08
N SER A 51 -2.77 -23.84 2.15
CA SER A 51 -2.11 -23.97 3.45
C SER A 51 -2.80 -24.99 4.34
N ALA A 52 -3.88 -25.59 3.82
CA ALA A 52 -4.73 -26.53 4.55
C ALA A 52 -5.46 -25.93 5.76
N SER A 53 -5.71 -24.62 5.78
CA SER A 53 -6.41 -24.06 6.92
C SER A 53 -7.86 -24.57 7.01
N VAL A 54 -8.50 -24.84 5.86
CA VAL A 54 -9.89 -25.31 5.86
C VAL A 54 -9.94 -26.77 6.38
N SER A 55 -9.03 -27.61 5.86
CA SER A 55 -8.83 -28.98 6.35
C SER A 55 -8.60 -29.10 7.85
N ILE A 56 -7.72 -28.26 8.37
CA ILE A 56 -7.32 -28.26 9.77
C ILE A 56 -8.51 -27.94 10.69
N GLU A 57 -9.24 -26.86 10.39
CA GLU A 57 -10.42 -26.57 11.18
C GLU A 57 -11.56 -27.57 10.98
N ALA A 58 -11.75 -28.06 9.76
CA ALA A 58 -12.72 -29.14 9.53
C ALA A 58 -12.40 -30.41 10.35
N SER A 59 -11.10 -30.66 10.56
CA SER A 59 -10.67 -31.80 11.37
C SER A 59 -11.04 -31.66 12.84
N ASN A 60 -11.14 -30.42 13.30
CA ASN A 60 -11.57 -30.13 14.64
C ASN A 60 -13.08 -30.31 14.77
N LEU A 61 -13.80 -30.09 13.67
CA LEU A 61 -15.27 -30.27 13.62
C LEU A 61 -15.67 -31.75 13.47
N MET A 62 -14.85 -32.52 12.77
CA MET A 62 -15.04 -33.96 12.59
C MET A 62 -13.81 -34.72 13.12
N PRO A 63 -13.71 -34.90 14.46
CA PRO A 63 -12.53 -35.55 15.05
C PRO A 63 -12.33 -37.00 14.56
N ASN A 64 -13.44 -37.68 14.26
CA ASN A 64 -13.42 -39.04 13.74
C ASN A 64 -13.77 -39.12 12.26
N GLY A 65 -13.94 -37.97 11.62
CA GLY A 65 -14.01 -37.94 10.16
C GLY A 65 -12.63 -38.08 9.56
N ARG A 66 -12.53 -38.23 8.26
CA ARG A 66 -11.28 -38.33 7.58
C ARG A 66 -11.21 -37.25 6.53
N ILE A 67 -10.15 -36.47 6.54
CA ILE A 67 -10.00 -35.36 5.59
C ILE A 67 -8.79 -35.59 4.69
N PHE A 68 -8.99 -35.45 3.38
CA PHE A 68 -7.94 -35.63 2.40
C PHE A 68 -7.59 -34.31 1.72
N ALA A 69 -6.42 -33.79 2.09
CA ALA A 69 -5.96 -32.49 1.59
C ALA A 69 -5.08 -32.67 0.37
N LEU A 70 -5.59 -32.18 -0.75
CA LEU A 70 -4.92 -32.33 -2.04
C LEU A 70 -4.27 -31.07 -2.54
N GLU A 71 -2.99 -31.16 -2.90
CA GLU A 71 -2.22 -30.02 -3.34
C GLU A 71 -1.09 -30.46 -4.27
N ARG A 72 -0.86 -29.73 -5.36
CA ARG A 72 0.18 -30.15 -6.31
C ARG A 72 1.43 -29.27 -6.26
N ASN A 73 1.28 -28.05 -5.76
CA ASN A 73 2.37 -27.09 -5.67
C ASN A 73 3.36 -27.40 -4.53
N PRO A 74 4.64 -27.68 -4.87
CA PRO A 74 5.74 -27.95 -3.91
C PRO A 74 5.88 -26.94 -2.75
N GLN A 75 5.76 -25.64 -3.04
CA GLN A 75 5.81 -24.62 -1.99
C GLN A 75 4.63 -24.77 -1.04
N TYR A 76 3.45 -25.06 -1.59
CA TYR A 76 2.26 -25.17 -0.77
C TYR A 76 2.29 -26.45 0.05
N LEU A 77 2.87 -27.51 -0.52
CA LEU A 77 3.03 -28.80 0.16
C LEU A 77 3.86 -28.66 1.43
N GLY A 78 4.90 -27.82 1.36
CA GLY A 78 5.72 -27.48 2.52
C GLY A 78 4.96 -26.74 3.62
N PHE A 79 4.13 -25.76 3.21
CA PHE A 79 3.21 -25.08 4.13
C PHE A 79 2.32 -26.07 4.88
N ILE A 80 1.72 -27.00 4.13
CA ILE A 80 0.78 -27.97 4.68
C ILE A 80 1.47 -28.90 5.69
N ARG A 81 2.64 -29.43 5.29
CA ARG A 81 3.45 -30.25 6.20
CA ARG A 81 3.48 -30.25 6.18
C ARG A 81 3.70 -29.53 7.52
N ASP A 82 4.16 -28.29 7.45
CA ASP A 82 4.41 -27.49 8.66
C ASP A 82 3.16 -27.23 9.50
N ASN A 83 2.04 -27.02 8.82
CA ASN A 83 0.78 -26.75 9.50
C ASN A 83 0.20 -27.96 10.19
N LEU A 84 0.19 -29.10 9.50
CA LEU A 84 -0.39 -30.33 10.05
C LEU A 84 0.35 -30.78 11.32
N LYS A 85 1.66 -30.58 11.34
CA LYS A 85 2.41 -30.89 12.54
C LYS A 85 2.35 -29.80 13.63
N LYS A 86 2.10 -28.55 13.25
CA LYS A 86 1.85 -27.50 14.26
C LYS A 86 0.50 -27.69 14.97
N PHE A 87 -0.53 -28.00 14.19
CA PHE A 87 -1.90 -28.02 14.70
C PHE A 87 -2.42 -29.37 15.17
N VAL A 88 -1.56 -30.39 15.08
CA VAL A 88 -1.87 -31.76 15.48
C VAL A 88 -3.18 -32.20 14.81
N ALA A 89 -3.19 -32.15 13.48
CA ALA A 89 -4.39 -32.50 12.72
C ALA A 89 -4.20 -33.90 12.16
N ARG A 90 -4.38 -34.88 13.01
CA ARG A 90 -4.02 -36.26 12.69
C ARG A 90 -4.95 -36.96 11.72
N ASN A 91 -6.20 -36.53 11.65
CA ASN A 91 -7.18 -37.07 10.71
C ASN A 91 -7.14 -36.42 9.33
N VAL A 92 -6.16 -35.55 9.12
CA VAL A 92 -5.89 -35.02 7.79
C VAL A 92 -4.74 -35.78 7.14
N THR A 93 -4.99 -36.30 5.94
CA THR A 93 -3.97 -36.91 5.12
C THR A 93 -3.62 -36.01 3.95
N LEU A 94 -2.36 -35.61 3.88
CA LEU A 94 -1.87 -34.84 2.73
C LEU A 94 -1.68 -35.76 1.53
N VAL A 95 -2.24 -35.36 0.40
CA VAL A 95 -2.11 -36.12 -0.84
C VAL A 95 -1.52 -35.19 -1.89
N GLU A 96 -0.39 -35.61 -2.46
CA GLU A 96 0.26 -34.85 -3.52
C GLU A 96 -0.35 -35.23 -4.86
N ALA A 97 -1.09 -34.31 -5.46
CA ALA A 97 -1.92 -34.62 -6.62
C ALA A 97 -2.41 -33.39 -7.36
N PHE A 98 -2.48 -33.51 -8.69
CA PHE A 98 -3.01 -32.49 -9.59
C PHE A 98 -4.42 -32.97 -9.95
N ALA A 99 -5.40 -32.59 -9.15
CA ALA A 99 -6.79 -33.03 -9.35
C ALA A 99 -7.29 -32.72 -10.77
N PRO A 100 -8.06 -33.65 -11.39
CA PRO A 100 -8.68 -34.89 -10.90
C PRO A 100 -7.77 -36.13 -10.77
N GLU A 101 -6.47 -35.98 -11.06
CA GLU A 101 -5.50 -37.05 -10.83
C GLU A 101 -5.31 -37.23 -9.32
N GLY A 102 -5.32 -38.47 -8.86
CA GLY A 102 -5.10 -38.79 -7.44
C GLY A 102 -6.38 -38.99 -6.63
N LEU A 103 -7.52 -38.82 -7.27
CA LEU A 103 -8.82 -38.95 -6.60
C LEU A 103 -9.28 -40.41 -6.53
N ASP A 104 -8.80 -41.22 -7.49
CA ASP A 104 -9.22 -42.63 -7.60
C ASP A 104 -8.82 -43.47 -6.40
N ASP A 105 -7.72 -43.08 -5.75
CA ASP A 105 -7.20 -43.79 -4.58
C ASP A 105 -7.91 -43.39 -3.28
N LEU A 106 -8.69 -42.33 -3.33
CA LEU A 106 -9.34 -41.80 -2.14
C LEU A 106 -10.66 -42.49 -1.89
N PRO A 107 -11.06 -42.64 -0.61
CA PRO A 107 -12.41 -43.13 -0.34
C PRO A 107 -13.48 -42.14 -0.83
N ASP A 108 -14.66 -42.67 -1.14
CA ASP A 108 -15.82 -41.88 -1.60
C ASP A 108 -16.13 -40.72 -0.62
N PRO A 109 -16.29 -39.49 -1.17
CA PRO A 109 -16.49 -38.30 -0.32
C PRO A 109 -17.95 -37.95 0.03
N ASP A 110 -18.16 -37.55 1.28
CA ASP A 110 -19.43 -36.98 1.69
C ASP A 110 -19.39 -35.48 1.40
N ARG A 111 -18.20 -34.89 1.53
CA ARG A 111 -18.01 -33.45 1.44
C ARG A 111 -16.82 -33.16 0.54
N VAL A 112 -16.93 -32.16 -0.32
CA VAL A 112 -15.79 -31.79 -1.16
C VAL A 112 -15.67 -30.26 -1.13
N PHE A 113 -14.53 -29.77 -0.69
CA PHE A 113 -14.21 -28.34 -0.83
C PHE A 113 -13.22 -28.12 -1.95
N ILE A 114 -13.53 -27.20 -2.86
CA ILE A 114 -12.62 -26.87 -3.96
C ILE A 114 -12.05 -25.49 -3.76
N GLY A 115 -10.83 -25.44 -3.22
CA GLY A 115 -10.12 -24.19 -2.95
C GLY A 115 -9.30 -23.73 -4.12
N GLY A 116 -8.89 -24.67 -4.97
CA GLY A 116 -8.06 -24.33 -6.11
C GLY A 116 -8.17 -25.42 -7.14
N SER A 117 -8.46 -25.05 -8.38
CA SER A 117 -8.67 -26.03 -9.45
C SER A 117 -7.47 -26.25 -10.35
N GLY A 118 -6.59 -25.25 -10.39
CA GLY A 118 -5.40 -25.28 -11.23
C GLY A 118 -5.71 -25.44 -12.71
N GLY A 119 -6.72 -24.70 -13.18
CA GLY A 119 -7.17 -24.77 -14.57
C GLY A 119 -8.00 -25.99 -14.92
N MET A 120 -8.28 -26.83 -13.94
CA MET A 120 -8.97 -28.11 -14.20
C MET A 120 -10.41 -28.22 -13.67
N LEU A 121 -11.09 -27.07 -13.57
CA LEU A 121 -12.40 -26.97 -12.90
C LEU A 121 -13.47 -27.94 -13.43
N GLU A 122 -13.64 -27.97 -14.75
CA GLU A 122 -14.68 -28.80 -15.34
C GLU A 122 -14.42 -30.26 -15.08
N GLU A 123 -13.14 -30.64 -15.19
CA GLU A 123 -12.71 -32.02 -15.00
C GLU A 123 -12.85 -32.46 -13.55
N ILE A 124 -12.55 -31.56 -12.61
CA ILE A 124 -12.73 -31.80 -11.18
C ILE A 124 -14.20 -31.99 -10.83
N ILE A 125 -15.05 -31.09 -11.33
CA ILE A 125 -16.49 -31.19 -11.06
C ILE A 125 -17.08 -32.51 -11.54
N ASP A 126 -16.74 -32.91 -12.78
CA ASP A 126 -17.20 -34.18 -13.36
CA ASP A 126 -17.25 -34.17 -13.31
C ASP A 126 -16.75 -35.37 -12.52
N ALA A 127 -15.46 -35.37 -12.17
CA ALA A 127 -14.87 -36.43 -11.36
C ALA A 127 -15.54 -36.52 -9.99
N VAL A 128 -15.78 -35.36 -9.37
CA VAL A 128 -16.42 -35.30 -8.06
C VAL A 128 -17.88 -35.78 -8.12
N ASP A 129 -18.63 -35.33 -9.12
CA ASP A 129 -20.03 -35.75 -9.34
C ASP A 129 -20.23 -37.27 -9.40
N ARG A 130 -19.26 -37.97 -10.01
CA ARG A 130 -19.29 -39.43 -10.13
C ARG A 130 -19.01 -40.13 -8.81
N ARG A 131 -18.31 -39.45 -7.91
CA ARG A 131 -17.82 -40.05 -6.67
C ARG A 131 -18.62 -39.66 -5.43
N LEU A 132 -19.23 -38.46 -5.47
CA LEU A 132 -19.96 -37.91 -4.32
C LEU A 132 -21.04 -38.84 -3.79
N LYS A 133 -20.97 -39.12 -2.49
CA LYS A 133 -21.94 -39.96 -1.80
C LYS A 133 -23.30 -39.28 -1.67
N SER A 134 -24.31 -40.10 -1.39
CA SER A 134 -25.66 -39.65 -1.12
C SER A 134 -25.68 -38.61 0.01
N GLU A 135 -26.49 -37.57 -0.18
CA GLU A 135 -26.56 -36.41 0.74
C GLU A 135 -25.24 -35.61 0.80
N GLY A 136 -24.48 -35.68 -0.28
CA GLY A 136 -23.19 -35.01 -0.39
C GLY A 136 -23.32 -33.51 -0.62
N VAL A 137 -22.31 -32.76 -0.18
CA VAL A 137 -22.24 -31.31 -0.39
C VAL A 137 -20.91 -30.95 -1.07
N ILE A 138 -20.98 -30.12 -2.11
CA ILE A 138 -19.79 -29.51 -2.71
C ILE A 138 -19.78 -28.02 -2.38
N VAL A 139 -18.64 -27.51 -1.92
CA VAL A 139 -18.45 -26.08 -1.70
C VAL A 139 -17.19 -25.61 -2.45
N LEU A 140 -17.30 -24.48 -3.15
CA LEU A 140 -16.16 -23.85 -3.82
C LEU A 140 -16.10 -22.40 -3.45
N ASN A 141 -14.89 -21.87 -3.32
CA ASN A 141 -14.70 -20.44 -3.12
C ASN A 141 -14.10 -19.87 -4.39
N ALA A 142 -14.60 -18.73 -4.85
CA ALA A 142 -14.17 -18.16 -6.11
C ALA A 142 -14.01 -16.67 -5.96
N VAL A 143 -12.94 -16.14 -6.54
CA VAL A 143 -12.66 -14.71 -6.48
C VAL A 143 -12.73 -14.06 -7.87
N THR A 144 -12.68 -14.87 -8.91
CA THR A 144 -12.80 -14.40 -10.27
C THR A 144 -14.16 -14.72 -10.89
N LEU A 145 -14.55 -13.87 -11.83
CA LEU A 145 -15.79 -14.00 -12.60
C LEU A 145 -15.88 -15.31 -13.41
N ASP A 146 -14.79 -15.74 -14.05
CA ASP A 146 -14.78 -16.96 -14.86
CA ASP A 146 -14.81 -16.96 -14.85
C ASP A 146 -15.02 -18.22 -14.02
N THR A 147 -14.34 -18.30 -12.87
CA THR A 147 -14.56 -19.46 -11.99
C THR A 147 -15.98 -19.45 -11.43
N LEU A 148 -16.48 -18.29 -11.00
CA LEU A 148 -17.86 -18.17 -10.54
C LEU A 148 -18.84 -18.64 -11.62
N THR A 149 -18.70 -18.07 -12.82
CA THR A 149 -19.50 -18.40 -14.02
C THR A 149 -19.51 -19.88 -14.33
N LYS A 150 -18.32 -20.44 -14.50
CA LYS A 150 -18.16 -21.83 -14.93
C LYS A 150 -18.56 -22.83 -13.87
N ALA A 151 -18.28 -22.55 -12.58
CA ALA A 151 -18.67 -23.47 -11.53
C ALA A 151 -20.18 -23.61 -11.45
N VAL A 152 -20.88 -22.48 -11.47
CA VAL A 152 -22.34 -22.48 -11.41
C VAL A 152 -22.88 -23.27 -12.61
N GLU A 153 -22.32 -23.01 -13.79
CA GLU A 153 -22.71 -23.69 -15.04
C GLU A 153 -22.55 -25.22 -14.96
N PHE A 154 -21.35 -25.68 -14.60
CA PHE A 154 -21.04 -27.11 -14.52
C PHE A 154 -21.81 -27.85 -13.43
N LEU A 155 -22.01 -27.22 -12.28
CA LEU A 155 -22.78 -27.84 -11.20
C LEU A 155 -24.27 -27.99 -11.56
N GLU A 156 -24.85 -26.95 -12.16
CA GLU A 156 -26.23 -26.99 -12.63
C GLU A 156 -26.44 -28.02 -13.75
N ASP A 157 -25.45 -28.13 -14.64
CA ASP A 157 -25.39 -29.17 -15.68
C ASP A 157 -25.47 -30.58 -15.12
N HIS A 158 -24.92 -30.79 -13.93
CA HIS A 158 -25.02 -32.09 -13.24
C HIS A 158 -26.25 -32.20 -12.35
N GLY A 159 -27.14 -31.21 -12.41
CA GLY A 159 -28.40 -31.21 -11.65
C GLY A 159 -28.27 -30.89 -10.17
N TYR A 160 -27.24 -30.13 -9.80
CA TYR A 160 -27.12 -29.67 -8.43
C TYR A 160 -27.94 -28.41 -8.24
N MET A 161 -28.62 -28.35 -7.11
CA MET A 161 -29.13 -27.09 -6.57
C MET A 161 -27.89 -26.31 -6.16
N VAL A 162 -27.84 -25.01 -6.49
CA VAL A 162 -26.65 -24.20 -6.26
C VAL A 162 -27.01 -22.92 -5.55
N GLU A 163 -26.31 -22.61 -4.46
CA GLU A 163 -26.43 -21.31 -3.80
C GLU A 163 -25.10 -20.59 -3.95
N VAL A 164 -25.14 -19.28 -4.19
CA VAL A 164 -23.93 -18.46 -4.20
C VAL A 164 -24.05 -17.40 -3.14
N ALA A 165 -23.10 -17.37 -2.20
CA ALA A 165 -23.08 -16.33 -1.18
C ALA A 165 -21.85 -15.47 -1.45
N CYS A 166 -22.06 -14.19 -1.65
CA CYS A 166 -20.94 -13.28 -1.77
C CYS A 166 -20.69 -12.63 -0.42
N VAL A 167 -19.52 -12.89 0.13
CA VAL A 167 -19.18 -12.43 1.48
C VAL A 167 -18.16 -11.29 1.38
N ASN A 168 -18.55 -10.11 1.85
CA ASN A 168 -17.65 -8.97 1.97
C ASN A 168 -17.33 -8.75 3.45
N VAL A 169 -16.05 -8.56 3.75
CA VAL A 169 -15.60 -8.34 5.11
C VAL A 169 -14.71 -7.11 5.12
N ALA A 170 -15.01 -6.17 6.02
CA ALA A 170 -14.12 -5.05 6.29
C ALA A 170 -13.85 -4.95 7.79
N LYS A 171 -12.60 -4.70 8.16
CA LYS A 171 -12.16 -4.77 9.57
C LYS A 171 -11.31 -3.60 10.00
N THR A 172 -11.50 -3.18 11.26
CA THR A 172 -10.61 -2.24 11.94
C THR A 172 -9.68 -3.04 12.85
N LYS A 173 -8.39 -2.72 12.79
CA LYS A 173 -7.32 -3.43 13.51
C LYS A 173 -7.45 -3.38 15.04
N GLU A 177 -7.50 3.68 18.26
CA GLU A 177 -6.25 3.80 17.52
C GLU A 177 -6.29 4.95 16.53
N TYR A 178 -6.39 4.67 15.24
CA TYR A 178 -7.47 5.22 14.45
C TYR A 178 -8.07 4.18 13.55
N LYS A 179 -9.34 3.95 13.74
CA LYS A 179 -9.90 2.72 13.30
C LYS A 179 -10.48 2.85 11.91
N MET A 180 -9.64 2.71 10.88
CA MET A 180 -10.12 2.72 9.49
C MET A 180 -10.51 1.31 9.03
N PHE A 181 -11.69 1.19 8.44
CA PHE A 181 -12.15 -0.10 7.91
C PHE A 181 -11.36 -0.45 6.67
N GLU A 182 -10.68 -1.58 6.68
CA GLU A 182 -10.07 -2.12 5.49
C GLU A 182 -10.80 -3.33 4.96
N SER A 183 -11.09 -3.31 3.66
CA SER A 183 -11.86 -4.39 3.04
C SER A 183 -10.95 -5.49 2.50
N HIS A 184 -11.37 -6.73 2.71
CA HIS A 184 -10.85 -7.86 1.95
C HIS A 184 -11.54 -7.83 0.60
N ASN A 185 -10.95 -8.49 -0.39
CA ASN A 185 -11.66 -8.72 -1.66
C ASN A 185 -12.86 -9.63 -1.45
N PRO A 186 -13.94 -9.51 -2.28
CA PRO A 186 -15.10 -10.39 -2.07
C PRO A 186 -14.77 -11.85 -2.41
N VAL A 187 -15.38 -12.77 -1.67
CA VAL A 187 -15.29 -14.20 -1.93
C VAL A 187 -16.70 -14.74 -2.19
N TYR A 188 -16.84 -15.45 -3.31
CA TYR A 188 -18.09 -16.08 -3.67
C TYR A 188 -18.01 -17.54 -3.19
N ILE A 189 -18.80 -17.86 -2.18
CA ILE A 189 -18.87 -19.22 -1.61
C ILE A 189 -20.05 -19.89 -2.27
N ILE A 190 -19.73 -20.87 -3.10
CA ILE A 190 -20.71 -21.57 -3.92
C ILE A 190 -20.96 -22.93 -3.30
N THR A 191 -22.22 -23.20 -2.97
CA THR A 191 -22.59 -24.43 -2.28
C THR A 191 -23.54 -25.22 -3.18
N ALA A 192 -23.22 -26.49 -3.41
CA ALA A 192 -24.02 -27.37 -4.28
C ALA A 192 -24.44 -28.69 -3.61
N TRP A 193 -25.69 -29.09 -3.81
CA TRP A 193 -26.18 -30.36 -3.27
C TRP A 193 -27.29 -30.92 -4.16
N LYS A 194 -27.65 -32.19 -3.92
CA LYS A 194 -28.84 -32.80 -4.53
C LYS A 194 -30.04 -32.66 -3.58
N SER A 195 -31.15 -32.15 -4.09
CA SER A 195 -32.28 -31.73 -3.24
C SER A 195 -33.06 -32.89 -2.61
N ALA B 4 1.28 4.06 -30.80
CA ALA B 4 2.32 4.11 -29.75
C ALA B 4 3.60 3.40 -30.19
N GLN B 5 4.72 4.13 -30.15
CA GLN B 5 6.05 3.54 -30.31
C GLN B 5 6.64 3.37 -28.91
N TYR B 6 7.41 2.30 -28.71
CA TYR B 6 8.00 2.00 -27.41
C TYR B 6 9.52 1.95 -27.51
N PRO B 7 10.24 2.35 -26.43
CA PRO B 7 11.68 2.32 -26.55
C PRO B 7 12.29 0.92 -26.46
N VAL B 8 13.54 0.78 -26.89
CA VAL B 8 14.26 -0.51 -26.84
C VAL B 8 14.32 -1.00 -25.38
N ILE B 9 14.69 -0.09 -24.48
CA ILE B 9 14.63 -0.34 -23.04
C ILE B 9 14.07 0.92 -22.41
N GLY B 10 13.51 0.77 -21.21
CA GLY B 10 12.98 1.93 -20.50
C GLY B 10 11.50 2.18 -20.76
N ILE B 11 10.77 1.14 -21.12
CA ILE B 11 9.30 1.19 -21.22
C ILE B 11 8.74 1.55 -19.83
N ASP B 12 7.87 2.56 -19.78
CA ASP B 12 7.24 2.98 -18.52
CA ASP B 12 7.24 2.98 -18.52
C ASP B 12 6.51 1.83 -17.83
N ASP B 13 6.68 1.73 -16.51
CA ASP B 13 6.06 0.69 -15.70
C ASP B 13 4.54 0.61 -15.86
N ASP B 14 3.91 1.77 -16.02
CA ASP B 14 2.44 1.87 -16.21
C ASP B 14 1.91 1.25 -17.51
N GLU B 15 2.82 1.01 -18.48
CA GLU B 15 2.44 0.43 -19.76
C GLU B 15 2.26 -1.09 -19.70
N PHE B 16 2.74 -1.69 -18.61
CA PHE B 16 2.65 -3.14 -18.42
C PHE B 16 1.42 -3.49 -17.60
N ALA B 17 0.68 -4.51 -18.03
CA ALA B 17 -0.34 -5.12 -17.18
C ALA B 17 0.40 -5.74 -15.99
N THR B 18 0.12 -5.24 -14.78
CA THR B 18 0.84 -5.69 -13.58
C THR B 18 0.04 -5.51 -12.29
N ALA B 19 0.62 -5.96 -11.17
CA ALA B 19 0.04 -5.76 -9.85
C ALA B 19 0.96 -4.90 -8.99
N LYS B 20 0.46 -4.49 -7.82
CA LYS B 20 1.25 -3.78 -6.80
C LYS B 20 2.47 -4.59 -6.38
N LYS B 21 3.64 -3.94 -6.44
CA LYS B 21 4.93 -4.53 -6.03
C LYS B 21 5.44 -5.71 -6.85
N LEU B 22 4.77 -5.98 -7.98
CA LEU B 22 5.13 -7.12 -8.82
C LEU B 22 6.21 -6.76 -9.84
N ILE B 23 6.03 -5.63 -10.51
CA ILE B 23 6.89 -5.29 -11.64
C ILE B 23 8.35 -5.06 -11.19
N THR B 24 9.28 -5.63 -11.95
CA THR B 24 10.67 -5.20 -11.84
C THR B 24 10.65 -3.79 -12.43
N LYS B 25 10.73 -2.79 -11.56
CA LYS B 25 10.58 -1.38 -11.98
C LYS B 25 11.68 -0.90 -12.93
N GLN B 26 11.36 0.12 -13.74
CA GLN B 26 12.13 0.56 -14.93
C GLN B 26 13.65 0.72 -14.75
N GLU B 27 14.04 1.45 -13.72
CA GLU B 27 15.45 1.74 -13.46
C GLU B 27 16.24 0.49 -13.08
N VAL B 28 15.66 -0.30 -12.19
CA VAL B 28 16.27 -1.57 -11.77
C VAL B 28 16.22 -2.59 -12.88
N ARG B 29 15.15 -2.55 -13.68
CA ARG B 29 15.09 -3.37 -14.89
C ARG B 29 16.29 -3.10 -15.79
N ALA B 30 16.61 -1.83 -16.02
CA ALA B 30 17.75 -1.44 -16.87
C ALA B 30 19.09 -1.97 -16.30
N VAL B 31 19.31 -1.77 -15.00
CA VAL B 31 20.52 -2.29 -14.31
C VAL B 31 20.57 -3.81 -14.41
N THR B 32 19.44 -4.47 -14.18
CA THR B 32 19.35 -5.93 -14.33
C THR B 32 19.73 -6.44 -15.73
N LEU B 33 19.19 -5.79 -16.77
CA LEU B 33 19.56 -6.18 -18.15
C LEU B 33 21.06 -5.97 -18.39
N SER B 34 21.58 -4.86 -17.86
CA SER B 34 23.02 -4.58 -17.95
C SER B 34 23.89 -5.65 -17.27
N LYS B 35 23.45 -6.12 -16.11
CA LYS B 35 24.16 -7.17 -15.37
C LYS B 35 24.07 -8.50 -16.08
N LEU B 36 22.99 -8.71 -16.84
CA LEU B 36 22.81 -9.97 -17.58
C LEU B 36 23.76 -10.14 -18.76
N ARG B 37 24.46 -9.08 -19.15
CA ARG B 37 25.49 -9.12 -20.20
C ARG B 37 25.00 -9.80 -21.47
N LEU B 38 23.88 -9.30 -21.97
CA LEU B 38 23.20 -9.88 -23.10
C LEU B 38 23.91 -9.58 -24.41
N GLN B 39 23.88 -10.55 -25.31
CA GLN B 39 24.27 -10.32 -26.69
C GLN B 39 23.28 -11.09 -27.54
N ASP B 40 23.23 -10.82 -28.83
CA ASP B 40 22.22 -11.46 -29.67
C ASP B 40 22.44 -12.98 -29.73
N ASP B 41 21.38 -13.72 -30.06
CA ASP B 41 21.43 -15.17 -30.31
C ASP B 41 21.48 -16.07 -29.07
N LEU B 42 21.50 -15.49 -27.87
CA LEU B 42 21.58 -16.30 -26.64
C LEU B 42 20.22 -16.90 -26.24
N VAL B 43 20.27 -18.03 -25.54
CA VAL B 43 19.09 -18.59 -24.86
C VAL B 43 19.03 -17.99 -23.45
N MET B 44 17.88 -17.40 -23.12
CA MET B 44 17.62 -16.86 -21.78
C MET B 44 16.42 -17.52 -21.11
N TRP B 45 16.52 -17.71 -19.78
CA TRP B 45 15.40 -18.14 -18.94
C TRP B 45 15.04 -17.03 -17.99
N ASP B 46 13.75 -16.70 -17.91
CA ASP B 46 13.24 -15.76 -16.92
C ASP B 46 12.29 -16.51 -15.96
N ILE B 47 12.80 -16.74 -14.75
CA ILE B 47 12.12 -17.58 -13.79
C ILE B 47 11.33 -16.73 -12.83
N GLY B 48 10.03 -17.05 -12.68
CA GLY B 48 9.10 -16.21 -11.95
C GLY B 48 8.98 -14.90 -12.70
N ALA B 49 8.54 -14.98 -13.96
CA ALA B 49 8.59 -13.86 -14.89
C ALA B 49 7.69 -12.67 -14.50
N GLY B 50 6.64 -12.93 -13.73
CA GLY B 50 5.81 -11.83 -13.17
C GLY B 50 4.94 -11.16 -14.23
N SER B 51 5.28 -9.92 -14.59
CA SER B 51 4.67 -9.28 -15.78
C SER B 51 5.44 -9.46 -17.10
N ALA B 52 6.58 -10.16 -17.01
CA ALA B 52 7.50 -10.41 -18.12
C ALA B 52 8.20 -9.17 -18.67
N SER B 53 8.26 -8.09 -17.89
CA SER B 53 8.90 -6.84 -18.34
C SER B 53 10.41 -7.01 -18.60
N VAL B 54 11.04 -7.89 -17.83
CA VAL B 54 12.46 -8.18 -18.01
C VAL B 54 12.67 -8.94 -19.32
N SER B 55 11.84 -9.96 -19.54
CA SER B 55 11.87 -10.75 -20.78
C SER B 55 11.56 -9.91 -22.02
N ILE B 56 10.62 -8.99 -21.89
CA ILE B 56 10.22 -8.13 -23.01
C ILE B 56 11.35 -7.20 -23.43
N GLU B 57 11.98 -6.52 -22.48
CA GLU B 57 13.08 -5.65 -22.82
C GLU B 57 14.35 -6.42 -23.22
N ALA B 58 14.56 -7.60 -22.61
CA ALA B 58 15.63 -8.50 -23.07
C ALA B 58 15.41 -8.94 -24.53
N SER B 59 14.15 -9.18 -24.89
CA SER B 59 13.82 -9.58 -26.25
CA SER B 59 13.79 -9.57 -26.25
C SER B 59 14.21 -8.49 -27.27
N ASN B 60 14.10 -7.22 -26.87
CA ASN B 60 14.52 -6.12 -27.72
C ASN B 60 16.04 -6.07 -27.94
N LEU B 61 16.78 -6.55 -26.94
CA LEU B 61 18.23 -6.52 -26.98
C LEU B 61 18.77 -7.73 -27.72
N MET B 62 17.96 -8.78 -27.80
CA MET B 62 18.38 -10.01 -28.44
C MET B 62 17.31 -10.41 -29.45
N PRO B 63 17.22 -9.69 -30.59
CA PRO B 63 16.14 -9.98 -31.55
C PRO B 63 16.17 -11.40 -32.11
N ASN B 64 17.36 -11.98 -32.19
CA ASN B 64 17.52 -13.35 -32.68
C ASN B 64 17.82 -14.34 -31.56
N GLY B 65 17.75 -13.85 -30.32
CA GLY B 65 17.83 -14.71 -29.15
C GLY B 65 16.51 -15.39 -28.85
N ARG B 66 16.52 -16.33 -27.90
CA ARG B 66 15.32 -17.03 -27.49
C ARG B 66 15.16 -16.88 -26.00
N ILE B 67 13.97 -16.46 -25.57
CA ILE B 67 13.70 -16.17 -24.18
C ILE B 67 12.53 -17.05 -23.73
N PHE B 68 12.68 -17.73 -22.60
CA PHE B 68 11.64 -18.58 -22.04
C PHE B 68 11.25 -18.02 -20.69
N ALA B 69 10.00 -17.57 -20.59
CA ALA B 69 9.50 -16.88 -19.43
C ALA B 69 8.63 -17.88 -18.67
N LEU B 70 9.03 -18.19 -17.43
CA LEU B 70 8.35 -19.18 -16.60
C LEU B 70 7.53 -18.50 -15.53
N GLU B 71 6.26 -18.89 -15.46
CA GLU B 71 5.34 -18.37 -14.48
C GLU B 71 4.21 -19.39 -14.36
N ARG B 72 3.62 -19.50 -13.17
CA ARG B 72 2.41 -20.32 -13.07
C ARG B 72 1.28 -19.70 -12.24
N ASN B 73 1.53 -18.53 -11.63
CA ASN B 73 0.46 -17.77 -11.00
C ASN B 73 -0.55 -17.36 -12.06
N PRO B 74 -1.82 -17.81 -11.91
CA PRO B 74 -2.82 -17.64 -12.97
C PRO B 74 -3.04 -16.17 -13.34
N GLN B 75 -3.06 -15.30 -12.34
CA GLN B 75 -3.19 -13.86 -12.58
C GLN B 75 -1.99 -13.32 -13.34
N TYR B 76 -0.79 -13.76 -12.94
CA TYR B 76 0.42 -13.25 -13.58
C TYR B 76 0.53 -13.74 -15.03
N LEU B 77 0.11 -14.97 -15.28
CA LEU B 77 0.03 -15.50 -16.67
C LEU B 77 -0.87 -14.65 -17.56
N GLY B 78 -1.95 -14.13 -16.97
CA GLY B 78 -2.83 -13.20 -17.64
C GLY B 78 -2.11 -11.92 -18.01
N PHE B 79 -1.33 -11.37 -17.07
CA PHE B 79 -0.50 -10.19 -17.32
C PHE B 79 0.47 -10.45 -18.47
N ILE B 80 1.18 -11.58 -18.39
CA ILE B 80 2.19 -11.94 -19.38
C ILE B 80 1.59 -12.07 -20.80
N ARG B 81 0.55 -12.87 -20.95
CA ARG B 81 -0.14 -13.04 -22.23
C ARG B 81 -0.52 -11.68 -22.85
N ASP B 82 -1.12 -10.82 -22.04
CA ASP B 82 -1.47 -9.45 -22.44
C ASP B 82 -0.29 -8.63 -22.88
N ASN B 83 0.78 -8.68 -22.09
CA ASN B 83 1.99 -7.91 -22.35
C ASN B 83 2.75 -8.37 -23.59
N LEU B 84 2.84 -9.69 -23.79
CA LEU B 84 3.52 -10.21 -24.97
C LEU B 84 2.79 -9.78 -26.24
N LYS B 85 1.47 -9.84 -26.19
CA LYS B 85 0.62 -9.38 -27.27
C LYS B 85 0.82 -7.88 -27.53
N LYS B 86 0.78 -7.08 -26.47
CA LYS B 86 0.95 -5.62 -26.56
C LYS B 86 2.30 -5.19 -27.15
N PHE B 87 3.39 -5.84 -26.72
CA PHE B 87 4.74 -5.38 -27.08
C PHE B 87 5.40 -6.09 -28.26
N VAL B 88 4.67 -7.03 -28.86
CA VAL B 88 5.17 -7.91 -29.92
C VAL B 88 6.56 -8.46 -29.57
N ALA B 89 6.61 -9.21 -28.47
CA ALA B 89 7.83 -9.86 -28.02
C ALA B 89 7.79 -11.31 -28.52
N ARG B 90 8.06 -11.44 -29.82
CA ARG B 90 7.86 -12.65 -30.59
C ARG B 90 8.80 -13.80 -30.21
N ASN B 91 10.00 -13.47 -29.74
CA ASN B 91 10.97 -14.49 -29.37
C ASN B 91 10.90 -14.88 -27.89
N VAL B 92 9.83 -14.45 -27.21
CA VAL B 92 9.51 -14.88 -25.84
C VAL B 92 8.49 -16.00 -25.89
N THR B 93 8.81 -17.11 -25.22
CA THR B 93 7.92 -18.23 -25.10
C THR B 93 7.48 -18.31 -23.65
N LEU B 94 6.17 -18.21 -23.44
CA LEU B 94 5.61 -18.39 -22.11
C LEU B 94 5.54 -19.87 -21.72
N VAL B 95 6.14 -20.18 -20.58
CA VAL B 95 6.11 -21.54 -20.05
C VAL B 95 5.34 -21.53 -18.75
N GLU B 96 4.29 -22.35 -18.70
CA GLU B 96 3.42 -22.41 -17.54
C GLU B 96 3.99 -23.42 -16.54
N ALA B 97 4.83 -22.93 -15.63
CA ALA B 97 5.54 -23.78 -14.67
C ALA B 97 6.05 -23.00 -13.46
N PHE B 98 6.04 -23.65 -12.30
CA PHE B 98 6.79 -23.18 -11.12
C PHE B 98 8.13 -23.92 -11.12
N ALA B 99 9.20 -23.21 -11.46
CA ALA B 99 10.55 -23.78 -11.46
C ALA B 99 10.92 -24.41 -10.10
N PRO B 100 11.69 -25.52 -10.08
CA PRO B 100 12.47 -26.17 -11.13
C PRO B 100 11.70 -27.08 -12.10
N GLU B 101 10.39 -27.25 -11.87
CA GLU B 101 9.55 -27.98 -12.82
CA GLU B 101 9.52 -27.96 -12.82
C GLU B 101 9.46 -27.19 -14.14
N GLY B 102 9.48 -27.91 -15.26
CA GLY B 102 9.36 -27.32 -16.58
C GLY B 102 10.64 -26.75 -17.15
N LEU B 103 11.77 -27.13 -16.55
CA LEU B 103 13.09 -26.69 -17.04
C LEU B 103 13.70 -27.71 -17.98
N ASP B 104 13.23 -28.94 -17.92
CA ASP B 104 13.88 -30.03 -18.61
C ASP B 104 13.68 -29.98 -20.10
N ASP B 105 12.51 -29.56 -20.51
CA ASP B 105 12.14 -29.47 -21.92
C ASP B 105 12.76 -28.27 -22.63
N LEU B 106 13.26 -27.32 -21.85
CA LEU B 106 13.85 -26.08 -22.38
C LEU B 106 15.28 -26.33 -22.88
N PRO B 107 15.74 -25.51 -23.86
CA PRO B 107 17.15 -25.62 -24.25
C PRO B 107 18.06 -25.05 -23.17
N ASP B 108 19.32 -25.48 -23.17
CA ASP B 108 20.33 -25.03 -22.24
C ASP B 108 20.47 -23.52 -22.31
N PRO B 109 20.47 -22.83 -21.15
CA PRO B 109 20.51 -21.37 -21.14
C PRO B 109 21.91 -20.74 -21.04
N ASP B 110 22.08 -19.61 -21.72
CA ASP B 110 23.29 -18.81 -21.56
C ASP B 110 23.11 -17.87 -20.40
N ARG B 111 21.84 -17.51 -20.17
CA ARG B 111 21.50 -16.45 -19.23
C ARG B 111 20.27 -16.85 -18.46
N VAL B 112 20.28 -16.61 -17.14
CA VAL B 112 19.13 -16.93 -16.32
C VAL B 112 18.87 -15.75 -15.41
N PHE B 113 17.67 -15.18 -15.51
CA PHE B 113 17.22 -14.21 -14.53
C PHE B 113 16.23 -14.91 -13.61
N ILE B 114 16.45 -14.76 -12.30
CA ILE B 114 15.52 -15.33 -11.32
C ILE B 114 14.77 -14.21 -10.63
N GLY B 115 13.54 -13.95 -11.07
CA GLY B 115 12.76 -12.85 -10.51
C GLY B 115 11.81 -13.25 -9.40
N GLY B 116 11.47 -14.54 -9.35
CA GLY B 116 10.59 -15.05 -8.32
C GLY B 116 10.84 -16.53 -8.17
N SER B 117 11.14 -16.96 -6.95
CA SER B 117 11.48 -18.36 -6.71
C SER B 117 10.32 -19.21 -6.20
N GLY B 118 9.27 -18.55 -5.71
CA GLY B 118 8.12 -19.21 -5.12
C GLY B 118 8.52 -20.26 -4.09
N GLY B 119 9.41 -19.87 -3.18
CA GLY B 119 9.86 -20.74 -2.09
C GLY B 119 10.76 -21.89 -2.51
N MET B 120 11.21 -21.88 -3.77
CA MET B 120 12.01 -22.97 -4.30
C MET B 120 13.44 -22.53 -4.70
N LEU B 121 13.99 -21.54 -3.99
CA LEU B 121 15.27 -20.94 -4.36
C LEU B 121 16.41 -21.94 -4.50
N GLU B 122 16.61 -22.77 -3.46
CA GLU B 122 17.73 -23.71 -3.45
C GLU B 122 17.62 -24.68 -4.61
N GLU B 123 16.40 -25.17 -4.82
CA GLU B 123 16.14 -26.16 -5.85
C GLU B 123 16.29 -25.58 -7.26
N ILE B 124 15.94 -24.30 -7.42
CA ILE B 124 16.12 -23.60 -8.69
C ILE B 124 17.59 -23.36 -8.99
N ILE B 125 18.33 -22.84 -8.03
CA ILE B 125 19.77 -22.60 -8.20
C ILE B 125 20.49 -23.91 -8.57
N ASP B 126 20.15 -24.98 -7.85
CA ASP B 126 20.72 -26.30 -8.12
C ASP B 126 20.40 -26.76 -9.55
N ALA B 127 19.14 -26.61 -9.96
CA ALA B 127 18.71 -26.99 -11.31
C ALA B 127 19.37 -26.14 -12.40
N VAL B 128 19.45 -24.83 -12.18
CA VAL B 128 20.06 -23.92 -13.14
C VAL B 128 21.55 -24.21 -13.30
N ASP B 129 22.24 -24.38 -12.18
CA ASP B 129 23.68 -24.71 -12.18
C ASP B 129 24.03 -25.92 -13.05
N ARG B 130 23.18 -26.95 -13.01
CA ARG B 130 23.39 -28.16 -13.82
C ARG B 130 23.20 -27.93 -15.30
N ARG B 131 22.49 -26.85 -15.66
CA ARG B 131 22.13 -26.58 -17.04
C ARG B 131 22.88 -25.44 -17.71
N LEU B 132 23.28 -24.44 -16.94
CA LEU B 132 23.90 -23.20 -17.44
C LEU B 132 25.11 -23.46 -18.34
N LYS B 133 25.13 -22.81 -19.49
CA LYS B 133 26.19 -23.00 -20.48
C LYS B 133 27.48 -22.32 -20.07
N SER B 134 28.57 -22.70 -20.72
CA SER B 134 29.87 -22.07 -20.55
C SER B 134 29.72 -20.57 -20.83
N GLU B 135 30.36 -19.78 -19.96
CA GLU B 135 30.30 -18.30 -19.99
C GLU B 135 28.93 -17.75 -19.58
N GLY B 136 28.15 -18.59 -18.91
CA GLY B 136 26.80 -18.24 -18.46
C GLY B 136 26.77 -17.19 -17.37
N VAL B 137 25.63 -16.51 -17.24
CA VAL B 137 25.44 -15.52 -16.18
C VAL B 137 24.06 -15.76 -15.56
N ILE B 138 24.01 -15.77 -14.22
CA ILE B 138 22.74 -15.85 -13.50
C ILE B 138 22.59 -14.53 -12.76
N VAL B 139 21.40 -13.93 -12.85
CA VAL B 139 21.11 -12.70 -12.11
C VAL B 139 19.83 -12.89 -11.32
N LEU B 140 19.83 -12.40 -10.08
CA LEU B 140 18.66 -12.46 -9.21
CA LEU B 140 18.68 -12.50 -9.20
C LEU B 140 18.42 -11.10 -8.60
N ASN B 141 17.16 -10.76 -8.41
CA ASN B 141 16.78 -9.54 -7.74
C ASN B 141 16.12 -9.91 -6.40
N ALA B 142 16.61 -9.35 -5.31
CA ALA B 142 16.14 -9.71 -3.97
C ALA B 142 15.79 -8.45 -3.18
N VAL B 143 14.68 -8.50 -2.46
CA VAL B 143 14.23 -7.36 -1.65
C VAL B 143 14.16 -7.75 -0.16
N THR B 144 14.22 -9.05 0.09
CA THR B 144 14.22 -9.56 1.45
C THR B 144 15.62 -10.04 1.84
N LEU B 145 15.95 -9.87 3.11
CA LEU B 145 17.18 -10.36 3.68
C LEU B 145 17.42 -11.86 3.50
N ASP B 146 16.37 -12.68 3.66
CA ASP B 146 16.50 -14.14 3.54
C ASP B 146 16.86 -14.57 2.14
N THR B 147 16.24 -13.94 1.14
CA THR B 147 16.59 -14.25 -0.24
C THR B 147 18.04 -13.85 -0.56
N LEU B 148 18.41 -12.62 -0.19
CA LEU B 148 19.78 -12.13 -0.35
C LEU B 148 20.82 -13.09 0.25
N THR B 149 20.55 -13.53 1.49
CA THR B 149 21.41 -14.46 2.23
C THR B 149 21.57 -15.80 1.53
N LYS B 150 20.44 -16.44 1.23
CA LYS B 150 20.46 -17.79 0.69
C LYS B 150 21.00 -17.80 -0.73
N ALA B 151 20.63 -16.80 -1.54
CA ALA B 151 21.10 -16.68 -2.92
C ALA B 151 22.62 -16.66 -2.96
N VAL B 152 23.23 -15.77 -2.18
CA VAL B 152 24.70 -15.68 -2.13
C VAL B 152 25.27 -17.02 -1.64
N GLU B 153 24.73 -17.55 -0.55
CA GLU B 153 25.16 -18.85 0.00
C GLU B 153 25.16 -19.95 -1.05
N PHE B 154 23.99 -20.21 -1.66
CA PHE B 154 23.87 -21.26 -2.66
C PHE B 154 24.74 -21.03 -3.90
N LEU B 155 24.78 -19.81 -4.41
CA LEU B 155 25.62 -19.56 -5.60
C LEU B 155 27.11 -19.78 -5.33
N GLU B 156 27.60 -19.24 -4.21
CA GLU B 156 28.99 -19.47 -3.81
C GLU B 156 29.29 -20.97 -3.60
N ASP B 157 28.35 -21.70 -3.00
CA ASP B 157 28.44 -23.16 -2.84
C ASP B 157 28.62 -23.95 -4.14
N HIS B 158 28.16 -23.38 -5.25
CA HIS B 158 28.29 -24.01 -6.57
CA HIS B 158 28.31 -24.02 -6.56
C HIS B 158 29.53 -23.53 -7.34
N GLY B 159 30.33 -22.69 -6.70
CA GLY B 159 31.56 -22.18 -7.31
C GLY B 159 31.44 -20.94 -8.18
N TYR B 160 30.40 -20.15 -7.97
CA TYR B 160 30.23 -18.88 -8.72
C TYR B 160 30.94 -17.75 -8.00
N MET B 161 31.56 -16.85 -8.77
CA MET B 161 31.86 -15.49 -8.31
C MET B 161 30.54 -14.71 -8.18
N VAL B 162 30.38 -13.94 -7.10
CA VAL B 162 29.09 -13.30 -6.83
C VAL B 162 29.30 -11.83 -6.53
N GLU B 163 28.62 -10.97 -7.29
CA GLU B 163 28.58 -9.55 -7.00
C GLU B 163 27.19 -9.22 -6.51
N VAL B 164 27.11 -8.45 -5.42
CA VAL B 164 25.82 -7.95 -4.98
C VAL B 164 25.82 -6.44 -5.12
N ALA B 165 24.88 -5.92 -5.90
CA ALA B 165 24.71 -4.48 -6.00
C ALA B 165 23.36 -4.05 -5.43
N CYS B 166 23.39 -3.24 -4.38
CA CYS B 166 22.19 -2.71 -3.78
C CYS B 166 21.82 -1.38 -4.43
N VAL B 167 20.75 -1.37 -5.22
CA VAL B 167 20.33 -0.12 -5.89
C VAL B 167 19.18 0.59 -5.15
N ASN B 168 19.41 1.83 -4.76
CA ASN B 168 18.38 2.64 -4.19
C ASN B 168 18.00 3.78 -5.14
N VAL B 169 16.72 3.84 -5.51
CA VAL B 169 16.21 4.90 -6.39
C VAL B 169 15.16 5.76 -5.69
N ALA B 170 15.35 7.07 -5.69
CA ALA B 170 14.33 8.01 -5.22
C ALA B 170 14.01 8.91 -6.40
N LYS B 171 12.73 9.15 -6.66
CA LYS B 171 12.41 10.09 -7.73
C LYS B 171 11.24 11.02 -7.45
N THR B 172 11.34 12.20 -8.05
CA THR B 172 10.23 13.17 -8.07
C THR B 172 9.28 12.79 -9.21
N LYS B 173 8.14 13.49 -9.26
CA LYS B 173 7.24 13.42 -10.41
C LYS B 173 7.63 14.48 -11.44
N GLY B 174 6.98 14.43 -12.61
CA GLY B 174 7.23 15.37 -13.69
C GLY B 174 6.67 16.77 -13.45
N LEU B 175 5.62 16.86 -12.63
CA LEU B 175 4.95 18.12 -12.29
C LEU B 175 5.83 19.05 -11.43
N THR B 176 5.57 20.36 -11.52
CA THR B 176 6.45 21.40 -10.97
C THR B 176 6.32 21.66 -9.46
N GLU B 177 5.09 21.74 -8.96
CA GLU B 177 4.88 22.07 -7.54
C GLU B 177 5.15 20.87 -6.63
N TYR B 178 5.82 21.17 -5.51
CA TYR B 178 6.19 20.20 -4.47
C TYR B 178 6.90 18.97 -5.05
N LYS B 179 8.13 19.16 -5.52
CA LYS B 179 8.88 18.06 -6.10
C LYS B 179 9.55 17.28 -4.99
N MET B 180 8.81 16.34 -4.40
CA MET B 180 9.32 15.52 -3.30
C MET B 180 9.94 14.26 -3.88
N PHE B 181 11.12 13.89 -3.37
CA PHE B 181 11.76 12.63 -3.75
C PHE B 181 11.04 11.49 -3.04
N GLU B 182 10.53 10.55 -3.82
CA GLU B 182 9.91 9.35 -3.27
C GLU B 182 10.75 8.12 -3.58
N SER B 183 11.10 7.40 -2.52
CA SER B 183 12.00 6.26 -2.62
C SER B 183 11.25 5.01 -2.98
N HIS B 184 11.84 4.25 -3.91
CA HIS B 184 11.53 2.84 -4.04
C HIS B 184 12.29 2.11 -2.92
N ASN B 185 11.80 0.92 -2.57
CA ASN B 185 12.52 0.00 -1.70
C ASN B 185 13.82 -0.49 -2.38
N PRO B 186 14.88 -0.77 -1.58
CA PRO B 186 16.15 -1.19 -2.16
C PRO B 186 15.96 -2.49 -2.90
N VAL B 187 16.71 -2.65 -3.98
CA VAL B 187 16.74 -3.91 -4.69
C VAL B 187 18.18 -4.40 -4.70
N TYR B 188 18.37 -5.65 -4.30
CA TYR B 188 19.69 -6.27 -4.31
C TYR B 188 19.80 -7.10 -5.56
N ILE B 189 20.61 -6.60 -6.48
CA ILE B 189 20.84 -7.28 -7.74
C ILE B 189 22.08 -8.12 -7.60
N ILE B 190 21.89 -9.42 -7.71
CA ILE B 190 22.93 -10.41 -7.42
C ILE B 190 23.32 -11.03 -8.75
N THR B 191 24.58 -10.88 -9.13
CA THR B 191 25.06 -11.37 -10.41
C THR B 191 26.10 -12.43 -10.11
N ALA B 192 25.96 -13.57 -10.77
CA ALA B 192 26.82 -14.73 -10.56
C ALA B 192 27.34 -15.25 -11.88
N TRP B 193 28.61 -15.61 -11.89
CA TRP B 193 29.25 -16.20 -13.05
C TRP B 193 30.46 -17.00 -12.58
N LYS B 194 30.95 -17.92 -13.41
CA LYS B 194 32.15 -18.69 -13.09
C LYS B 194 33.41 -18.07 -13.70
N SER B 195 34.32 -17.63 -12.83
CA SER B 195 35.60 -16.97 -13.18
C SER B 195 35.45 -15.72 -14.04
N ALA C 4 30.48 -12.48 -30.39
CA ALA C 4 30.80 -11.12 -29.86
C ALA C 4 31.56 -11.19 -28.54
N GLN C 5 32.43 -10.20 -28.32
CA GLN C 5 33.21 -10.11 -27.08
C GLN C 5 32.48 -9.37 -25.97
N TYR C 6 31.82 -8.28 -26.34
CA TYR C 6 31.22 -7.38 -25.37
C TYR C 6 29.70 -7.47 -25.44
N PRO C 7 29.01 -7.19 -24.32
CA PRO C 7 27.55 -7.21 -24.37
C PRO C 7 26.96 -5.96 -25.02
N VAL C 8 25.66 -6.03 -25.34
CA VAL C 8 24.93 -4.91 -25.94
C VAL C 8 24.95 -3.70 -25.01
N ILE C 9 24.55 -3.92 -23.76
CA ILE C 9 24.76 -2.93 -22.71
C ILE C 9 25.39 -3.63 -21.51
N GLY C 10 26.02 -2.85 -20.62
CA GLY C 10 26.63 -3.43 -19.43
C GLY C 10 28.09 -3.78 -19.60
N ILE C 11 28.79 -3.02 -20.44
CA ILE C 11 30.22 -3.20 -20.62
C ILE C 11 30.90 -2.79 -19.30
N ASP C 12 31.77 -3.66 -18.81
CA ASP C 12 32.50 -3.41 -17.57
C ASP C 12 33.27 -2.10 -17.69
N ASP C 13 33.17 -1.26 -16.65
CA ASP C 13 33.84 0.03 -16.60
C ASP C 13 35.35 -0.01 -16.81
N ASP C 14 35.98 -1.11 -16.40
CA ASP C 14 37.43 -1.26 -16.57
C ASP C 14 37.85 -1.55 -18.01
N GLU C 15 36.88 -1.89 -18.87
CA GLU C 15 37.17 -2.04 -20.30
C GLU C 15 37.28 -0.71 -21.06
N PHE C 16 36.90 0.40 -20.42
CA PHE C 16 36.98 1.70 -21.08
C PHE C 16 38.26 2.43 -20.68
N ALA C 17 38.92 3.02 -21.67
CA ALA C 17 39.97 3.99 -21.39
C ALA C 17 39.29 5.17 -20.72
N THR C 18 39.75 5.49 -19.51
CA THR C 18 39.12 6.52 -18.70
C THR C 18 40.04 7.09 -17.62
N ALA C 19 39.54 8.08 -16.89
CA ALA C 19 40.27 8.69 -15.79
C ALA C 19 39.45 8.55 -14.52
N LYS C 20 40.09 8.88 -13.39
CA LYS C 20 39.46 8.88 -12.08
C LYS C 20 38.26 9.83 -12.01
N LYS C 21 37.09 9.25 -11.73
CA LYS C 21 35.80 9.95 -11.57
C LYS C 21 35.15 10.48 -12.86
N LEU C 22 35.64 10.02 -14.02
CA LEU C 22 35.12 10.53 -15.29
C LEU C 22 34.00 9.68 -15.88
N ILE C 23 34.16 8.36 -15.86
CA ILE C 23 33.22 7.47 -16.51
C ILE C 23 31.82 7.56 -15.90
N THR C 24 30.80 7.46 -16.75
CA THR C 24 29.45 7.21 -16.30
C THR C 24 29.43 5.72 -16.03
N LYS C 25 29.36 5.38 -14.75
CA LYS C 25 29.55 3.99 -14.31
C LYS C 25 28.41 3.14 -14.77
N GLN C 26 28.71 1.86 -14.98
CA GLN C 26 27.85 0.89 -15.63
C GLN C 26 26.37 0.92 -15.23
N GLU C 27 26.10 0.95 -13.94
CA GLU C 27 24.72 0.86 -13.44
C GLU C 27 23.90 2.11 -13.78
N VAL C 28 24.47 3.26 -13.43
CA VAL C 28 23.90 4.57 -13.75
C VAL C 28 23.78 4.78 -15.28
N ARG C 29 24.76 4.27 -16.01
CA ARG C 29 24.75 4.31 -17.46
CA ARG C 29 24.77 4.30 -17.48
C ARG C 29 23.52 3.61 -18.04
N ALA C 30 23.23 2.41 -17.53
CA ALA C 30 22.05 1.62 -17.91
C ALA C 30 20.77 2.40 -17.63
N VAL C 31 20.67 3.00 -16.45
CA VAL C 31 19.51 3.81 -16.09
C VAL C 31 19.40 5.04 -17.02
N THR C 32 20.53 5.73 -17.20
CA THR C 32 20.63 6.84 -18.15
C THR C 32 20.12 6.46 -19.55
N LEU C 33 20.52 5.30 -20.07
CA LEU C 33 20.06 4.88 -21.40
C LEU C 33 18.55 4.54 -21.41
N SER C 34 18.05 3.94 -20.33
CA SER C 34 16.61 3.71 -20.19
C SER C 34 15.84 5.04 -20.14
N LYS C 35 16.41 6.04 -19.49
CA LYS C 35 15.76 7.35 -19.40
C LYS C 35 15.70 8.08 -20.77
N LEU C 36 16.67 7.77 -21.61
CA LEU C 36 16.80 8.40 -22.93
C LEU C 36 15.75 7.89 -23.93
N ARG C 37 15.06 6.80 -23.60
CA ARG C 37 13.90 6.34 -24.39
C ARG C 37 14.27 6.11 -25.86
N LEU C 38 15.34 5.35 -26.05
CA LEU C 38 15.96 5.20 -27.35
C LEU C 38 15.13 4.31 -28.26
N GLN C 39 15.08 4.66 -29.53
CA GLN C 39 14.56 3.75 -30.55
C GLN C 39 15.48 3.88 -31.73
N ASP C 40 15.48 2.90 -32.62
CA ASP C 40 16.41 2.94 -33.74
C ASP C 40 16.14 4.14 -34.65
N ASP C 41 17.16 4.55 -35.42
CA ASP C 41 17.09 5.63 -36.43
C ASP C 41 17.08 7.08 -35.92
N LEU C 42 17.22 7.27 -34.60
CA LEU C 42 17.25 8.62 -34.01
C LEU C 42 18.61 9.30 -34.09
N VAL C 43 18.60 10.63 -33.94
CA VAL C 43 19.81 11.43 -33.80
C VAL C 43 20.00 11.77 -32.33
N MET C 44 21.16 11.41 -31.79
CA MET C 44 21.49 11.68 -30.40
C MET C 44 22.76 12.53 -30.29
N TRP C 45 22.74 13.52 -29.39
CA TRP C 45 23.94 14.24 -29.02
C TRP C 45 24.40 13.76 -27.62
N ASP C 46 25.71 13.57 -27.46
CA ASP C 46 26.31 13.27 -26.15
C ASP C 46 27.30 14.38 -25.83
N ILE C 47 26.85 15.31 -25.01
CA ILE C 47 27.59 16.53 -24.71
C ILE C 47 28.49 16.37 -23.48
N GLY C 48 29.80 16.58 -23.69
CA GLY C 48 30.81 16.37 -22.67
C GLY C 48 30.92 14.88 -22.49
N ALA C 49 31.28 14.19 -23.58
CA ALA C 49 31.21 12.74 -23.66
C ALA C 49 32.15 11.97 -22.72
N GLY C 50 33.26 12.57 -22.32
CA GLY C 50 34.17 11.94 -21.35
C GLY C 50 34.93 10.77 -21.95
N SER C 51 34.56 9.55 -21.57
CA SER C 51 35.11 8.36 -22.24
C SER C 51 34.20 7.83 -23.35
N ALA C 52 33.07 8.51 -23.58
CA ALA C 52 32.04 8.10 -24.55
C ALA C 52 31.29 6.77 -24.24
N SER C 53 31.27 6.34 -22.99
CA SER C 53 30.64 5.05 -22.69
C SER C 53 29.13 5.09 -22.96
N VAL C 54 28.52 6.25 -22.74
CA VAL C 54 27.07 6.41 -22.95
C VAL C 54 26.80 6.36 -24.46
N SER C 55 27.63 7.06 -25.24
CA SER C 55 27.53 6.99 -26.71
C SER C 55 27.70 5.58 -27.23
N ILE C 56 28.72 4.89 -26.74
CA ILE C 56 29.04 3.53 -27.19
C ILE C 56 27.91 2.54 -26.94
N GLU C 57 27.33 2.54 -25.73
CA GLU C 57 26.20 1.64 -25.48
C GLU C 57 24.89 2.05 -26.18
N ALA C 58 24.63 3.36 -26.27
CA ALA C 58 23.52 3.91 -27.07
C ALA C 58 23.59 3.43 -28.51
N SER C 59 24.80 3.40 -29.06
CA SER C 59 25.04 2.97 -30.44
C SER C 59 24.71 1.50 -30.67
N ASN C 60 24.87 0.67 -29.63
CA ASN C 60 24.41 -0.72 -29.69
C ASN C 60 22.88 -0.81 -29.71
N LEU C 61 22.21 0.09 -28.97
CA LEU C 61 20.74 0.13 -28.91
C LEU C 61 20.10 0.70 -30.17
N MET C 62 20.82 1.60 -30.85
CA MET C 62 20.35 2.23 -32.09
C MET C 62 21.36 2.03 -33.23
N PRO C 63 21.45 0.81 -33.80
CA PRO C 63 22.47 0.54 -34.83
C PRO C 63 22.33 1.40 -36.12
N ASN C 64 21.12 1.86 -36.40
CA ASN C 64 20.83 2.72 -37.55
C ASN C 64 20.58 4.18 -37.17
N GLY C 65 20.72 4.47 -35.88
CA GLY C 65 20.75 5.85 -35.41
C GLY C 65 22.11 6.51 -35.60
N ARG C 66 22.20 7.78 -35.23
CA ARG C 66 23.45 8.53 -35.38
C ARG C 66 23.76 9.28 -34.09
N ILE C 67 24.94 9.03 -33.53
CA ILE C 67 25.29 9.63 -32.25
C ILE C 67 26.49 10.56 -32.42
N PHE C 68 26.37 11.79 -31.91
CA PHE C 68 27.45 12.75 -31.96
C PHE C 68 27.99 13.00 -30.57
N ALA C 69 29.24 12.62 -30.37
CA ALA C 69 29.88 12.76 -29.05
C ALA C 69 30.78 13.96 -29.03
N LEU C 70 30.47 14.93 -28.19
CA LEU C 70 31.22 16.17 -28.14
C LEU C 70 32.12 16.18 -26.93
N GLU C 71 33.39 16.51 -27.16
CA GLU C 71 34.36 16.62 -26.09
C GLU C 71 35.51 17.48 -26.60
N ARG C 72 36.13 18.27 -25.73
CA ARG C 72 37.35 18.97 -26.16
C ARG C 72 38.56 18.87 -25.22
N ASN C 73 38.42 18.12 -24.12
CA ASN C 73 39.58 17.86 -23.27
C ASN C 73 40.49 16.87 -24.02
N PRO C 74 41.76 17.27 -24.25
CA PRO C 74 42.74 16.51 -25.05
C PRO C 74 42.93 15.08 -24.56
N GLN C 75 43.00 14.91 -23.24
CA GLN C 75 43.15 13.59 -22.64
C GLN C 75 41.92 12.73 -22.91
N TYR C 76 40.73 13.32 -22.76
CA TYR C 76 39.49 12.56 -22.92
C TYR C 76 39.28 12.25 -24.38
N LEU C 77 39.70 13.17 -25.23
CA LEU C 77 39.68 12.94 -26.67
C LEU C 77 40.47 11.67 -27.00
N GLY C 78 41.64 11.53 -26.37
CA GLY C 78 42.42 10.31 -26.43
C GLY C 78 41.62 9.10 -25.99
N PHE C 79 40.98 9.19 -24.82
CA PHE C 79 40.14 8.06 -24.34
C PHE C 79 39.10 7.65 -25.37
N ILE C 80 38.37 8.63 -25.89
CA ILE C 80 37.26 8.38 -26.81
C ILE C 80 37.70 7.68 -28.09
N ARG C 81 38.78 8.15 -28.71
CA ARG C 81 39.29 7.54 -29.95
C ARG C 81 39.66 6.07 -29.72
N ASP C 82 40.31 5.79 -28.59
CA ASP C 82 40.66 4.42 -28.21
C ASP C 82 39.43 3.56 -28.04
N ASN C 83 38.42 4.09 -27.36
CA ASN C 83 37.19 3.33 -27.06
C ASN C 83 36.29 3.11 -28.24
N LEU C 84 36.16 4.11 -29.12
CA LEU C 84 35.33 3.97 -30.33
C LEU C 84 35.90 2.88 -31.25
N LYS C 85 37.23 2.82 -31.28
CA LYS C 85 37.98 1.80 -31.98
C LYS C 85 37.76 0.41 -31.34
N LYS C 86 38.10 0.28 -30.05
CA LYS C 86 37.92 -0.96 -29.27
C LYS C 86 36.54 -1.57 -29.39
N PHE C 87 35.52 -0.73 -29.37
CA PHE C 87 34.13 -1.20 -29.31
C PHE C 87 33.36 -1.20 -30.63
N VAL C 88 34.01 -0.75 -31.70
CA VAL C 88 33.41 -0.70 -33.06
C VAL C 88 32.04 -0.03 -33.04
N ALA C 89 32.03 1.25 -32.71
CA ALA C 89 30.80 2.04 -32.67
C ALA C 89 30.80 2.98 -33.87
N ARG C 90 30.47 2.43 -35.01
CA ARG C 90 30.65 3.13 -36.27
C ARG C 90 29.69 4.27 -36.48
N ASN C 91 28.55 4.19 -35.84
CA ASN C 91 27.55 5.24 -35.92
C ASN C 91 27.75 6.34 -34.89
N VAL C 92 28.91 6.34 -34.24
CA VAL C 92 29.32 7.43 -33.38
C VAL C 92 30.35 8.32 -34.07
N THR C 93 30.05 9.62 -34.10
CA THR C 93 30.93 10.63 -34.67
C THR C 93 31.48 11.45 -33.53
N LEU C 94 32.80 11.52 -33.42
CA LEU C 94 33.45 12.34 -32.43
C LEU C 94 33.60 13.77 -32.94
N VAL C 95 33.17 14.72 -32.14
CA VAL C 95 33.27 16.13 -32.48
C VAL C 95 34.09 16.83 -31.41
N GLU C 96 35.21 17.44 -31.82
CA GLU C 96 36.03 18.26 -30.94
C GLU C 96 35.42 19.62 -30.79
N ALA C 97 34.74 19.85 -29.67
CA ALA C 97 34.05 21.12 -29.41
C ALA C 97 33.68 21.25 -27.94
N PHE C 98 33.71 22.47 -27.41
CA PHE C 98 33.13 22.73 -26.09
CA PHE C 98 33.14 22.75 -26.08
C PHE C 98 31.79 23.45 -26.24
N ALA C 99 30.72 22.70 -25.98
CA ALA C 99 29.34 23.18 -26.16
C ALA C 99 29.05 24.44 -25.33
N PRO C 100 28.23 25.38 -25.85
CA PRO C 100 27.35 25.33 -27.03
C PRO C 100 28.03 25.53 -28.40
N GLU C 101 29.30 25.91 -28.41
CA GLU C 101 30.09 25.89 -29.65
C GLU C 101 30.13 24.49 -30.24
N GLY C 102 29.95 24.40 -31.56
CA GLY C 102 30.01 23.11 -32.25
C GLY C 102 28.66 22.46 -32.42
N LEU C 103 27.67 22.91 -31.65
CA LEU C 103 26.31 22.40 -31.79
C LEU C 103 25.69 22.79 -33.13
N ASP C 104 26.06 23.95 -33.63
CA ASP C 104 25.71 24.39 -34.98
C ASP C 104 26.05 23.48 -36.13
N ASP C 105 27.10 22.71 -35.98
CA ASP C 105 27.56 21.76 -36.93
C ASP C 105 26.96 20.39 -36.82
N LEU C 106 26.00 20.21 -35.94
CA LEU C 106 25.35 18.92 -35.73
C LEU C 106 23.95 18.97 -36.30
N PRO C 107 23.41 17.82 -36.75
CA PRO C 107 22.01 17.82 -37.17
C PRO C 107 21.09 17.88 -35.96
N ASP C 108 19.82 18.22 -36.21
CA ASP C 108 18.82 18.37 -35.15
C ASP C 108 18.68 17.05 -34.40
N PRO C 109 18.72 17.12 -33.05
CA PRO C 109 18.68 15.90 -32.23
C PRO C 109 17.29 15.45 -31.78
N ASP C 110 17.06 14.14 -31.76
CA ASP C 110 15.91 13.56 -31.10
C ASP C 110 16.20 13.36 -29.62
N ARG C 111 17.46 13.14 -29.28
CA ARG C 111 17.86 12.82 -27.89
C ARG C 111 19.13 13.55 -27.53
N VAL C 112 19.21 14.11 -26.33
CA VAL C 112 20.44 14.77 -25.93
C VAL C 112 20.81 14.32 -24.53
N PHE C 113 22.01 13.77 -24.38
CA PHE C 113 22.57 13.51 -23.04
C PHE C 113 23.63 14.57 -22.73
N ILE C 114 23.50 15.20 -21.58
CA ILE C 114 24.48 16.16 -21.13
C ILE C 114 25.28 15.55 -19.99
N GLY C 115 26.47 15.06 -20.33
CA GLY C 115 27.37 14.41 -19.37
C GLY C 115 28.33 15.36 -18.69
N GLY C 116 28.65 16.46 -19.37
CA GLY C 116 29.52 17.49 -18.80
C GLY C 116 29.24 18.80 -19.50
N SER C 117 29.04 19.85 -18.72
CA SER C 117 28.71 21.16 -19.25
C SER C 117 29.89 22.12 -19.35
N GLY C 118 30.96 21.84 -18.62
CA GLY C 118 32.16 22.64 -18.64
C GLY C 118 31.88 24.11 -18.36
N GLY C 119 31.07 24.35 -17.33
CA GLY C 119 30.75 25.70 -16.88
C GLY C 119 29.73 26.44 -17.72
N MET C 120 29.15 25.77 -18.71
CA MET C 120 28.28 26.42 -19.69
C MET C 120 26.86 25.84 -19.72
N LEU C 121 26.37 25.42 -18.56
CA LEU C 121 25.08 24.72 -18.48
C LEU C 121 23.90 25.52 -19.04
N GLU C 122 23.78 26.79 -18.67
CA GLU C 122 22.62 27.57 -19.10
C GLU C 122 22.61 27.75 -20.64
N GLU C 123 23.79 28.08 -21.16
CA GLU C 123 24.00 28.28 -22.58
C GLU C 123 23.71 27.02 -23.38
N ILE C 124 24.13 25.87 -22.85
CA ILE C 124 23.90 24.59 -23.52
C ILE C 124 22.41 24.28 -23.55
N ILE C 125 21.74 24.45 -22.40
CA ILE C 125 20.32 24.11 -22.30
C ILE C 125 19.48 24.98 -23.25
N ASP C 126 19.80 26.27 -23.28
CA ASP C 126 19.19 27.22 -24.22
C ASP C 126 19.39 26.81 -25.69
N ALA C 127 20.62 26.43 -26.04
CA ALA C 127 20.94 26.03 -27.41
C ALA C 127 20.23 24.73 -27.82
N VAL C 128 20.23 23.75 -26.90
CA VAL C 128 19.58 22.45 -27.13
C VAL C 128 18.07 22.62 -27.34
N ASP C 129 17.48 23.50 -26.53
CA ASP C 129 16.03 23.76 -26.57
C ASP C 129 15.57 24.28 -27.93
N ARG C 130 16.41 25.13 -28.53
CA ARG C 130 16.12 25.69 -29.86
C ARG C 130 16.24 24.67 -30.98
N ARG C 131 16.93 23.56 -30.71
CA ARG C 131 17.22 22.55 -31.71
C ARG C 131 16.48 21.24 -31.53
N LEU C 132 16.10 20.91 -30.30
CA LEU C 132 15.49 19.60 -30.01
C LEU C 132 14.24 19.32 -30.84
N LYS C 133 14.19 18.14 -31.45
CA LYS C 133 13.05 17.79 -32.30
C LYS C 133 11.81 17.49 -31.47
N SER C 134 10.66 17.48 -32.14
CA SER C 134 9.39 17.11 -31.52
C SER C 134 9.51 15.71 -30.93
N GLU C 135 8.92 15.54 -29.74
CA GLU C 135 8.98 14.30 -28.94
C GLU C 135 10.40 13.99 -28.45
N GLY C 136 11.23 15.04 -28.36
CA GLY C 136 12.62 14.89 -27.94
C GLY C 136 12.73 14.61 -26.45
N VAL C 137 13.88 14.08 -26.02
CA VAL C 137 14.15 13.86 -24.60
C VAL C 137 15.55 14.40 -24.32
N ILE C 138 15.67 15.13 -23.22
CA ILE C 138 16.96 15.56 -22.70
C ILE C 138 17.23 14.77 -21.40
N VAL C 139 18.42 14.18 -21.28
CA VAL C 139 18.83 13.60 -19.97
C VAL C 139 20.17 14.21 -19.56
N LEU C 140 20.30 14.54 -18.27
CA LEU C 140 21.56 15.02 -17.71
CA LEU C 140 21.53 15.05 -17.70
C LEU C 140 21.85 14.28 -16.41
N ASN C 141 23.12 14.00 -16.18
CA ASN C 141 23.55 13.44 -14.88
C ASN C 141 24.28 14.51 -14.05
N ALA C 142 23.87 14.70 -12.81
CA ALA C 142 24.48 15.69 -11.93
C ALA C 142 24.95 15.03 -10.64
N VAL C 143 26.10 15.49 -10.14
CA VAL C 143 26.64 15.02 -8.86
C VAL C 143 26.78 16.18 -7.87
N THR C 144 26.69 17.39 -8.39
CA THR C 144 26.77 18.57 -7.53
C THR C 144 25.40 19.16 -7.32
N LEU C 145 25.25 19.84 -6.17
CA LEU C 145 24.03 20.54 -5.82
C LEU C 145 23.71 21.68 -6.77
N ASP C 146 24.72 22.45 -7.17
CA ASP C 146 24.54 23.57 -8.08
C ASP C 146 24.08 23.14 -9.49
N THR C 147 24.62 22.05 -10.03
CA THR C 147 24.20 21.57 -11.36
C THR C 147 22.77 21.02 -11.33
N LEU C 148 22.45 20.23 -10.30
CA LEU C 148 21.10 19.74 -10.08
C LEU C 148 20.12 20.92 -10.05
N THR C 149 20.45 21.92 -9.22
CA THR C 149 19.63 23.10 -9.01
C THR C 149 19.37 23.86 -10.31
N LYS C 150 20.45 24.19 -11.00
CA LYS C 150 20.41 24.99 -12.20
C LYS C 150 19.75 24.25 -13.36
N ALA C 151 20.10 22.98 -13.54
CA ALA C 151 19.49 22.17 -14.60
C ALA C 151 17.96 22.18 -14.51
N VAL C 152 17.43 21.84 -13.33
CA VAL C 152 15.98 21.81 -13.13
C VAL C 152 15.35 23.17 -13.41
N GLU C 153 15.99 24.22 -12.91
CA GLU C 153 15.54 25.59 -13.10
C GLU C 153 15.45 25.94 -14.58
N PHE C 154 16.53 25.70 -15.33
CA PHE C 154 16.60 26.09 -16.74
C PHE C 154 15.65 25.29 -17.60
N LEU C 155 15.57 23.98 -17.34
CA LEU C 155 14.65 23.12 -18.05
C LEU C 155 13.17 23.47 -17.80
N GLU C 156 12.84 23.86 -16.57
CA GLU C 156 11.46 24.23 -16.26
C GLU C 156 11.12 25.58 -16.90
N ASP C 157 12.08 26.51 -16.90
CA ASP C 157 11.99 27.78 -17.62
C ASP C 157 11.63 27.62 -19.09
N HIS C 158 12.23 26.64 -19.76
CA HIS C 158 11.98 26.37 -21.17
CA HIS C 158 11.95 26.41 -21.18
C HIS C 158 10.72 25.52 -21.43
N GLY C 159 9.98 25.25 -20.36
CA GLY C 159 8.70 24.53 -20.45
C GLY C 159 8.72 23.01 -20.51
N TYR C 160 9.81 22.39 -20.04
CA TYR C 160 9.89 20.93 -19.98
C TYR C 160 9.25 20.38 -18.72
N MET C 161 8.63 19.20 -18.83
CA MET C 161 8.35 18.40 -17.66
CA MET C 161 8.33 18.35 -17.69
C MET C 161 9.70 17.82 -17.25
N VAL C 162 9.94 17.72 -15.95
CA VAL C 162 11.27 17.34 -15.45
C VAL C 162 11.15 16.29 -14.35
N GLU C 163 11.71 15.12 -14.60
CA GLU C 163 11.81 14.07 -13.59
C GLU C 163 13.25 14.05 -13.05
N VAL C 164 13.42 14.00 -11.74
CA VAL C 164 14.76 13.84 -11.14
C VAL C 164 14.77 12.51 -10.38
N ALA C 165 15.68 11.63 -10.76
CA ALA C 165 15.85 10.36 -10.12
C ALA C 165 17.27 10.30 -9.51
N CYS C 166 17.34 10.21 -8.20
CA CYS C 166 18.62 10.08 -7.49
C CYS C 166 18.88 8.60 -7.33
N VAL C 167 19.96 8.13 -7.94
CA VAL C 167 20.32 6.72 -7.88
C VAL C 167 21.56 6.55 -6.98
N ASN C 168 21.42 5.69 -5.99
CA ASN C 168 22.50 5.33 -5.08
C ASN C 168 22.79 3.89 -5.31
N VAL C 169 24.05 3.56 -5.51
CA VAL C 169 24.49 2.18 -5.78
C VAL C 169 25.63 1.83 -4.82
N ALA C 170 25.52 0.67 -4.18
CA ALA C 170 26.59 0.18 -3.32
C ALA C 170 26.80 -1.26 -3.69
N LYS C 171 28.06 -1.62 -3.91
CA LYS C 171 28.42 -2.94 -4.41
C LYS C 171 29.49 -3.62 -3.58
N THR C 172 29.41 -4.94 -3.52
CA THR C 172 30.49 -5.77 -3.01
C THR C 172 31.37 -6.18 -4.19
N LYS C 173 32.59 -6.61 -3.90
CA LYS C 173 33.44 -7.22 -4.92
C LYS C 173 33.06 -8.68 -5.18
N GLY C 174 33.69 -9.30 -6.18
CA GLY C 174 33.41 -10.69 -6.53
C GLY C 174 34.44 -11.65 -5.97
N THR C 176 36.89 -12.29 -3.87
CA THR C 176 37.17 -12.10 -2.44
C THR C 176 36.06 -12.69 -1.55
N GLU C 177 36.38 -12.90 -0.27
CA GLU C 177 35.43 -13.47 0.69
C GLU C 177 35.20 -12.53 1.88
N TYR C 178 35.65 -11.28 1.75
CA TYR C 178 35.27 -10.19 2.64
C TYR C 178 34.40 -9.25 1.80
N LYS C 179 33.09 -9.32 2.01
CA LYS C 179 32.13 -8.62 1.15
C LYS C 179 31.63 -7.33 1.76
N MET C 180 32.42 -6.27 1.69
CA MET C 180 32.00 -4.96 2.15
C MET C 180 31.18 -4.28 1.05
N PHE C 181 30.09 -3.64 1.43
CA PHE C 181 29.37 -2.78 0.48
C PHE C 181 30.10 -1.46 0.29
N GLU C 182 30.60 -1.23 -0.92
CA GLU C 182 31.21 0.05 -1.23
C GLU C 182 30.26 0.94 -2.06
N SER C 183 29.97 2.13 -1.52
CA SER C 183 29.06 3.10 -2.12
C SER C 183 29.68 3.93 -3.24
N HIS C 184 28.98 4.07 -4.36
CA HIS C 184 29.34 5.09 -5.33
C HIS C 184 28.72 6.37 -4.83
N ASN C 185 29.23 7.52 -5.28
CA ASN C 185 28.56 8.78 -4.95
C ASN C 185 27.17 8.82 -5.63
N PRO C 186 26.20 9.55 -5.04
CA PRO C 186 24.87 9.57 -5.69
C PRO C 186 24.90 10.21 -7.08
N VAL C 187 24.03 9.74 -7.98
CA VAL C 187 23.87 10.39 -9.27
C VAL C 187 22.41 10.81 -9.47
N TYR C 188 22.19 12.11 -9.67
CA TYR C 188 20.89 12.66 -10.02
C TYR C 188 20.72 12.61 -11.53
N ILE C 189 19.83 11.73 -11.98
CA ILE C 189 19.51 11.59 -13.40
C ILE C 189 18.24 12.39 -13.66
N ILE C 190 18.41 13.45 -14.44
CA ILE C 190 17.36 14.43 -14.73
C ILE C 190 16.86 14.16 -16.17
N THR C 191 15.59 13.79 -16.30
CA THR C 191 14.95 13.50 -17.60
C THR C 191 13.96 14.61 -17.89
N ALA C 192 13.99 15.14 -19.10
CA ALA C 192 13.11 16.27 -19.45
C ALA C 192 12.50 16.10 -20.85
N TRP C 193 11.21 16.41 -20.97
CA TRP C 193 10.48 16.24 -22.23
C TRP C 193 9.28 17.18 -22.22
N LYS C 194 8.71 17.45 -23.40
CA LYS C 194 7.59 18.38 -23.58
CA LYS C 194 7.59 18.36 -23.47
C LYS C 194 6.24 17.66 -23.63
N TYR D 6 -28.58 -32.85 11.67
CA TYR D 6 -28.10 -31.44 11.57
C TYR D 6 -26.57 -31.35 11.65
N PRO D 7 -25.98 -30.35 10.95
CA PRO D 7 -24.54 -30.18 11.05
C PRO D 7 -24.08 -29.62 12.38
N VAL D 8 -22.76 -29.71 12.63
CA VAL D 8 -22.13 -29.15 13.84
CA VAL D 8 -22.13 -29.15 13.85
C VAL D 8 -22.33 -27.62 13.87
N ILE D 9 -22.06 -26.98 12.73
CA ILE D 9 -22.38 -25.58 12.48
C ILE D 9 -22.97 -25.46 11.08
N GLY D 10 -23.74 -24.39 10.85
CA GLY D 10 -24.39 -24.20 9.57
C GLY D 10 -25.78 -24.75 9.47
N ILE D 11 -26.49 -24.83 10.61
CA ILE D 11 -27.90 -25.18 10.64
C ILE D 11 -28.67 -24.08 9.91
N ASP D 12 -29.55 -24.46 9.00
CA ASP D 12 -30.35 -23.51 8.22
CA ASP D 12 -30.31 -23.48 8.22
C ASP D 12 -31.18 -22.62 9.13
N ASP D 13 -31.23 -21.33 8.83
CA ASP D 13 -31.95 -20.36 9.63
C ASP D 13 -33.41 -20.76 9.87
N ASP D 14 -34.03 -21.31 8.82
CA ASP D 14 -35.45 -21.66 8.86
CA ASP D 14 -35.46 -21.66 8.87
C ASP D 14 -35.78 -22.92 9.68
N GLU D 15 -34.74 -23.54 10.24
CA GLU D 15 -34.91 -24.68 11.15
C GLU D 15 -35.08 -24.23 12.58
N PHE D 16 -34.91 -22.94 12.84
CA PHE D 16 -35.06 -22.38 14.18
C PHE D 16 -36.43 -21.73 14.32
N ALA D 17 -37.04 -21.91 15.49
CA ALA D 17 -38.21 -21.15 15.89
C ALA D 17 -37.70 -19.76 16.22
N THR D 18 -38.21 -18.77 15.49
CA THR D 18 -37.70 -17.39 15.59
C THR D 18 -38.74 -16.36 15.13
N ALA D 19 -38.40 -15.08 15.30
CA ALA D 19 -39.20 -13.98 14.75
C ALA D 19 -38.44 -13.34 13.60
N LYS D 20 -39.10 -12.47 12.85
CA LYS D 20 -38.45 -11.68 11.80
C LYS D 20 -37.43 -10.72 12.42
N LYS D 21 -36.23 -10.68 11.83
CA LYS D 21 -35.12 -9.82 12.25
C LYS D 21 -34.42 -10.23 13.57
N LEU D 22 -34.88 -11.30 14.22
CA LEU D 22 -34.30 -11.72 15.50
C LEU D 22 -33.06 -12.61 15.36
N ILE D 23 -33.14 -13.65 14.54
CA ILE D 23 -32.06 -14.66 14.46
C ILE D 23 -30.71 -14.05 14.03
N THR D 24 -29.64 -14.60 14.60
CA THR D 24 -28.28 -14.38 14.09
C THR D 24 -28.20 -15.32 12.90
N LYS D 25 -28.19 -14.74 11.70
CA LYS D 25 -28.27 -15.52 10.46
C LYS D 25 -27.03 -16.37 10.31
N GLN D 26 -27.14 -17.46 9.55
CA GLN D 26 -26.17 -18.55 9.54
C GLN D 26 -24.70 -18.19 9.28
N GLU D 27 -24.44 -17.40 8.23
CA GLU D 27 -23.11 -16.96 7.87
C GLU D 27 -22.42 -16.14 8.96
N VAL D 28 -23.14 -15.13 9.44
CA VAL D 28 -22.70 -14.24 10.52
C VAL D 28 -22.53 -15.04 11.83
N ARG D 29 -23.40 -16.01 12.07
CA ARG D 29 -23.28 -16.90 13.21
CA ARG D 29 -23.28 -16.90 13.21
C ARG D 29 -21.94 -17.64 13.20
N ALA D 30 -21.58 -18.22 12.05
CA ALA D 30 -20.30 -18.92 11.88
C ALA D 30 -19.11 -18.00 12.18
N VAL D 31 -19.11 -16.79 11.59
CA VAL D 31 -18.05 -15.81 11.87
C VAL D 31 -18.00 -15.44 13.37
N THR D 32 -19.17 -15.27 13.97
CA THR D 32 -19.29 -14.94 15.42
C THR D 32 -18.63 -16.05 16.29
N LEU D 33 -18.96 -17.29 15.98
CA LEU D 33 -18.39 -18.46 16.68
C LEU D 33 -16.88 -18.57 16.51
N SER D 34 -16.40 -18.31 15.28
CA SER D 34 -14.97 -18.14 14.98
C SER D 34 -14.31 -17.08 15.87
N LYS D 35 -14.93 -15.90 15.93
CA LYS D 35 -14.39 -14.78 16.72
C LYS D 35 -14.40 -15.09 18.23
N LEU D 36 -15.35 -15.93 18.66
CA LEU D 36 -15.41 -16.34 20.06
C LEU D 36 -14.24 -17.24 20.52
N ARG D 37 -13.47 -17.78 19.57
CA ARG D 37 -12.29 -18.62 19.87
C ARG D 37 -12.63 -19.72 20.87
N LEU D 38 -13.60 -20.55 20.52
CA LEU D 38 -14.12 -21.59 21.39
C LEU D 38 -13.20 -22.80 21.47
N GLN D 39 -13.14 -23.41 22.64
CA GLN D 39 -12.53 -24.71 22.81
C GLN D 39 -13.40 -25.45 23.81
N ASP D 40 -13.31 -26.78 23.86
CA ASP D 40 -14.17 -27.56 24.74
C ASP D 40 -13.93 -27.21 26.23
N ASP D 41 -14.93 -27.50 27.08
CA ASP D 41 -14.87 -27.33 28.54
C ASP D 41 -14.99 -25.91 29.06
N LEU D 42 -15.21 -24.93 28.19
CA LEU D 42 -15.32 -23.52 28.64
C LEU D 42 -16.72 -23.18 29.10
N VAL D 43 -16.83 -22.11 29.87
CA VAL D 43 -18.13 -21.57 30.24
C VAL D 43 -18.41 -20.33 29.40
N MET D 44 -19.56 -20.31 28.74
CA MET D 44 -19.98 -19.21 27.89
C MET D 44 -21.30 -18.59 28.38
N TRP D 45 -21.36 -17.26 28.44
CA TRP D 45 -22.66 -16.58 28.57
C TRP D 45 -23.15 -16.07 27.20
N ASP D 46 -24.43 -16.31 26.88
CA ASP D 46 -25.06 -15.75 25.69
C ASP D 46 -26.15 -14.80 26.20
N ILE D 47 -25.79 -13.51 26.26
CA ILE D 47 -26.69 -12.46 26.75
C ILE D 47 -27.61 -11.90 25.66
N GLY D 48 -28.91 -12.05 25.87
CA GLY D 48 -29.91 -11.67 24.88
C GLY D 48 -29.94 -12.74 23.80
N ALA D 49 -30.25 -13.96 24.21
CA ALA D 49 -30.07 -15.15 23.34
C ALA D 49 -30.97 -15.20 22.11
N GLY D 50 -32.14 -14.57 22.19
CA GLY D 50 -33.06 -14.50 21.06
C GLY D 50 -33.68 -15.85 20.79
N SER D 51 -33.19 -16.52 19.75
CA SER D 51 -33.61 -17.88 19.43
C SER D 51 -32.58 -18.92 19.87
N ALA D 52 -31.50 -18.41 20.46
CA ALA D 52 -30.38 -19.20 20.98
C ALA D 52 -29.58 -19.96 19.93
N SER D 53 -29.62 -19.48 18.68
CA SER D 53 -28.89 -20.15 17.60
C SER D 53 -27.37 -20.14 17.82
N VAL D 54 -26.85 -19.05 18.40
CA VAL D 54 -25.43 -18.95 18.73
C VAL D 54 -25.10 -19.96 19.83
N SER D 55 -25.89 -19.95 20.89
CA SER D 55 -25.76 -20.91 22.00
C SER D 55 -25.78 -22.36 21.52
N ILE D 56 -26.68 -22.65 20.59
CA ILE D 56 -26.88 -24.02 20.11
C ILE D 56 -25.69 -24.52 19.29
N GLU D 57 -25.23 -23.74 18.33
CA GLU D 57 -24.02 -24.13 17.58
C GLU D 57 -22.73 -24.09 18.41
N ALA D 58 -22.62 -23.15 19.34
CA ALA D 58 -21.53 -23.12 20.33
C ALA D 58 -21.47 -24.43 21.14
N SER D 59 -22.65 -24.94 21.50
CA SER D 59 -22.77 -26.16 22.28
C SER D 59 -22.31 -27.39 21.49
N ASN D 60 -22.49 -27.35 20.17
CA ASN D 60 -21.98 -28.39 19.30
C ASN D 60 -20.45 -28.39 19.25
N LEU D 61 -19.87 -27.18 19.37
CA LEU D 61 -18.43 -26.98 19.32
C LEU D 61 -17.77 -27.21 20.66
N MET D 62 -18.55 -27.11 21.73
CA MET D 62 -18.09 -27.39 23.08
C MET D 62 -19.01 -28.40 23.76
N PRO D 63 -18.93 -29.69 23.37
CA PRO D 63 -19.86 -30.70 23.92
C PRO D 63 -19.78 -30.84 25.44
N ASN D 64 -18.59 -30.63 25.98
CA ASN D 64 -18.37 -30.70 27.42
C ASN D 64 -18.26 -29.34 28.10
N GLY D 65 -18.47 -28.26 27.33
CA GLY D 65 -18.58 -26.93 27.90
C GLY D 65 -19.94 -26.67 28.53
N ARG D 66 -20.08 -25.53 29.20
CA ARG D 66 -21.38 -25.10 29.75
C ARG D 66 -21.78 -23.73 29.22
N ILE D 67 -22.96 -23.66 28.62
CA ILE D 67 -23.47 -22.44 28.02
C ILE D 67 -24.72 -21.95 28.74
N PHE D 68 -24.76 -20.66 29.06
CA PHE D 68 -25.89 -20.06 29.75
C PHE D 68 -26.49 -18.97 28.88
N ALA D 69 -27.74 -19.19 28.49
CA ALA D 69 -28.45 -18.35 27.54
C ALA D 69 -29.50 -17.51 28.26
N LEU D 70 -29.24 -16.22 28.35
CA LEU D 70 -30.08 -15.28 29.07
C LEU D 70 -31.02 -14.53 28.13
N GLU D 71 -32.32 -14.54 28.46
CA GLU D 71 -33.32 -13.88 27.64
C GLU D 71 -34.47 -13.34 28.50
N ARG D 72 -34.83 -12.08 28.26
CA ARG D 72 -35.88 -11.39 29.02
C ARG D 72 -37.29 -11.54 28.43
N ASN D 73 -37.38 -11.66 27.10
CA ASN D 73 -38.67 -11.68 26.41
C ASN D 73 -39.36 -13.05 26.45
N PRO D 74 -40.59 -13.11 27.02
CA PRO D 74 -41.45 -14.32 27.13
C PRO D 74 -41.73 -15.05 25.80
N GLN D 75 -41.87 -14.31 24.71
CA GLN D 75 -42.07 -14.95 23.40
C GLN D 75 -40.78 -15.67 22.94
N TYR D 76 -39.64 -15.03 23.20
CA TYR D 76 -38.36 -15.57 22.80
C TYR D 76 -37.95 -16.76 23.66
N LEU D 77 -38.43 -16.76 24.92
CA LEU D 77 -38.18 -17.88 25.83
C LEU D 77 -38.76 -19.20 25.32
N GLY D 78 -39.96 -19.12 24.74
CA GLY D 78 -40.62 -20.27 24.12
C GLY D 78 -39.89 -20.78 22.90
N PHE D 79 -39.38 -19.86 22.08
CA PHE D 79 -38.53 -20.19 20.93
C PHE D 79 -37.32 -20.98 21.41
N ILE D 80 -36.65 -20.46 22.44
CA ILE D 80 -35.43 -21.08 22.98
C ILE D 80 -35.70 -22.50 23.48
N ARG D 81 -36.63 -22.63 24.44
CA ARG D 81 -37.13 -23.92 24.92
C ARG D 81 -37.35 -24.93 23.78
N ASP D 82 -38.08 -24.51 22.75
CA ASP D 82 -38.36 -25.36 21.59
C ASP D 82 -37.08 -25.72 20.84
N ASN D 83 -36.22 -24.73 20.62
CA ASN D 83 -34.98 -24.96 19.88
C ASN D 83 -33.96 -25.87 20.61
N LEU D 84 -33.79 -25.64 21.91
CA LEU D 84 -32.88 -26.43 22.73
C LEU D 84 -33.24 -27.91 22.70
N LYS D 85 -34.55 -28.18 22.76
CA LYS D 85 -35.10 -29.52 22.67
C LYS D 85 -34.91 -30.12 21.27
N LYS D 86 -35.22 -29.35 20.21
CA LYS D 86 -35.08 -29.81 18.82
C LYS D 86 -33.66 -30.19 18.43
N PHE D 87 -32.68 -29.39 18.85
CA PHE D 87 -31.30 -29.55 18.42
C PHE D 87 -30.45 -30.29 19.43
N VAL D 88 -31.11 -30.72 20.51
CA VAL D 88 -30.50 -31.46 21.62
C VAL D 88 -29.28 -30.70 22.18
N ALA D 89 -29.51 -29.45 22.58
CA ALA D 89 -28.46 -28.63 23.14
C ALA D 89 -28.59 -28.72 24.65
N ARG D 90 -28.19 -29.87 25.19
CA ARG D 90 -28.42 -30.18 26.60
C ARG D 90 -27.50 -29.43 27.53
N ASN D 91 -26.34 -29.02 27.01
CA ASN D 91 -25.38 -28.26 27.82
C ASN D 91 -25.61 -26.75 27.80
N VAL D 92 -26.74 -26.35 27.22
CA VAL D 92 -27.23 -24.98 27.33
C VAL D 92 -28.29 -24.90 28.42
N THR D 93 -28.09 -24.01 29.38
CA THR D 93 -29.09 -23.72 30.37
C THR D 93 -29.77 -22.40 30.04
N LEU D 94 -31.08 -22.45 29.83
CA LEU D 94 -31.87 -21.26 29.57
C LEU D 94 -32.13 -20.54 30.88
N VAL D 95 -31.73 -19.28 30.93
CA VAL D 95 -31.87 -18.45 32.13
C VAL D 95 -32.79 -17.28 31.80
N GLU D 96 -33.88 -17.15 32.55
CA GLU D 96 -34.81 -16.06 32.32
C GLU D 96 -34.40 -14.84 33.16
N ALA D 97 -33.88 -13.81 32.49
CA ALA D 97 -33.28 -12.67 33.16
C ALA D 97 -33.17 -11.44 32.25
N PHE D 98 -33.10 -10.27 32.89
CA PHE D 98 -32.86 -9.01 32.21
C PHE D 98 -31.48 -8.53 32.65
N ALA D 99 -30.45 -9.04 31.96
CA ALA D 99 -29.04 -8.75 32.31
C ALA D 99 -28.75 -7.25 32.44
N PRO D 100 -27.89 -6.85 33.42
CA PRO D 100 -26.97 -7.59 34.30
C PRO D 100 -27.56 -8.39 35.47
N GLU D 101 -28.88 -8.30 35.68
CA GLU D 101 -29.56 -9.16 36.66
C GLU D 101 -29.49 -10.61 36.18
N GLY D 102 -29.31 -11.54 37.12
CA GLY D 102 -29.22 -12.95 36.79
C GLY D 102 -27.84 -13.45 36.40
N LEU D 103 -26.85 -12.56 36.38
CA LEU D 103 -25.48 -12.97 36.11
C LEU D 103 -24.79 -13.51 37.36
N ASP D 104 -25.30 -13.13 38.52
CA ASP D 104 -24.64 -13.45 39.80
C ASP D 104 -24.61 -14.94 40.11
N ASP D 105 -25.69 -15.65 39.81
CA ASP D 105 -25.77 -17.09 40.08
C ASP D 105 -25.01 -17.97 39.08
N LEU D 106 -24.58 -17.36 37.97
CA LEU D 106 -23.83 -18.07 36.93
C LEU D 106 -22.37 -18.22 37.31
N PRO D 107 -21.70 -19.30 36.83
CA PRO D 107 -20.24 -19.36 37.00
C PRO D 107 -19.56 -18.31 36.14
N ASP D 108 -18.35 -17.91 36.55
CA ASP D 108 -17.52 -16.98 35.80
C ASP D 108 -17.29 -17.45 34.36
N PRO D 109 -17.43 -16.53 33.40
CA PRO D 109 -17.36 -16.91 32.00
C PRO D 109 -15.95 -16.80 31.39
N ASP D 110 -15.65 -17.73 30.49
CA ASP D 110 -14.49 -17.64 29.64
C ASP D 110 -14.84 -16.83 28.40
N ARG D 111 -16.12 -16.89 27.99
CA ARG D 111 -16.57 -16.39 26.70
C ARG D 111 -17.93 -15.74 26.92
N VAL D 112 -18.10 -14.51 26.43
CA VAL D 112 -19.41 -13.89 26.50
C VAL D 112 -19.78 -13.35 25.13
N PHE D 113 -20.94 -13.77 24.65
CA PHE D 113 -21.55 -13.19 23.46
C PHE D 113 -22.70 -12.31 23.92
N ILE D 114 -22.71 -11.06 23.46
CA ILE D 114 -23.81 -10.17 23.73
C ILE D 114 -24.61 -9.95 22.44
N GLY D 115 -25.76 -10.61 22.35
CA GLY D 115 -26.65 -10.54 21.18
C GLY D 115 -27.77 -9.52 21.34
N GLY D 116 -28.03 -9.11 22.58
CA GLY D 116 -29.08 -8.13 22.89
C GLY D 116 -28.87 -7.56 24.28
N SER D 117 -28.98 -6.24 24.39
CA SER D 117 -28.69 -5.53 25.64
C SER D 117 -29.91 -4.96 26.36
N GLY D 118 -31.02 -4.82 25.63
CA GLY D 118 -32.25 -4.23 26.19
C GLY D 118 -32.09 -2.88 26.88
N GLY D 119 -31.26 -2.01 26.30
CA GLY D 119 -30.98 -0.68 26.87
C GLY D 119 -29.97 -0.69 28.00
N MET D 120 -29.36 -1.84 28.28
CA MET D 120 -28.45 -2.00 29.43
C MET D 120 -27.01 -2.30 29.03
N LEU D 121 -26.54 -1.73 27.92
CA LEU D 121 -25.22 -2.07 27.37
C LEU D 121 -24.03 -1.79 28.30
N GLU D 122 -23.95 -0.56 28.83
CA GLU D 122 -22.85 -0.17 29.69
C GLU D 122 -22.82 -1.01 30.96
N GLU D 123 -24.00 -1.24 31.52
CA GLU D 123 -24.15 -2.01 32.74
C GLU D 123 -23.79 -3.48 32.51
N ILE D 124 -24.12 -4.00 31.33
CA ILE D 124 -23.75 -5.37 30.96
C ILE D 124 -22.24 -5.53 30.78
N ILE D 125 -21.61 -4.59 30.07
CA ILE D 125 -20.17 -4.65 29.83
C ILE D 125 -19.40 -4.56 31.15
N ASP D 126 -19.82 -3.63 32.02
CA ASP D 126 -19.23 -3.49 33.35
C ASP D 126 -19.31 -4.78 34.16
N ALA D 127 -20.51 -5.37 34.20
CA ALA D 127 -20.75 -6.62 34.93
C ALA D 127 -19.95 -7.79 34.36
N VAL D 128 -19.93 -7.92 33.02
CA VAL D 128 -19.12 -8.93 32.33
C VAL D 128 -17.62 -8.78 32.58
N ASP D 129 -17.13 -7.55 32.50
CA ASP D 129 -15.71 -7.22 32.69
C ASP D 129 -15.20 -7.64 34.07
N ARG D 130 -16.02 -7.42 35.10
CA ARG D 130 -15.69 -7.81 36.47
C ARG D 130 -15.54 -9.32 36.63
N ARG D 131 -16.37 -10.05 35.90
CA ARG D 131 -16.43 -11.50 36.02
C ARG D 131 -15.52 -12.27 35.04
N LEU D 132 -15.11 -11.63 33.95
CA LEU D 132 -14.47 -12.36 32.83
C LEU D 132 -13.14 -12.99 33.23
N LYS D 133 -13.02 -14.29 32.97
CA LYS D 133 -11.82 -15.04 33.31
CA LYS D 133 -11.81 -15.07 33.29
C LYS D 133 -10.60 -14.64 32.48
N SER D 134 -9.42 -15.04 32.96
CA SER D 134 -8.16 -14.81 32.29
C SER D 134 -8.22 -15.44 30.89
N GLU D 135 -7.65 -14.74 29.91
CA GLU D 135 -7.72 -15.12 28.49
C GLU D 135 -9.16 -15.20 27.94
N GLY D 136 -10.05 -14.44 28.57
CA GLY D 136 -11.45 -14.37 28.14
C GLY D 136 -11.62 -13.63 26.82
N VAL D 137 -12.74 -13.85 26.15
CA VAL D 137 -13.09 -13.16 24.90
C VAL D 137 -14.54 -12.71 25.01
N ILE D 138 -14.80 -11.44 24.70
CA ILE D 138 -16.17 -10.93 24.55
C ILE D 138 -16.43 -10.63 23.07
N VAL D 139 -17.58 -11.09 22.58
CA VAL D 139 -18.03 -10.77 21.20
C VAL D 139 -19.43 -10.16 21.28
N LEU D 140 -19.65 -9.13 20.47
CA LEU D 140 -20.98 -8.53 20.35
CA LEU D 140 -20.95 -8.49 20.38
C LEU D 140 -21.29 -8.35 18.89
N ASN D 141 -22.56 -8.58 18.53
CA ASN D 141 -23.01 -8.26 17.18
C ASN D 141 -23.87 -7.00 17.22
N ALA D 142 -23.44 -5.98 16.49
CA ALA D 142 -24.16 -4.70 16.50
C ALA D 142 -24.71 -4.44 15.11
N VAL D 143 -25.96 -3.96 15.02
CA VAL D 143 -26.52 -3.55 13.73
C VAL D 143 -26.85 -2.04 13.66
N THR D 144 -26.89 -1.39 14.81
CA THR D 144 -27.11 0.04 14.84
C THR D 144 -25.79 0.74 15.12
N LEU D 145 -25.71 2.01 14.75
CA LEU D 145 -24.54 2.82 14.96
C LEU D 145 -24.31 3.13 16.45
N ASP D 146 -25.38 3.44 17.18
CA ASP D 146 -25.29 3.67 18.64
C ASP D 146 -24.67 2.48 19.38
N THR D 147 -25.14 1.27 19.07
CA THR D 147 -24.62 0.08 19.73
C THR D 147 -23.16 -0.09 19.38
N LEU D 148 -22.82 0.03 18.09
CA LEU D 148 -21.44 -0.06 17.62
C LEU D 148 -20.50 0.95 18.32
N THR D 149 -20.94 2.21 18.40
CA THR D 149 -20.17 3.31 18.99
C THR D 149 -19.92 3.09 20.48
N LYS D 150 -21.00 2.83 21.21
CA LYS D 150 -20.93 2.70 22.66
C LYS D 150 -20.18 1.43 23.06
N ALA D 151 -20.41 0.33 22.33
CA ALA D 151 -19.73 -0.94 22.64
C ALA D 151 -18.23 -0.79 22.51
N VAL D 152 -17.76 -0.16 21.43
CA VAL D 152 -16.34 0.09 21.28
C VAL D 152 -15.80 1.02 22.38
N GLU D 153 -16.56 2.06 22.69
CA GLU D 153 -16.20 3.03 23.73
C GLU D 153 -16.05 2.40 25.12
N PHE D 154 -17.04 1.60 25.53
CA PHE D 154 -17.03 0.96 26.86
C PHE D 154 -15.97 -0.11 27.03
N LEU D 155 -15.77 -0.92 25.99
CA LEU D 155 -14.75 -1.96 26.00
C LEU D 155 -13.34 -1.38 26.00
N GLU D 156 -13.13 -0.30 25.27
CA GLU D 156 -11.83 0.37 25.28
C GLU D 156 -11.53 1.10 26.61
N ASP D 157 -12.59 1.56 27.28
CA ASP D 157 -12.50 2.13 28.62
C ASP D 157 -11.98 1.14 29.65
N HIS D 158 -12.31 -0.15 29.45
CA HIS D 158 -11.91 -1.21 30.36
CA HIS D 158 -11.89 -1.20 30.36
C HIS D 158 -10.59 -1.87 29.94
N GLY D 159 -9.91 -1.26 28.98
CA GLY D 159 -8.58 -1.72 28.55
C GLY D 159 -8.54 -2.93 27.63
N TYR D 160 -9.65 -3.21 26.95
CA TYR D 160 -9.68 -4.32 25.99
C TYR D 160 -9.11 -3.89 24.64
N MET D 161 -8.40 -4.81 24.00
CA MET D 161 -8.13 -4.71 22.57
C MET D 161 -9.46 -4.99 21.88
N VAL D 162 -9.83 -4.16 20.90
CA VAL D 162 -11.12 -4.31 20.19
C VAL D 162 -10.89 -4.36 18.67
N GLU D 163 -11.45 -5.39 18.03
CA GLU D 163 -11.54 -5.45 16.59
C GLU D 163 -13.00 -5.29 16.20
N VAL D 164 -13.27 -4.57 15.11
CA VAL D 164 -14.61 -4.51 14.55
C VAL D 164 -14.56 -5.09 13.15
N ALA D 165 -15.42 -6.06 12.86
CA ALA D 165 -15.51 -6.64 11.51
C ALA D 165 -16.93 -6.46 10.95
N CYS D 166 -17.04 -5.68 9.87
CA CYS D 166 -18.34 -5.48 9.25
C CYS D 166 -18.49 -6.51 8.17
N VAL D 167 -19.52 -7.34 8.33
CA VAL D 167 -19.72 -8.49 7.47
C VAL D 167 -20.97 -8.25 6.63
N ASN D 168 -20.78 -8.26 5.32
CA ASN D 168 -21.86 -8.10 4.37
C ASN D 168 -22.00 -9.39 3.58
N VAL D 169 -23.21 -9.94 3.57
CA VAL D 169 -23.49 -11.21 2.87
C VAL D 169 -24.61 -10.99 1.86
N ALA D 170 -24.40 -11.37 0.60
CA ALA D 170 -25.49 -11.42 -0.39
C ALA D 170 -25.59 -12.83 -0.91
N LYS D 171 -26.81 -13.37 -0.97
CA LYS D 171 -27.03 -14.76 -1.38
C LYS D 171 -28.02 -14.88 -2.52
N THR D 172 -27.83 -15.87 -3.37
CA THR D 172 -28.85 -16.20 -4.38
C THR D 172 -29.91 -17.11 -3.79
N LYS D 173 -31.13 -16.98 -4.32
CA LYS D 173 -32.10 -18.07 -4.24
C LYS D 173 -33.12 -17.97 -5.37
N GLY D 174 -34.27 -18.62 -5.20
CA GLY D 174 -34.99 -19.21 -6.31
C GLY D 174 -34.60 -20.66 -6.56
N LEU D 175 -34.42 -20.99 -7.83
CA LEU D 175 -33.80 -22.27 -8.20
C LEU D 175 -32.81 -22.08 -9.33
N THR D 176 -33.28 -21.55 -10.46
CA THR D 176 -32.41 -21.21 -11.58
C THR D 176 -32.97 -20.02 -12.36
N GLU D 177 -32.17 -19.51 -13.30
CA GLU D 177 -32.65 -18.57 -14.29
C GLU D 177 -32.73 -17.16 -13.72
N TYR D 178 -33.51 -16.99 -12.66
CA TYR D 178 -33.50 -15.76 -11.88
C TYR D 178 -32.72 -15.94 -10.58
N LYS D 179 -31.44 -16.23 -10.70
CA LYS D 179 -30.54 -16.24 -9.54
C LYS D 179 -30.10 -14.83 -9.18
N MET D 180 -30.98 -14.12 -8.46
CA MET D 180 -30.72 -12.77 -8.00
C MET D 180 -30.02 -12.81 -6.64
N PHE D 181 -29.01 -11.96 -6.44
CA PHE D 181 -28.41 -11.78 -5.11
C PHE D 181 -29.26 -10.90 -4.21
N GLU D 182 -29.63 -11.43 -3.06
CA GLU D 182 -30.34 -10.66 -2.07
C GLU D 182 -29.39 -10.43 -0.90
N SER D 183 -29.27 -9.18 -0.47
CA SER D 183 -28.37 -8.78 0.60
C SER D 183 -29.05 -8.93 1.94
N HIS D 184 -28.29 -9.43 2.89
CA HIS D 184 -28.63 -9.31 4.30
C HIS D 184 -28.19 -7.92 4.72
N ASN D 185 -28.74 -7.42 5.82
CA ASN D 185 -28.26 -6.18 6.37
C ASN D 185 -26.88 -6.38 6.98
N PRO D 186 -26.05 -5.31 7.01
CA PRO D 186 -24.69 -5.56 7.50
C PRO D 186 -24.70 -5.85 9.00
N VAL D 187 -23.74 -6.64 9.44
CA VAL D 187 -23.56 -6.86 10.88
C VAL D 187 -22.15 -6.51 11.28
N TYR D 188 -22.04 -5.75 12.37
CA TYR D 188 -20.73 -5.42 12.90
C TYR D 188 -20.41 -6.39 14.02
N ILE D 189 -19.41 -7.25 13.78
CA ILE D 189 -18.97 -8.21 14.78
C ILE D 189 -17.80 -7.62 15.55
N ILE D 190 -18.05 -7.34 16.83
CA ILE D 190 -17.07 -6.69 17.70
C ILE D 190 -16.44 -7.73 18.62
N THR D 191 -15.12 -7.88 18.55
CA THR D 191 -14.36 -8.82 19.37
C THR D 191 -13.42 -8.07 20.30
N ALA D 192 -13.48 -8.42 21.59
CA ALA D 192 -12.69 -7.74 22.60
C ALA D 192 -12.01 -8.74 23.51
N TRP D 193 -10.72 -8.52 23.77
CA TRP D 193 -9.93 -9.41 24.60
C TRP D 193 -8.83 -8.57 25.23
N LYS D 194 -8.18 -9.13 26.25
CA LYS D 194 -7.07 -8.40 26.86
C LYS D 194 -5.78 -8.85 26.19
N SER D 195 -5.03 -7.86 25.71
CA SER D 195 -3.73 -8.11 25.10
C SER D 195 -2.72 -8.54 26.16
N ASP D 196 -3.02 -8.20 27.41
CA ASP D 196 -2.25 -8.57 28.61
C ASP D 196 -2.02 -10.08 28.81
N GLU D 197 -3.12 -10.84 28.88
CA GLU D 197 -3.14 -12.21 29.43
C GLU D 197 -2.08 -13.17 28.85
N GLN E 5 -35.40 23.78 -8.90
CA GLN E 5 -36.05 23.01 -7.79
C GLN E 5 -35.65 21.52 -7.76
N TYR E 6 -35.06 21.03 -8.84
CA TYR E 6 -34.49 19.68 -8.89
C TYR E 6 -32.98 19.74 -9.19
N PRO E 7 -32.19 18.84 -8.56
CA PRO E 7 -30.76 18.82 -8.84
C PRO E 7 -30.42 18.28 -10.21
N VAL E 8 -29.18 18.50 -10.66
CA VAL E 8 -28.67 18.01 -11.93
C VAL E 8 -28.63 16.47 -11.90
N ILE E 9 -28.08 15.92 -10.81
CA ILE E 9 -28.16 14.48 -10.53
C ILE E 9 -28.51 14.36 -9.05
N GLY E 10 -29.02 13.20 -8.63
CA GLY E 10 -29.39 13.03 -7.23
C GLY E 10 -30.82 13.36 -6.91
N ILE E 11 -31.66 13.40 -7.95
CA ILE E 11 -33.10 13.58 -7.79
C ILE E 11 -33.62 12.40 -6.98
N ASP E 12 -34.38 12.71 -5.93
CA ASP E 12 -34.93 11.72 -5.03
C ASP E 12 -35.75 10.66 -5.78
N ASP E 13 -35.56 9.39 -5.42
CA ASP E 13 -36.20 8.24 -6.08
C ASP E 13 -37.72 8.41 -6.10
N ASP E 14 -38.26 8.91 -4.99
CA ASP E 14 -39.69 9.23 -4.80
C ASP E 14 -40.31 10.19 -5.83
N GLU E 15 -39.48 11.04 -6.44
CA GLU E 15 -39.99 12.07 -7.36
C GLU E 15 -40.26 11.53 -8.76
N PHE E 16 -39.85 10.30 -9.02
CA PHE E 16 -40.12 9.65 -10.29
C PHE E 16 -41.39 8.82 -10.20
N ALA E 17 -42.26 8.95 -11.20
CA ALA E 17 -43.39 8.02 -11.34
C ALA E 17 -42.79 6.66 -11.68
N THR E 18 -43.07 5.67 -10.84
CA THR E 18 -42.41 4.37 -10.93
C THR E 18 -43.18 3.26 -10.23
N ALA E 19 -42.73 2.03 -10.45
CA ALA E 19 -43.25 0.86 -9.74
C ALA E 19 -42.18 0.30 -8.80
N LYS E 20 -42.59 -0.56 -7.88
CA LYS E 20 -41.67 -1.27 -6.97
C LYS E 20 -40.69 -2.15 -7.74
N LYS E 21 -39.40 -2.04 -7.37
CA LYS E 21 -38.26 -2.77 -7.98
C LYS E 21 -37.89 -2.33 -9.40
N LEU E 22 -38.52 -1.26 -9.89
CA LEU E 22 -38.28 -0.81 -11.26
C LEU E 22 -37.13 0.20 -11.36
N ILE E 23 -37.13 1.17 -10.45
CA ILE E 23 -36.22 2.31 -10.58
C ILE E 23 -34.74 1.88 -10.44
N THR E 24 -33.87 2.53 -11.21
CA THR E 24 -32.42 2.52 -10.92
C THR E 24 -32.28 3.51 -9.77
N LYS E 25 -32.01 3.00 -8.57
CA LYS E 25 -32.01 3.83 -7.35
C LYS E 25 -30.87 4.85 -7.40
N GLN E 26 -31.01 5.93 -6.61
CA GLN E 26 -30.17 7.14 -6.73
C GLN E 26 -28.64 6.93 -6.77
N GLU E 27 -28.12 6.16 -5.81
CA GLU E 27 -26.67 5.97 -5.67
C GLU E 27 -26.09 5.18 -6.84
N VAL E 28 -26.76 4.06 -7.15
CA VAL E 28 -26.39 3.22 -8.29
C VAL E 28 -26.56 4.01 -9.61
N ARG E 29 -27.62 4.82 -9.69
CA ARG E 29 -27.88 5.70 -10.86
C ARG E 29 -26.71 6.65 -11.07
N ALA E 30 -26.24 7.27 -9.99
CA ALA E 30 -25.05 8.14 -10.03
C ALA E 30 -23.79 7.42 -10.55
N VAL E 31 -23.52 6.21 -10.08
CA VAL E 31 -22.34 5.47 -10.52
C VAL E 31 -22.54 5.06 -11.98
N THR E 32 -23.76 4.65 -12.33
CA THR E 32 -24.06 4.28 -13.73
C THR E 32 -23.77 5.45 -14.68
N LEU E 33 -24.25 6.64 -14.31
CA LEU E 33 -23.98 7.85 -15.09
C LEU E 33 -22.50 8.16 -15.21
N SER E 34 -21.76 7.97 -14.11
CA SER E 34 -20.31 8.15 -14.09
CA SER E 34 -20.29 8.15 -14.08
C SER E 34 -19.60 7.20 -15.04
N LYS E 35 -20.05 5.95 -15.06
CA LYS E 35 -19.42 4.95 -15.92
C LYS E 35 -19.75 5.20 -17.38
N LEU E 36 -20.89 5.84 -17.62
CA LEU E 36 -21.28 6.20 -18.98
C LEU E 36 -20.38 7.26 -19.66
N ARG E 37 -19.45 7.88 -18.93
CA ARG E 37 -18.42 8.79 -19.50
C ARG E 37 -19.04 9.87 -20.36
N LEU E 38 -20.05 10.54 -19.81
CA LEU E 38 -20.86 11.46 -20.58
C LEU E 38 -20.11 12.76 -20.83
N GLN E 39 -20.16 13.23 -22.08
CA GLN E 39 -19.82 14.61 -22.36
C GLN E 39 -20.90 15.19 -23.26
N ASP E 40 -20.94 16.49 -23.38
CA ASP E 40 -22.03 17.11 -24.12
C ASP E 40 -21.96 16.81 -25.61
N ASP E 41 -23.10 16.94 -26.30
CA ASP E 41 -23.23 16.73 -27.77
C ASP E 41 -23.27 15.28 -28.23
N LEU E 42 -23.45 14.34 -27.31
CA LEU E 42 -23.45 12.91 -27.66
C LEU E 42 -24.84 12.35 -27.93
N VAL E 43 -24.89 11.24 -28.66
CA VAL E 43 -26.12 10.47 -28.81
C VAL E 43 -26.09 9.27 -27.85
N MET E 44 -27.09 9.18 -26.99
CA MET E 44 -27.25 8.04 -26.06
C MET E 44 -28.56 7.29 -26.29
N TRP E 45 -28.50 5.96 -26.30
CA TRP E 45 -29.70 5.16 -26.19
C TRP E 45 -29.85 4.60 -24.76
N ASP E 46 -31.08 4.58 -24.26
CA ASP E 46 -31.42 3.98 -22.96
C ASP E 46 -32.45 2.88 -23.24
N ILE E 47 -31.96 1.64 -23.27
CA ILE E 47 -32.77 0.49 -23.61
C ILE E 47 -33.43 -0.12 -22.38
N GLY E 48 -34.76 -0.25 -22.44
CA GLY E 48 -35.55 -0.72 -21.30
C GLY E 48 -35.57 0.36 -20.24
N ALA E 49 -36.04 1.55 -20.63
CA ALA E 49 -35.98 2.77 -19.80
C ALA E 49 -36.62 2.71 -18.41
N GLY E 50 -37.67 1.91 -18.25
CA GLY E 50 -38.40 1.83 -16.98
C GLY E 50 -39.17 3.11 -16.70
N SER E 51 -38.65 3.91 -15.75
CA SER E 51 -39.18 5.26 -15.44
C SER E 51 -38.33 6.35 -16.07
N ALA E 52 -37.29 5.95 -16.81
CA ALA E 52 -36.37 6.85 -17.50
C ALA E 52 -35.54 7.76 -16.58
N SER E 53 -35.36 7.35 -15.33
CA SER E 53 -34.53 8.11 -14.38
C SER E 53 -33.10 8.26 -14.84
N VAL E 54 -32.57 7.22 -15.50
CA VAL E 54 -31.22 7.28 -16.08
C VAL E 54 -31.16 8.26 -17.26
N SER E 55 -32.16 8.18 -18.15
CA SER E 55 -32.27 9.09 -19.30
C SER E 55 -32.38 10.55 -18.86
N ILE E 56 -33.14 10.79 -17.80
CA ILE E 56 -33.41 12.15 -17.30
C ILE E 56 -32.15 12.80 -16.71
N GLU E 57 -31.45 12.06 -15.86
CA GLU E 57 -30.26 12.62 -15.25
C GLU E 57 -29.11 12.77 -16.24
N ALA E 58 -29.02 11.83 -17.18
CA ALA E 58 -28.11 11.94 -18.31
C ALA E 58 -28.40 13.20 -19.16
N SER E 59 -29.69 13.52 -19.31
CA SER E 59 -30.13 14.71 -20.05
C SER E 59 -29.68 16.01 -19.41
N ASN E 60 -29.68 16.05 -18.08
CA ASN E 60 -29.10 17.16 -17.34
C ASN E 60 -27.59 17.27 -17.54
N LEU E 61 -26.93 16.13 -17.68
CA LEU E 61 -25.48 16.10 -17.87
C LEU E 61 -25.08 16.44 -19.30
N MET E 62 -25.98 16.18 -20.26
CA MET E 62 -25.76 16.51 -21.67
C MET E 62 -26.92 17.35 -22.20
N PRO E 63 -26.95 18.66 -21.89
CA PRO E 63 -28.07 19.50 -22.34
C PRO E 63 -28.16 19.63 -23.88
N ASN E 64 -27.00 19.66 -24.54
CA ASN E 64 -26.92 19.68 -26.01
C ASN E 64 -26.75 18.29 -26.61
N GLY E 65 -26.81 17.26 -25.77
CA GLY E 65 -26.77 15.88 -26.25
C GLY E 65 -28.18 15.41 -26.50
N ARG E 66 -28.31 14.23 -27.12
CA ARG E 66 -29.62 13.68 -27.52
C ARG E 66 -29.78 12.26 -27.01
N ILE E 67 -30.85 12.02 -26.24
CA ILE E 67 -31.12 10.73 -25.60
C ILE E 67 -32.38 10.07 -26.15
N PHE E 68 -32.29 8.78 -26.46
CA PHE E 68 -33.44 8.03 -26.92
C PHE E 68 -33.76 6.93 -25.91
N ALA E 69 -34.95 7.02 -25.33
CA ALA E 69 -35.39 6.11 -24.29
C ALA E 69 -36.41 5.12 -24.85
N LEU E 70 -36.02 3.85 -24.92
CA LEU E 70 -36.87 2.79 -25.43
C LEU E 70 -37.56 2.03 -24.30
N GLU E 71 -38.87 1.85 -24.45
CA GLU E 71 -39.71 1.09 -23.54
C GLU E 71 -40.97 0.64 -24.30
N ARG E 72 -41.55 -0.50 -23.94
CA ARG E 72 -42.80 -0.96 -24.60
C ARG E 72 -43.91 -1.36 -23.62
N ASN E 73 -43.57 -1.47 -22.34
CA ASN E 73 -44.56 -1.70 -21.30
C ASN E 73 -45.41 -0.44 -21.22
N PRO E 74 -46.74 -0.56 -21.49
CA PRO E 74 -47.65 0.58 -21.60
C PRO E 74 -47.75 1.40 -20.32
N GLN E 75 -47.70 0.70 -19.18
CA GLN E 75 -47.70 1.32 -17.85
C GLN E 75 -46.43 2.18 -17.68
N TYR E 76 -45.29 1.64 -18.09
CA TYR E 76 -44.00 2.31 -17.90
C TYR E 76 -43.87 3.48 -18.88
N LEU E 77 -44.50 3.36 -20.05
CA LEU E 77 -44.53 4.45 -21.02
C LEU E 77 -45.30 5.64 -20.46
N GLY E 78 -46.30 5.34 -19.62
CA GLY E 78 -47.03 6.38 -18.88
C GLY E 78 -46.15 7.09 -17.88
N PHE E 79 -45.35 6.31 -17.13
CA PHE E 79 -44.37 6.83 -16.16
C PHE E 79 -43.39 7.77 -16.85
N ILE E 80 -42.82 7.30 -17.97
CA ILE E 80 -41.83 8.08 -18.72
C ILE E 80 -42.41 9.37 -19.27
N ARG E 81 -43.65 9.31 -19.79
CA ARG E 81 -44.31 10.51 -20.32
C ARG E 81 -44.55 11.54 -19.22
N ASP E 82 -44.98 11.08 -18.05
CA ASP E 82 -45.10 11.92 -16.86
C ASP E 82 -43.77 12.55 -16.45
N ASN E 83 -42.74 11.70 -16.33
CA ASN E 83 -41.42 12.11 -15.86
C ASN E 83 -40.71 13.06 -16.80
N LEU E 84 -40.79 12.80 -18.11
CA LEU E 84 -40.18 13.73 -19.09
C LEU E 84 -40.81 15.13 -19.03
N LYS E 85 -42.11 15.18 -18.75
CA LYS E 85 -42.85 16.43 -18.59
C LYS E 85 -42.51 17.12 -17.26
N LYS E 86 -42.51 16.36 -16.17
CA LYS E 86 -42.20 16.85 -14.82
C LYS E 86 -40.78 17.46 -14.72
N PHE E 87 -39.80 16.79 -15.31
CA PHE E 87 -38.40 17.19 -15.16
C PHE E 87 -37.86 18.05 -16.29
N VAL E 88 -38.73 18.27 -17.30
CA VAL E 88 -38.42 19.06 -18.50
C VAL E 88 -37.18 18.52 -19.24
N ALA E 89 -37.24 17.23 -19.59
CA ALA E 89 -36.15 16.56 -20.29
C ALA E 89 -36.45 16.55 -21.79
N ARG E 90 -36.22 17.71 -22.43
CA ARG E 90 -36.68 17.95 -23.81
C ARG E 90 -35.81 17.21 -24.81
N ASN E 91 -34.54 17.02 -24.44
CA ASN E 91 -33.59 16.32 -25.30
C ASN E 91 -33.65 14.80 -25.17
N VAL E 92 -34.70 14.30 -24.49
CA VAL E 92 -35.03 12.88 -24.44
C VAL E 92 -36.23 12.57 -25.32
N THR E 93 -36.03 11.66 -26.27
CA THR E 93 -37.09 11.20 -27.15
C THR E 93 -37.55 9.80 -26.73
N LEU E 94 -38.81 9.71 -26.32
CA LEU E 94 -39.39 8.43 -25.96
C LEU E 94 -39.70 7.63 -27.23
N VAL E 95 -39.22 6.38 -27.26
CA VAL E 95 -39.39 5.48 -28.39
C VAL E 95 -40.11 4.23 -27.91
N GLU E 96 -41.33 4.04 -28.41
CA GLU E 96 -42.18 2.93 -28.04
C GLU E 96 -41.77 1.67 -28.82
N ALA E 97 -40.98 0.81 -28.19
CA ALA E 97 -40.32 -0.33 -28.85
C ALA E 97 -39.73 -1.33 -27.86
N PHE E 98 -39.66 -2.60 -28.25
CA PHE E 98 -38.86 -3.58 -27.53
C PHE E 98 -37.61 -3.91 -28.33
N ALA E 99 -36.47 -3.39 -27.89
CA ALA E 99 -35.19 -3.59 -28.55
C ALA E 99 -34.90 -5.07 -28.78
N PRO E 100 -34.25 -5.42 -29.92
CA PRO E 100 -33.61 -4.59 -30.94
C PRO E 100 -34.54 -4.01 -32.02
N GLU E 101 -35.81 -4.35 -31.97
CA GLU E 101 -36.86 -3.70 -32.77
C GLU E 101 -36.96 -2.23 -32.31
N GLY E 102 -36.90 -1.30 -33.26
CA GLY E 102 -37.01 0.12 -32.96
C GLY E 102 -35.68 0.84 -32.86
N LEU E 103 -34.58 0.14 -33.12
CA LEU E 103 -33.24 0.74 -33.11
C LEU E 103 -32.77 1.26 -34.47
N ASP E 104 -33.32 0.70 -35.54
CA ASP E 104 -32.91 1.00 -36.91
C ASP E 104 -33.09 2.48 -37.25
N ASP E 105 -34.18 3.06 -36.77
CA ASP E 105 -34.54 4.44 -37.09
C ASP E 105 -33.79 5.49 -36.29
N LEU E 106 -33.07 5.03 -35.26
CA LEU E 106 -32.34 5.91 -34.35
C LEU E 106 -30.98 6.33 -34.94
N PRO E 107 -30.48 7.50 -34.55
CA PRO E 107 -29.12 7.90 -34.91
C PRO E 107 -28.06 7.00 -34.25
N ASP E 108 -26.90 6.87 -34.89
CA ASP E 108 -25.79 6.10 -34.33
C ASP E 108 -25.42 6.64 -32.94
N PRO E 109 -25.36 5.74 -31.93
CA PRO E 109 -25.13 6.13 -30.53
C PRO E 109 -23.65 6.20 -30.14
N ASP E 110 -23.32 7.19 -29.35
CA ASP E 110 -22.02 7.23 -28.69
C ASP E 110 -22.06 6.46 -27.37
N ARG E 111 -23.25 6.43 -26.76
CA ARG E 111 -23.46 5.80 -25.43
C ARG E 111 -24.71 4.95 -25.42
N VAL E 112 -24.64 3.75 -24.85
CA VAL E 112 -25.83 2.94 -24.69
C VAL E 112 -25.95 2.42 -23.25
N PHE E 113 -27.07 2.72 -22.61
CA PHE E 113 -27.39 2.07 -21.33
C PHE E 113 -28.41 0.97 -21.52
N ILE E 114 -28.04 -0.26 -21.16
CA ILE E 114 -29.02 -1.32 -21.14
C ILE E 114 -29.54 -1.58 -19.74
N GLY E 115 -30.75 -1.09 -19.48
CA GLY E 115 -31.37 -1.19 -18.17
C GLY E 115 -32.30 -2.38 -18.09
N GLY E 116 -32.80 -2.83 -19.24
CA GLY E 116 -33.67 -3.99 -19.30
C GLY E 116 -33.57 -4.64 -20.68
N SER E 117 -33.42 -5.96 -20.69
CA SER E 117 -33.25 -6.72 -21.94
C SER E 117 -34.48 -7.44 -22.48
N GLY E 118 -35.46 -7.69 -21.61
CA GLY E 118 -36.65 -8.46 -22.00
C GLY E 118 -36.33 -9.83 -22.58
N GLY E 119 -35.23 -10.42 -22.11
CA GLY E 119 -34.75 -11.71 -22.61
C GLY E 119 -34.07 -11.67 -23.97
N MET E 120 -33.91 -10.47 -24.51
CA MET E 120 -33.29 -10.29 -25.81
C MET E 120 -31.85 -9.78 -25.72
N LEU E 121 -31.15 -10.12 -24.64
CA LEU E 121 -29.83 -9.54 -24.36
C LEU E 121 -28.80 -9.71 -25.48
N GLU E 122 -28.62 -10.94 -25.95
CA GLU E 122 -27.70 -11.24 -27.07
C GLU E 122 -28.02 -10.45 -28.34
N GLU E 123 -29.30 -10.38 -28.68
CA GLU E 123 -29.75 -9.69 -29.89
C GLU E 123 -29.55 -8.19 -29.73
N ILE E 124 -29.84 -7.65 -28.54
CA ILE E 124 -29.58 -6.25 -28.23
C ILE E 124 -28.09 -5.92 -28.32
N ILE E 125 -27.24 -6.73 -27.70
CA ILE E 125 -25.79 -6.51 -27.79
C ILE E 125 -25.26 -6.54 -29.23
N ASP E 126 -25.73 -7.53 -30.01
CA ASP E 126 -25.38 -7.63 -31.43
C ASP E 126 -25.78 -6.39 -32.23
N ALA E 127 -27.04 -5.99 -32.10
CA ALA E 127 -27.53 -4.77 -32.74
C ALA E 127 -26.71 -3.53 -32.36
N VAL E 128 -26.54 -3.30 -31.06
CA VAL E 128 -25.75 -2.17 -30.54
C VAL E 128 -24.32 -2.15 -31.06
N ASP E 129 -23.67 -3.31 -31.09
CA ASP E 129 -22.27 -3.39 -31.54
C ASP E 129 -22.07 -2.89 -32.97
N ARG E 130 -22.98 -3.30 -33.86
CA ARG E 130 -22.94 -2.89 -35.27
C ARG E 130 -23.12 -1.39 -35.45
N ARG E 131 -23.74 -0.74 -34.46
CA ARG E 131 -24.15 0.65 -34.57
C ARG E 131 -23.30 1.64 -33.79
N LEU E 132 -22.63 1.17 -32.74
CA LEU E 132 -21.92 2.06 -31.79
C LEU E 132 -20.76 2.83 -32.42
N LYS E 133 -20.76 4.14 -32.20
CA LYS E 133 -19.74 5.04 -32.74
C LYS E 133 -18.35 4.77 -32.16
N SER E 134 -17.32 5.25 -32.86
CA SER E 134 -15.95 5.22 -32.37
C SER E 134 -15.88 5.84 -30.98
N GLU E 135 -15.07 5.24 -30.11
CA GLU E 135 -14.93 5.66 -28.70
C GLU E 135 -16.24 5.60 -27.90
N GLY E 136 -17.15 4.75 -28.37
CA GLY E 136 -18.45 4.54 -27.73
C GLY E 136 -18.34 3.70 -26.46
N VAL E 137 -19.35 3.81 -25.60
CA VAL E 137 -19.39 3.10 -24.30
C VAL E 137 -20.77 2.48 -24.06
N ILE E 138 -20.79 1.18 -23.77
CA ILE E 138 -22.01 0.47 -23.36
C ILE E 138 -21.94 0.27 -21.83
N VAL E 139 -23.03 0.58 -21.13
CA VAL E 139 -23.19 0.28 -19.68
C VAL E 139 -24.47 -0.56 -19.47
N LEU E 140 -24.36 -1.61 -18.65
CA LEU E 140 -25.52 -2.41 -18.27
CA LEU E 140 -25.50 -2.43 -18.29
C LEU E 140 -25.53 -2.60 -16.78
N ASN E 141 -26.71 -2.72 -16.20
CA ASN E 141 -26.83 -3.01 -14.79
C ASN E 141 -27.46 -4.38 -14.66
N ALA E 142 -26.75 -5.29 -14.01
CA ALA E 142 -27.19 -6.68 -13.80
C ALA E 142 -27.40 -6.98 -12.32
N VAL E 143 -28.48 -7.71 -12.03
CA VAL E 143 -28.77 -8.14 -10.66
C VAL E 143 -28.80 -9.65 -10.54
N THR E 144 -28.94 -10.32 -11.68
CA THR E 144 -28.94 -11.77 -11.67
C THR E 144 -27.58 -12.25 -12.14
N LEU E 145 -27.23 -13.47 -11.74
CA LEU E 145 -26.01 -14.10 -12.16
C LEU E 145 -26.06 -14.40 -13.67
N ASP E 146 -27.22 -14.81 -14.17
CA ASP E 146 -27.37 -15.15 -15.58
C ASP E 146 -27.13 -13.97 -16.52
N THR E 147 -27.70 -12.80 -16.20
CA THR E 147 -27.46 -11.57 -16.94
C THR E 147 -25.99 -11.14 -16.85
N LEU E 148 -25.41 -11.20 -15.65
CA LEU E 148 -24.00 -10.87 -15.47
C LEU E 148 -23.13 -11.72 -16.39
N THR E 149 -23.35 -13.04 -16.35
CA THR E 149 -22.60 -14.03 -17.10
C THR E 149 -22.68 -13.79 -18.61
N LYS E 150 -23.91 -13.74 -19.13
CA LYS E 150 -24.16 -13.62 -20.55
C LYS E 150 -23.69 -12.29 -21.10
N ALA E 151 -23.95 -11.19 -20.37
CA ALA E 151 -23.48 -9.87 -20.79
C ALA E 151 -21.97 -9.84 -21.00
N VAL E 152 -21.22 -10.30 -19.99
CA VAL E 152 -19.76 -10.33 -20.10
C VAL E 152 -19.32 -11.18 -21.28
N GLU E 153 -19.89 -12.38 -21.42
CA GLU E 153 -19.63 -13.26 -22.57
C GLU E 153 -19.88 -12.59 -23.92
N PHE E 154 -21.09 -12.05 -24.11
CA PHE E 154 -21.49 -11.44 -25.40
C PHE E 154 -20.65 -10.21 -25.77
N LEU E 155 -20.33 -9.39 -24.77
CA LEU E 155 -19.44 -8.24 -24.97
C LEU E 155 -17.99 -8.61 -25.26
N GLU E 156 -17.47 -9.64 -24.59
CA GLU E 156 -16.12 -10.13 -24.88
C GLU E 156 -16.05 -10.82 -26.26
N ASP E 157 -17.13 -11.49 -26.65
CA ASP E 157 -17.29 -12.06 -28.01
C ASP E 157 -17.14 -11.01 -29.11
N HIS E 158 -17.69 -9.81 -28.86
CA HIS E 158 -17.62 -8.69 -29.81
CA HIS E 158 -17.60 -8.72 -29.82
C HIS E 158 -16.34 -7.87 -29.65
N GLY E 159 -15.41 -8.36 -28.81
CA GLY E 159 -14.11 -7.73 -28.63
C GLY E 159 -14.01 -6.49 -27.76
N TYR E 160 -14.97 -6.29 -26.87
CA TYR E 160 -14.95 -5.14 -25.95
C TYR E 160 -14.08 -5.42 -24.73
N MET E 161 -13.45 -4.37 -24.23
CA MET E 161 -12.88 -4.42 -22.89
CA MET E 161 -12.87 -4.37 -22.89
C MET E 161 -14.04 -4.24 -21.92
N VAL E 162 -14.08 -5.08 -20.88
CA VAL E 162 -15.24 -5.11 -19.99
C VAL E 162 -14.83 -4.99 -18.52
N GLU E 163 -15.36 -3.99 -17.83
CA GLU E 163 -15.15 -3.85 -16.38
C GLU E 163 -16.46 -4.13 -15.68
N VAL E 164 -16.43 -4.97 -14.63
CA VAL E 164 -17.61 -5.19 -13.80
C VAL E 164 -17.36 -4.59 -12.42
N ALA E 165 -18.20 -3.64 -12.02
CA ALA E 165 -18.16 -3.06 -10.67
C ALA E 165 -19.39 -3.51 -9.87
N CYS E 166 -19.16 -4.19 -8.74
CA CYS E 166 -20.26 -4.60 -7.90
C CYS E 166 -20.44 -3.56 -6.80
N VAL E 167 -21.63 -2.97 -6.73
CA VAL E 167 -21.87 -1.84 -5.83
C VAL E 167 -22.88 -2.26 -4.77
N ASN E 168 -22.47 -2.14 -3.51
CA ASN E 168 -23.27 -2.54 -2.36
C ASN E 168 -23.50 -1.28 -1.58
N VAL E 169 -24.77 -0.98 -1.30
CA VAL E 169 -25.14 0.21 -0.55
C VAL E 169 -25.97 -0.18 0.68
N ALA E 170 -25.55 0.23 1.88
CA ALA E 170 -26.39 0.05 3.07
C ALA E 170 -26.65 1.43 3.70
N LYS E 171 -27.92 1.75 3.97
CA LYS E 171 -28.34 3.07 4.44
C LYS E 171 -29.10 3.09 5.76
N THR E 172 -28.88 4.14 6.54
CA THR E 172 -29.75 4.51 7.63
C THR E 172 -30.77 5.50 7.09
N LYS E 173 -32.01 5.27 7.47
CA LYS E 173 -33.12 6.19 7.27
C LYS E 173 -32.83 7.44 8.08
N GLY E 174 -33.19 7.42 9.37
CA GLY E 174 -33.73 8.59 10.03
C GLY E 174 -33.48 8.90 11.51
N LEU E 175 -33.70 7.95 12.42
CA LEU E 175 -33.09 8.16 13.72
C LEU E 175 -31.56 8.14 13.67
N THR E 176 -31.02 7.45 12.67
CA THR E 176 -29.59 7.34 12.47
C THR E 176 -28.75 6.45 13.35
N GLU E 177 -28.51 6.83 14.59
CA GLU E 177 -27.78 5.93 15.47
C GLU E 177 -28.58 4.77 16.07
N TYR E 178 -29.88 4.95 16.21
CA TYR E 178 -30.74 3.96 16.86
C TYR E 178 -31.42 3.10 15.81
N LYS E 179 -30.73 2.95 14.69
CA LYS E 179 -31.36 2.62 13.41
C LYS E 179 -30.46 1.74 12.56
N MET E 180 -30.90 0.52 12.30
CA MET E 180 -30.12 -0.47 11.58
C MET E 180 -29.82 0.01 10.15
N PHE E 181 -28.64 -0.35 9.63
CA PHE E 181 -28.35 -0.16 8.21
C PHE E 181 -29.17 -1.16 7.44
N GLU E 182 -29.87 -0.67 6.43
CA GLU E 182 -30.61 -1.56 5.54
C GLU E 182 -29.91 -1.63 4.20
N SER E 183 -29.54 -2.85 3.78
CA SER E 183 -28.78 -3.08 2.55
C SER E 183 -29.69 -3.16 1.34
N HIS E 184 -29.29 -2.51 0.23
CA HIS E 184 -29.90 -2.78 -1.05
C HIS E 184 -29.26 -4.05 -1.56
N ASN E 185 -29.95 -4.75 -2.46
CA ASN E 185 -29.34 -5.85 -3.20
C ASN E 185 -28.15 -5.32 -4.00
N PRO E 186 -27.11 -6.18 -4.21
CA PRO E 186 -25.93 -5.69 -4.94
C PRO E 186 -26.30 -5.43 -6.40
N VAL E 187 -25.64 -4.42 -6.98
CA VAL E 187 -25.78 -4.19 -8.42
C VAL E 187 -24.43 -4.31 -9.17
N TYR E 188 -24.42 -5.12 -10.21
CA TYR E 188 -23.23 -5.24 -11.05
C TYR E 188 -23.36 -4.23 -12.21
N ILE E 189 -22.51 -3.21 -12.21
CA ILE E 189 -22.47 -2.21 -13.32
C ILE E 189 -21.36 -2.61 -14.26
N ILE E 190 -21.76 -3.02 -15.46
CA ILE E 190 -20.84 -3.57 -16.43
C ILE E 190 -20.57 -2.48 -17.47
N THR E 191 -19.30 -2.08 -17.63
CA THR E 191 -18.92 -1.02 -18.59
C THR E 191 -18.03 -1.61 -19.68
N ALA E 192 -18.42 -1.38 -20.95
CA ALA E 192 -17.75 -1.94 -22.11
C ALA E 192 -17.34 -0.85 -23.11
N TRP E 193 -16.13 -0.97 -23.66
CA TRP E 193 -15.58 -0.03 -24.64
C TRP E 193 -14.45 -0.70 -25.45
N LYS E 194 -14.09 -0.13 -26.59
CA LYS E 194 -12.99 -0.64 -27.41
C LYS E 194 -11.69 0.10 -27.06
N SER E 195 -10.62 -0.67 -26.85
CA SER E 195 -9.33 -0.13 -26.40
C SER E 195 -8.64 0.72 -27.47
N GLN F 5 34.48 23.50 24.98
CA GLN F 5 33.13 22.89 25.11
C GLN F 5 32.71 22.09 23.88
N TYR F 6 32.13 20.92 24.13
CA TYR F 6 31.71 19.99 23.09
C TYR F 6 30.23 19.73 23.23
N PRO F 7 29.55 19.38 22.11
CA PRO F 7 28.13 19.08 22.23
C PRO F 7 27.85 17.75 22.93
N VAL F 8 26.59 17.57 23.33
CA VAL F 8 26.13 16.38 24.04
C VAL F 8 26.24 15.17 23.13
N ILE F 9 25.65 15.29 21.93
CA ILE F 9 25.93 14.36 20.84
C ILE F 9 26.28 15.16 19.59
N GLY F 10 26.94 14.51 18.63
CA GLY F 10 27.32 15.17 17.39
C GLY F 10 28.64 15.87 17.46
N ILE F 11 29.55 15.30 18.25
CA ILE F 11 30.93 15.71 18.26
C ILE F 11 31.51 15.39 16.87
N ASP F 12 32.19 16.37 16.27
CA ASP F 12 32.80 16.20 14.95
C ASP F 12 33.74 15.00 14.94
N ASP F 13 33.69 14.20 13.87
CA ASP F 13 34.54 13.01 13.73
C ASP F 13 36.04 13.34 13.83
N ASP F 14 36.43 14.49 13.27
CA ASP F 14 37.81 14.96 13.31
C ASP F 14 38.32 15.35 14.70
N GLU F 15 37.42 15.39 15.68
CA GLU F 15 37.80 15.71 17.05
C GLU F 15 38.33 14.50 17.82
N PHE F 16 38.02 13.32 17.31
CA PHE F 16 38.44 12.06 17.93
C PHE F 16 39.77 11.59 17.35
N ALA F 17 40.69 11.17 18.22
CA ALA F 17 41.85 10.40 17.79
C ALA F 17 41.32 9.12 17.17
N THR F 18 41.72 8.85 15.93
CA THR F 18 41.15 7.71 15.20
C THR F 18 42.02 7.27 14.02
N ALA F 19 41.63 6.15 13.41
CA ALA F 19 42.20 5.70 12.16
C ALA F 19 41.14 5.77 11.06
N LYS F 20 41.59 5.71 9.81
CA LYS F 20 40.72 5.67 8.65
C LYS F 20 39.85 4.42 8.70
N LYS F 21 38.55 4.63 8.48
CA LYS F 21 37.51 3.58 8.41
C LYS F 21 37.12 2.96 9.76
N LEU F 22 37.72 3.47 10.85
CA LEU F 22 37.46 2.96 12.18
C LEU F 22 36.27 3.63 12.87
N ILE F 23 36.26 4.96 12.90
CA ILE F 23 35.26 5.67 13.68
C ILE F 23 33.82 5.32 13.23
N THR F 24 32.93 5.14 14.18
CA THR F 24 31.50 5.15 13.89
C THR F 24 31.23 6.62 13.63
N LYS F 25 30.96 6.94 12.36
CA LYS F 25 30.84 8.33 11.92
C LYS F 25 29.62 9.00 12.55
N GLN F 26 29.67 10.32 12.66
CA GLN F 26 28.74 11.14 13.45
C GLN F 26 27.23 10.86 13.28
N GLU F 27 26.82 10.77 12.02
CA GLU F 27 25.42 10.57 11.66
C GLU F 27 24.95 9.18 12.02
N VAL F 28 25.72 8.17 11.63
CA VAL F 28 25.42 6.78 11.97
C VAL F 28 25.52 6.54 13.52
N ARG F 29 26.44 7.26 14.15
CA ARG F 29 26.61 7.20 15.61
C ARG F 29 25.32 7.64 16.30
N ALA F 30 24.73 8.76 15.84
CA ALA F 30 23.49 9.25 16.43
C ALA F 30 22.33 8.29 16.23
N VAL F 31 22.23 7.67 15.04
CA VAL F 31 21.20 6.65 14.80
C VAL F 31 21.43 5.44 15.73
N THR F 32 22.67 4.99 15.83
CA THR F 32 23.05 3.86 16.69
C THR F 32 22.65 4.13 18.14
N LEU F 33 22.94 5.34 18.62
CA LEU F 33 22.59 5.77 19.98
C LEU F 33 21.08 5.84 20.18
N SER F 34 20.36 6.25 19.13
CA SER F 34 18.90 6.31 19.14
CA SER F 34 18.91 6.31 19.18
C SER F 34 18.34 4.90 19.28
N LYS F 35 18.94 3.96 18.55
CA LYS F 35 18.50 2.56 18.57
C LYS F 35 18.91 1.81 19.84
N LEU F 36 19.87 2.39 20.58
CA LEU F 36 20.26 1.81 21.87
C LEU F 36 19.30 2.13 22.99
N ARG F 37 18.36 3.05 22.75
CA ARG F 37 17.22 3.28 23.67
C ARG F 37 17.73 3.61 25.08
N LEU F 38 18.64 4.58 25.15
CA LEU F 38 19.32 4.93 26.38
C LEU F 38 18.47 5.75 27.35
N GLN F 39 18.63 5.46 28.65
CA GLN F 39 18.11 6.31 29.70
C GLN F 39 19.15 6.27 30.81
N ASP F 40 19.12 7.25 31.70
CA ASP F 40 20.12 7.33 32.77
C ASP F 40 20.16 6.06 33.64
N ASP F 41 21.30 5.85 34.29
CA ASP F 41 21.50 4.78 35.29
C ASP F 41 21.69 3.36 34.74
N LEU F 42 21.83 3.20 33.43
CA LEU F 42 22.01 1.85 32.87
C LEU F 42 23.47 1.42 32.78
N VAL F 43 23.67 0.13 32.59
CA VAL F 43 24.98 -0.42 32.30
C VAL F 43 25.08 -0.78 30.81
N MET F 44 26.05 -0.16 30.12
CA MET F 44 26.30 -0.42 28.70
C MET F 44 27.67 -1.05 28.49
N TRP F 45 27.73 -2.12 27.69
CA TRP F 45 28.97 -2.63 27.13
C TRP F 45 29.12 -2.16 25.68
N ASP F 46 30.31 -1.63 25.36
CA ASP F 46 30.70 -1.27 23.99
C ASP F 46 31.83 -2.20 23.52
N ILE F 47 31.44 -3.23 22.77
CA ILE F 47 32.36 -4.29 22.37
C ILE F 47 33.05 -3.98 21.03
N GLY F 48 34.39 -3.93 21.05
CA GLY F 48 35.17 -3.50 19.89
C GLY F 48 34.99 -2.01 19.74
N ALA F 49 35.33 -1.28 20.80
CA ALA F 49 35.04 0.16 20.92
C ALA F 49 35.69 1.07 19.88
N GLY F 50 36.83 0.68 19.33
CA GLY F 50 37.46 1.45 18.27
C GLY F 50 38.10 2.72 18.79
N SER F 51 37.49 3.86 18.52
CA SER F 51 37.91 5.13 19.15
C SER F 51 37.08 5.51 20.36
N ALA F 52 36.10 4.65 20.67
CA ALA F 52 35.16 4.87 21.77
C ALA F 52 34.19 6.04 21.58
N SER F 53 33.95 6.48 20.35
CA SER F 53 33.03 7.62 20.10
C SER F 53 31.60 7.31 20.53
N VAL F 54 31.20 6.05 20.40
CA VAL F 54 29.86 5.63 20.78
C VAL F 54 29.72 5.63 22.30
N SER F 55 30.71 5.06 22.98
CA SER F 55 30.81 5.15 24.47
C SER F 55 30.77 6.57 25.00
N ILE F 56 31.57 7.45 24.40
CA ILE F 56 31.69 8.84 24.85
C ILE F 56 30.39 9.65 24.71
N GLU F 57 29.70 9.56 23.58
CA GLU F 57 28.40 10.24 23.49
C GLU F 57 27.32 9.54 24.33
N ALA F 58 27.38 8.21 24.41
CA ALA F 58 26.48 7.47 25.31
C ALA F 58 26.63 7.90 26.78
N SER F 59 27.87 8.22 27.18
CA SER F 59 28.15 8.73 28.52
C SER F 59 27.56 10.11 28.80
N ASN F 60 27.41 10.93 27.75
CA ASN F 60 26.73 12.23 27.87
C ASN F 60 25.21 12.07 28.05
N LEU F 61 24.67 11.03 27.43
CA LEU F 61 23.23 10.72 27.53
C LEU F 61 22.88 10.06 28.87
N MET F 62 23.85 9.40 29.49
CA MET F 62 23.65 8.66 30.73
C MET F 62 24.72 9.06 31.75
N PRO F 63 24.59 10.26 32.35
CA PRO F 63 25.66 10.73 33.21
C PRO F 63 25.86 9.84 34.46
N ASN F 64 24.77 9.24 34.92
CA ASN F 64 24.81 8.37 36.08
C ASN F 64 24.84 6.89 35.69
N GLY F 65 24.95 6.64 34.37
CA GLY F 65 25.17 5.30 33.85
C GLY F 65 26.63 4.88 33.90
N ARG F 66 26.90 3.60 33.64
CA ARG F 66 28.27 3.08 33.58
CA ARG F 66 28.28 3.12 33.55
C ARG F 66 28.50 2.35 32.26
N ILE F 67 29.46 2.83 31.48
CA ILE F 67 29.77 2.25 30.18
C ILE F 67 31.12 1.56 30.20
N PHE F 68 31.19 0.36 29.67
CA PHE F 68 32.44 -0.38 29.57
C PHE F 68 32.88 -0.58 28.12
N ALA F 69 33.95 0.12 27.75
CA ALA F 69 34.50 0.08 26.39
C ALA F 69 35.59 -0.99 26.27
N LEU F 70 35.30 -2.02 25.49
CA LEU F 70 36.23 -3.12 25.27
C LEU F 70 36.95 -3.06 23.95
N GLU F 71 38.28 -3.22 24.00
CA GLU F 71 39.11 -3.12 22.81
C GLU F 71 40.41 -3.94 22.92
N ARG F 72 40.76 -4.63 21.84
CA ARG F 72 41.90 -5.54 21.81
C ARG F 72 43.15 -4.91 21.19
N ASN F 73 42.92 -4.11 20.15
CA ASN F 73 43.97 -3.50 19.34
C ASN F 73 44.70 -2.40 20.13
N PRO F 74 46.03 -2.60 20.36
CA PRO F 74 46.90 -1.64 21.06
C PRO F 74 46.86 -0.22 20.50
N GLN F 75 46.78 -0.07 19.18
CA GLN F 75 46.65 1.25 18.57
C GLN F 75 45.34 1.92 18.98
N TYR F 76 44.27 1.14 18.98
CA TYR F 76 42.95 1.66 19.28
C TYR F 76 42.83 2.00 20.76
N LEU F 77 43.48 1.21 21.60
CA LEU F 77 43.58 1.49 23.03
C LEU F 77 44.20 2.85 23.29
N GLY F 78 45.21 3.18 22.50
CA GLY F 78 45.84 4.50 22.56
C GLY F 78 44.88 5.61 22.19
N PHE F 79 44.09 5.41 21.13
CA PHE F 79 43.04 6.37 20.75
C PHE F 79 42.02 6.56 21.87
N ILE F 80 41.60 5.45 22.47
CA ILE F 80 40.56 5.50 23.51
C ILE F 80 41.05 6.27 24.75
N ARG F 81 42.28 5.97 25.18
CA ARG F 81 42.91 6.67 26.30
C ARG F 81 42.95 8.18 26.05
N ASP F 82 43.34 8.56 24.84
CA ASP F 82 43.36 9.96 24.41
C ASP F 82 41.98 10.61 24.45
N ASN F 83 40.99 9.90 23.92
CA ASN F 83 39.65 10.46 23.77
C ASN F 83 38.89 10.57 25.10
N LEU F 84 39.06 9.59 25.98
CA LEU F 84 38.42 9.61 27.30
C LEU F 84 38.90 10.79 28.13
N LYS F 85 40.20 11.07 28.02
CA LYS F 85 40.85 12.20 28.65
C LYS F 85 40.36 13.52 28.06
N LYS F 86 40.32 13.59 26.73
CA LYS F 86 39.90 14.81 26.01
C LYS F 86 38.45 15.21 26.32
N PHE F 87 37.56 14.23 26.31
CA PHE F 87 36.12 14.51 26.39
C PHE F 87 35.52 14.38 27.78
N VAL F 88 36.39 14.18 28.77
CA VAL F 88 36.03 14.01 30.18
C VAL F 88 34.84 13.04 30.35
N ALA F 89 35.06 11.80 29.95
CA ALA F 89 34.03 10.76 30.00
C ALA F 89 34.33 9.80 31.14
N ARG F 90 34.06 10.25 32.36
CA ARG F 90 34.51 9.58 33.58
C ARG F 90 33.79 8.27 33.84
N ASN F 91 32.53 8.21 33.44
CA ASN F 91 31.71 7.03 33.62
C ASN F 91 31.93 5.98 32.53
N VAL F 92 32.97 6.19 31.71
CA VAL F 92 33.41 5.15 30.78
C VAL F 92 34.65 4.46 31.36
N THR F 93 34.63 3.13 31.39
CA THR F 93 35.78 2.34 31.82
C THR F 93 36.34 1.59 30.64
N LEU F 94 37.61 1.82 30.33
CA LEU F 94 38.31 1.09 29.27
C LEU F 94 38.76 -0.28 29.78
N VAL F 95 38.39 -1.31 29.04
CA VAL F 95 38.72 -2.69 29.37
C VAL F 95 39.47 -3.33 28.22
N GLU F 96 40.75 -3.60 28.45
CA GLU F 96 41.59 -4.26 27.47
C GLU F 96 41.22 -5.74 27.42
N ALA F 97 40.54 -6.15 26.35
CA ALA F 97 39.96 -7.49 26.27
C ALA F 97 39.65 -7.88 24.83
N PHE F 98 39.71 -9.18 24.57
CA PHE F 98 39.34 -9.76 23.30
C PHE F 98 38.05 -10.54 23.52
N ALA F 99 36.90 -9.84 23.48
CA ALA F 99 35.58 -10.43 23.67
C ALA F 99 35.40 -11.74 22.89
N PRO F 100 34.82 -12.79 23.53
CA PRO F 100 34.10 -12.83 24.80
C PRO F 100 34.97 -12.86 26.07
N GLU F 101 36.30 -12.97 25.91
CA GLU F 101 37.23 -12.90 27.04
C GLU F 101 37.11 -11.52 27.69
N GLY F 102 36.94 -11.50 29.01
CA GLY F 102 36.86 -10.23 29.75
C GLY F 102 35.46 -9.72 30.05
N LEU F 103 34.46 -10.46 29.59
CA LEU F 103 33.06 -10.11 29.83
C LEU F 103 32.60 -10.53 31.22
N ASP F 104 33.19 -11.63 31.72
CA ASP F 104 32.85 -12.21 33.03
C ASP F 104 32.95 -11.23 34.20
N ASP F 105 33.97 -10.38 34.18
CA ASP F 105 34.22 -9.43 35.28
C ASP F 105 33.30 -8.21 35.25
N LEU F 106 32.63 -7.99 34.13
CA LEU F 106 31.75 -6.85 33.96
C LEU F 106 30.42 -7.09 34.68
N PRO F 107 29.77 -6.02 35.13
CA PRO F 107 28.43 -6.20 35.64
C PRO F 107 27.48 -6.49 34.48
N ASP F 108 26.30 -6.99 34.81
CA ASP F 108 25.28 -7.34 33.83
C ASP F 108 24.83 -6.10 33.06
N PRO F 109 24.79 -6.22 31.71
CA PRO F 109 24.48 -5.06 30.85
C PRO F 109 23.00 -4.90 30.51
N ASP F 110 22.53 -3.66 30.53
CA ASP F 110 21.20 -3.32 30.02
C ASP F 110 21.24 -3.10 28.51
N ARG F 111 22.41 -2.64 28.03
CA ARG F 111 22.59 -2.27 26.62
C ARG F 111 23.93 -2.77 26.16
N VAL F 112 23.98 -3.36 24.97
CA VAL F 112 25.24 -3.80 24.42
C VAL F 112 25.37 -3.31 22.97
N PHE F 113 26.45 -2.58 22.67
CA PHE F 113 26.74 -2.23 21.29
C PHE F 113 27.92 -3.04 20.82
N ILE F 114 27.76 -3.78 19.74
CA ILE F 114 28.88 -4.50 19.17
C ILE F 114 29.40 -3.73 17.94
N GLY F 115 30.53 -3.06 18.11
CA GLY F 115 31.13 -2.28 17.03
C GLY F 115 32.16 -3.07 16.27
N GLY F 116 32.77 -4.06 16.94
CA GLY F 116 33.77 -4.92 16.31
C GLY F 116 33.85 -6.26 17.01
N SER F 117 33.92 -7.34 16.24
CA SER F 117 33.90 -8.69 16.80
C SER F 117 35.24 -9.45 16.75
N GLY F 118 36.17 -8.93 15.94
CA GLY F 118 37.47 -9.57 15.72
C GLY F 118 37.41 -11.04 15.32
N GLY F 119 36.36 -11.41 14.59
CA GLY F 119 36.15 -12.79 14.14
C GLY F 119 35.47 -13.71 15.13
N MET F 120 34.94 -13.15 16.21
CA MET F 120 34.33 -13.92 17.29
C MET F 120 32.83 -13.63 17.43
N LEU F 121 32.16 -13.34 16.32
CA LEU F 121 30.77 -12.86 16.37
C LEU F 121 29.83 -13.78 17.11
N GLU F 122 29.87 -15.07 16.78
CA GLU F 122 28.96 -16.06 17.37
C GLU F 122 29.18 -16.22 18.88
N GLU F 123 30.44 -16.34 19.27
CA GLU F 123 30.86 -16.43 20.67
C GLU F 123 30.42 -15.23 21.49
N ILE F 124 30.52 -14.02 20.90
CA ILE F 124 30.09 -12.79 21.57
C ILE F 124 28.59 -12.74 21.82
N ILE F 125 27.79 -13.08 20.80
CA ILE F 125 26.33 -12.98 20.93
C ILE F 125 25.84 -13.97 21.98
N ASP F 126 26.36 -15.20 21.91
CA ASP F 126 26.09 -16.25 22.91
C ASP F 126 26.37 -15.76 24.34
N ALA F 127 27.57 -15.22 24.55
CA ALA F 127 27.99 -14.67 25.84
C ALA F 127 27.13 -13.51 26.28
N VAL F 128 26.84 -12.60 25.35
CA VAL F 128 26.00 -11.44 25.63
C VAL F 128 24.57 -11.85 25.96
N ASP F 129 24.07 -12.89 25.26
CA ASP F 129 22.71 -13.40 25.48
C ASP F 129 22.50 -13.89 26.90
N ARG F 130 23.53 -14.54 27.45
CA ARG F 130 23.50 -15.10 28.80
C ARG F 130 23.51 -14.04 29.91
N ARG F 131 24.00 -12.86 29.57
CA ARG F 131 24.25 -11.82 30.56
C ARG F 131 23.26 -10.66 30.45
N LEU F 132 22.73 -10.43 29.24
CA LEU F 132 21.83 -9.31 29.00
C LEU F 132 20.62 -9.32 29.92
N LYS F 133 20.43 -8.21 30.62
CA LYS F 133 19.31 -8.03 31.53
C LYS F 133 17.97 -7.96 30.80
N SER F 134 16.91 -8.15 31.57
CA SER F 134 15.53 -8.05 31.12
C SER F 134 15.29 -6.65 30.54
N GLU F 135 14.51 -6.60 29.44
CA GLU F 135 14.29 -5.39 28.64
C GLU F 135 15.60 -4.83 28.05
N GLY F 136 16.55 -5.72 27.79
CA GLY F 136 17.86 -5.31 27.27
C GLY F 136 17.81 -5.07 25.77
N VAL F 137 18.78 -4.30 25.27
CA VAL F 137 18.89 -4.02 23.82
C VAL F 137 20.33 -4.30 23.36
N ILE F 138 20.45 -5.06 22.27
CA ILE F 138 21.71 -5.30 21.59
C ILE F 138 21.62 -4.56 20.25
N VAL F 139 22.64 -3.75 19.93
CA VAL F 139 22.79 -3.07 18.63
C VAL F 139 24.16 -3.41 18.03
N LEU F 140 24.18 -3.77 16.76
CA LEU F 140 25.40 -4.15 16.09
C LEU F 140 25.46 -3.40 14.74
N ASN F 141 26.59 -2.74 14.46
CA ASN F 141 26.80 -2.07 13.16
C ASN F 141 27.61 -2.93 12.21
N ALA F 142 27.10 -3.10 10.99
CA ALA F 142 27.74 -3.99 10.04
C ALA F 142 27.92 -3.35 8.67
N VAL F 143 29.07 -3.59 8.06
CA VAL F 143 29.35 -3.08 6.73
C VAL F 143 29.57 -4.23 5.72
N THR F 144 29.82 -5.45 6.23
CA THR F 144 29.96 -6.61 5.36
C THR F 144 28.72 -7.49 5.31
N LEU F 145 28.56 -8.17 4.18
CA LEU F 145 27.44 -9.11 3.99
C LEU F 145 27.52 -10.28 4.97
N ASP F 146 28.71 -10.82 5.20
CA ASP F 146 28.85 -11.94 6.13
C ASP F 146 28.50 -11.55 7.58
N THR F 147 28.94 -10.37 8.06
CA THR F 147 28.55 -9.93 9.42
C THR F 147 27.05 -9.73 9.55
N LEU F 148 26.45 -9.04 8.58
CA LEU F 148 25.00 -8.86 8.51
C LEU F 148 24.25 -10.21 8.54
N THR F 149 24.67 -11.13 7.68
CA THR F 149 24.07 -12.46 7.58
C THR F 149 24.08 -13.20 8.93
N LYS F 150 25.27 -13.32 9.51
CA LYS F 150 25.48 -14.07 10.73
C LYS F 150 24.85 -13.41 11.96
N ALA F 151 24.91 -12.08 12.05
CA ALA F 151 24.36 -11.38 13.21
C ALA F 151 22.88 -11.64 13.32
N VAL F 152 22.17 -11.49 12.20
CA VAL F 152 20.73 -11.80 12.14
C VAL F 152 20.42 -13.23 12.55
N GLU F 153 21.11 -14.18 11.92
CA GLU F 153 20.95 -15.61 12.17
C GLU F 153 21.15 -16.01 13.63
N PHE F 154 22.30 -15.65 14.20
CA PHE F 154 22.62 -15.95 15.61
C PHE F 154 21.62 -15.28 16.55
N LEU F 155 21.31 -14.01 16.32
CA LEU F 155 20.35 -13.30 17.16
C LEU F 155 18.95 -13.94 17.16
N GLU F 156 18.47 -14.32 15.98
CA GLU F 156 17.18 -15.01 15.85
C GLU F 156 17.20 -16.43 16.42
N ASP F 157 18.36 -17.10 16.33
CA ASP F 157 18.57 -18.40 16.99
C ASP F 157 18.41 -18.33 18.51
N HIS F 158 18.69 -17.16 19.10
CA HIS F 158 18.55 -16.94 20.54
C HIS F 158 17.20 -16.32 20.88
N GLY F 159 16.34 -16.20 19.86
CA GLY F 159 14.95 -15.79 20.08
C GLY F 159 14.75 -14.29 20.22
N TYR F 160 15.67 -13.52 19.64
CA TYR F 160 15.51 -12.07 19.65
C TYR F 160 14.64 -11.65 18.47
N MET F 161 13.82 -10.64 18.70
CA MET F 161 13.22 -9.90 17.61
C MET F 161 14.28 -8.98 17.03
N VAL F 162 14.37 -8.89 15.71
CA VAL F 162 15.50 -8.19 15.06
C VAL F 162 15.03 -7.18 14.02
N GLU F 163 15.47 -5.92 14.15
CA GLU F 163 15.30 -4.91 13.10
C GLU F 163 16.64 -4.61 12.46
N VAL F 164 16.70 -4.64 11.13
CA VAL F 164 17.86 -4.15 10.39
C VAL F 164 17.49 -2.83 9.71
N ALA F 165 18.29 -1.81 9.99
CA ALA F 165 18.17 -0.50 9.35
C ALA F 165 19.44 -0.18 8.54
N CYS F 166 19.30 -0.09 7.22
CA CYS F 166 20.43 0.31 6.37
C CYS F 166 20.39 1.82 6.17
N VAL F 167 21.42 2.51 6.67
CA VAL F 167 21.53 3.97 6.61
C VAL F 167 22.60 4.34 5.57
N ASN F 168 22.18 5.19 4.64
CA ASN F 168 23.03 5.67 3.58
C ASN F 168 23.07 7.16 3.78
N VAL F 169 24.28 7.70 3.86
CA VAL F 169 24.50 9.12 4.07
C VAL F 169 25.42 9.62 2.95
N ALA F 170 25.02 10.72 2.31
CA ALA F 170 25.86 11.44 1.38
C ALA F 170 25.86 12.92 1.73
N LYS F 171 27.04 13.54 1.79
CA LYS F 171 27.17 14.92 2.23
C LYS F 171 28.03 15.74 1.33
N THR F 172 27.73 17.01 1.26
CA THR F 172 28.62 17.98 0.71
C THR F 172 29.60 18.48 1.73
N LYS F 173 30.37 19.46 1.31
CA LYS F 173 31.02 20.32 2.25
C LYS F 173 30.32 21.67 2.17
N GLY F 174 30.96 22.71 2.65
CA GLY F 174 30.51 24.07 2.40
C GLY F 174 31.08 24.66 1.13
N LYS F 179 30.06 21.82 -4.38
CA LYS F 179 29.15 21.03 -3.54
C LYS F 179 28.76 19.70 -4.16
N MET F 180 29.73 18.81 -4.26
CA MET F 180 29.50 17.43 -4.64
C MET F 180 29.02 16.59 -3.48
N PHE F 181 28.01 15.77 -3.71
CA PHE F 181 27.57 14.82 -2.70
C PHE F 181 28.56 13.67 -2.67
N GLU F 182 29.18 13.44 -1.52
CA GLU F 182 30.03 12.26 -1.36
C GLU F 182 29.40 11.29 -0.39
N SER F 183 29.28 10.04 -0.81
CA SER F 183 28.58 9.03 -0.01
C SER F 183 29.51 8.27 0.91
N HIS F 184 29.03 8.01 2.12
CA HIS F 184 29.65 7.03 2.97
C HIS F 184 29.22 5.66 2.52
N ASN F 185 30.03 4.64 2.81
CA ASN F 185 29.57 3.27 2.64
C ASN F 185 28.30 3.00 3.49
N PRO F 186 27.43 2.09 3.04
CA PRO F 186 26.20 1.87 3.83
C PRO F 186 26.55 1.20 5.15
N VAL F 187 25.82 1.56 6.20
CA VAL F 187 25.91 0.89 7.49
C VAL F 187 24.56 0.25 7.81
N TYR F 188 24.60 -1.06 8.04
CA TYR F 188 23.49 -1.84 8.59
C TYR F 188 23.54 -1.77 10.12
N ILE F 189 22.57 -1.09 10.74
CA ILE F 189 22.37 -1.02 12.19
C ILE F 189 21.34 -2.05 12.56
N ILE F 190 21.80 -3.07 13.28
CA ILE F 190 20.99 -4.23 13.64
C ILE F 190 20.62 -4.05 15.11
N THR F 191 19.32 -3.87 15.38
CA THR F 191 18.82 -3.73 16.74
C THR F 191 18.08 -5.01 17.13
N ALA F 192 18.39 -5.54 18.32
CA ALA F 192 17.75 -6.77 18.80
C ALA F 192 17.30 -6.67 20.26
N TRP F 193 16.18 -7.32 20.56
CA TRP F 193 15.54 -7.25 21.87
C TRP F 193 14.56 -8.40 21.99
N LYS F 194 14.19 -8.73 23.24
CA LYS F 194 13.25 -9.81 23.52
C LYS F 194 11.83 -9.26 23.53
N SER F 195 10.99 -9.86 22.67
CA SER F 195 9.53 -9.66 22.57
C SER F 195 8.94 -8.31 23.01
N TYR G 6 -12.39 14.76 -21.52
CA TYR G 6 -12.79 14.41 -20.12
C TYR G 6 -14.30 14.46 -19.90
N PRO G 7 -14.88 13.41 -19.28
CA PRO G 7 -16.32 13.38 -19.04
C PRO G 7 -16.78 14.40 -18.02
N VAL G 8 -18.08 14.68 -18.02
CA VAL G 8 -18.69 15.61 -17.09
C VAL G 8 -18.54 15.12 -15.62
N ILE G 9 -18.80 13.83 -15.40
CA ILE G 9 -18.49 13.16 -14.13
C ILE G 9 -17.89 11.81 -14.50
N GLY G 10 -17.14 11.22 -13.58
CA GLY G 10 -16.54 9.91 -13.81
C GLY G 10 -15.18 9.95 -14.47
N ILE G 11 -14.45 11.04 -14.22
CA ILE G 11 -13.05 11.15 -14.63
C ILE G 11 -12.26 10.05 -13.94
N ASP G 12 -11.50 9.29 -14.72
CA ASP G 12 -10.69 8.19 -14.18
C ASP G 12 -9.79 8.69 -13.06
N ASP G 13 -9.75 7.97 -11.94
CA ASP G 13 -8.89 8.34 -10.80
C ASP G 13 -7.43 8.63 -11.18
N ASP G 14 -6.88 7.88 -12.15
CA ASP G 14 -5.48 7.99 -12.55
CA ASP G 14 -5.48 8.00 -12.53
C ASP G 14 -5.15 9.30 -13.30
N GLU G 15 -6.18 10.09 -13.60
CA GLU G 15 -6.00 11.34 -14.34
C GLU G 15 -5.76 12.52 -13.41
N PHE G 16 -6.02 12.33 -12.13
CA PHE G 16 -5.78 13.39 -11.14
C PHE G 16 -4.40 13.24 -10.53
N ALA G 17 -3.77 14.37 -10.26
CA ALA G 17 -2.57 14.39 -9.42
C ALA G 17 -3.03 14.11 -8.00
N THR G 18 -2.49 13.03 -7.43
CA THR G 18 -2.95 12.54 -6.13
C THR G 18 -1.89 11.70 -5.44
N ALA G 19 -2.15 11.33 -4.19
CA ALA G 19 -1.32 10.40 -3.45
C ALA G 19 -2.15 9.19 -3.07
N LYS G 20 -1.49 8.15 -2.57
CA LYS G 20 -2.15 6.93 -2.11
C LYS G 20 -3.16 7.25 -0.99
N LYS G 21 -4.37 6.72 -1.13
CA LYS G 21 -5.46 6.83 -0.13
C LYS G 21 -6.13 8.21 -0.04
N LEU G 22 -5.70 9.16 -0.86
CA LEU G 22 -6.18 10.55 -0.74
C LEU G 22 -7.41 10.86 -1.60
N ILE G 23 -7.40 10.41 -2.85
CA ILE G 23 -8.49 10.72 -3.78
C ILE G 23 -9.86 10.16 -3.33
N THR G 24 -10.91 10.94 -3.57
CA THR G 24 -12.26 10.43 -3.51
C THR G 24 -12.42 9.65 -4.79
N LYS G 25 -12.46 8.33 -4.67
CA LYS G 25 -12.47 7.47 -5.85
C LYS G 25 -13.75 7.66 -6.65
N GLN G 26 -13.70 7.40 -7.97
CA GLN G 26 -14.72 7.90 -8.89
C GLN G 26 -16.16 7.45 -8.61
N GLU G 27 -16.36 6.21 -8.19
CA GLU G 27 -17.69 5.70 -7.88
C GLU G 27 -18.32 6.44 -6.71
N VAL G 28 -17.58 6.48 -5.60
CA VAL G 28 -17.97 7.18 -4.38
C VAL G 28 -18.10 8.69 -4.64
N ARG G 29 -17.20 9.22 -5.45
CA ARG G 29 -17.31 10.62 -5.89
C ARG G 29 -18.65 10.90 -6.57
N ALA G 30 -19.09 10.01 -7.46
CA ALA G 30 -20.39 10.17 -8.13
C ALA G 30 -21.56 10.17 -7.15
N VAL G 31 -21.55 9.23 -6.20
CA VAL G 31 -22.59 9.16 -5.17
C VAL G 31 -22.52 10.42 -4.30
N THR G 32 -21.31 10.88 -4.01
CA THR G 32 -21.14 12.10 -3.22
C THR G 32 -21.74 13.34 -3.93
N LEU G 33 -21.42 13.52 -5.22
CA LEU G 33 -22.02 14.60 -6.04
C LEU G 33 -23.54 14.49 -6.07
N SER G 34 -24.03 13.26 -6.22
CA SER G 34 -25.47 12.95 -6.17
C SER G 34 -26.10 13.41 -4.86
N LYS G 35 -25.42 13.14 -3.74
CA LYS G 35 -25.95 13.49 -2.42
C LYS G 35 -25.88 14.99 -2.14
N LEU G 36 -24.95 15.67 -2.81
CA LEU G 36 -24.77 17.11 -2.66
C LEU G 36 -25.92 17.94 -3.26
N ARG G 37 -26.74 17.30 -4.10
CA ARG G 37 -27.96 17.92 -4.66
C ARG G 37 -27.64 19.23 -5.41
N LEU G 38 -26.67 19.15 -6.31
CA LEU G 38 -26.16 20.33 -6.97
C LEU G 38 -27.08 20.83 -8.08
N GLN G 39 -27.13 22.15 -8.22
CA GLN G 39 -27.81 22.80 -9.33
C GLN G 39 -26.98 24.03 -9.62
N ASP G 40 -27.10 24.59 -10.82
CA ASP G 40 -26.24 25.71 -11.23
C ASP G 40 -26.42 26.92 -10.30
N ASP G 41 -25.45 27.84 -10.34
CA ASP G 41 -25.49 29.10 -9.56
C ASP G 41 -25.33 28.99 -8.03
N LEU G 42 -25.04 27.79 -7.52
CA LEU G 42 -24.88 27.63 -6.08
C LEU G 42 -23.47 27.99 -5.60
N VAL G 43 -23.34 28.28 -4.31
CA VAL G 43 -22.03 28.40 -3.65
C VAL G 43 -21.75 27.10 -2.88
N MET G 44 -20.65 26.42 -3.22
CA MET G 44 -20.23 25.21 -2.49
C MET G 44 -18.86 25.43 -1.81
N TRP G 45 -18.69 24.88 -0.61
CA TRP G 45 -17.38 24.74 0.06
C TRP G 45 -16.92 23.28 0.02
N ASP G 46 -15.66 23.07 -0.37
CA ASP G 46 -15.00 21.77 -0.26
C ASP G 46 -13.86 21.90 0.78
N ILE G 47 -14.13 21.40 1.98
CA ILE G 47 -13.20 21.53 3.10
C ILE G 47 -12.28 20.30 3.15
N GLY G 48 -10.98 20.57 3.06
CA GLY G 48 -9.98 19.50 3.01
C GLY G 48 -10.05 18.88 1.65
N ALA G 49 -9.86 19.71 0.62
CA ALA G 49 -10.11 19.33 -0.76
C ALA G 49 -9.21 18.23 -1.30
N GLY G 50 -8.01 18.08 -0.76
CA GLY G 50 -7.13 16.96 -1.14
C GLY G 50 -6.56 17.12 -2.54
N SER G 51 -7.11 16.37 -3.50
CA SER G 51 -6.77 16.50 -4.92
C SER G 51 -7.80 17.36 -5.68
N ALA G 52 -8.82 17.81 -4.94
CA ALA G 52 -9.98 18.55 -5.45
C ALA G 52 -10.82 17.86 -6.53
N SER G 53 -10.79 16.53 -6.60
CA SER G 53 -11.60 15.78 -7.58
C SER G 53 -13.11 16.02 -7.40
N VAL G 54 -13.56 16.23 -6.16
CA VAL G 54 -14.99 16.48 -5.89
C VAL G 54 -15.37 17.89 -6.38
N SER G 55 -14.53 18.88 -6.07
CA SER G 55 -14.72 20.26 -6.55
C SER G 55 -14.71 20.36 -8.08
N ILE G 56 -13.78 19.65 -8.71
CA ILE G 56 -13.64 19.64 -10.16
C ILE G 56 -14.88 19.09 -10.84
N GLU G 57 -15.38 17.94 -10.39
CA GLU G 57 -16.56 17.36 -11.01
C GLU G 57 -17.82 18.11 -10.65
N ALA G 58 -17.84 18.70 -9.46
CA ALA G 58 -18.93 19.58 -9.07
C ALA G 58 -18.98 20.84 -9.96
N SER G 59 -17.80 21.33 -10.37
CA SER G 59 -17.67 22.50 -11.24
C SER G 59 -18.34 22.27 -12.59
N ASN G 60 -18.17 21.06 -13.12
CA ASN G 60 -18.86 20.62 -14.34
C ASN G 60 -20.37 20.62 -14.20
N LEU G 61 -20.87 20.34 -12.99
CA LEU G 61 -22.29 20.29 -12.74
C LEU G 61 -22.87 21.69 -12.57
N MET G 62 -22.05 22.61 -12.09
CA MET G 62 -22.48 24.01 -11.90
C MET G 62 -21.52 24.98 -12.58
N PRO G 63 -21.64 25.15 -13.90
CA PRO G 63 -20.70 26.03 -14.61
C PRO G 63 -20.76 27.49 -14.14
N ASN G 64 -21.94 27.96 -13.77
CA ASN G 64 -22.10 29.32 -13.25
C ASN G 64 -22.20 29.34 -11.73
N GLY G 65 -21.90 28.20 -11.10
CA GLY G 65 -21.80 28.13 -9.64
C GLY G 65 -20.46 28.63 -9.13
N ARG G 66 -20.27 28.57 -7.82
CA ARG G 66 -19.08 29.11 -7.18
C ARG G 66 -18.50 28.11 -6.16
N ILE G 67 -17.35 27.51 -6.45
CA ILE G 67 -16.79 26.48 -5.56
C ILE G 67 -15.50 26.91 -4.86
N PHE G 68 -15.47 26.82 -3.53
CA PHE G 68 -14.27 27.16 -2.76
C PHE G 68 -13.64 25.93 -2.15
N ALA G 69 -12.44 25.60 -2.65
CA ALA G 69 -11.69 24.43 -2.23
C ALA G 69 -10.61 24.80 -1.21
N LEU G 70 -10.80 24.36 0.03
CA LEU G 70 -9.88 24.67 1.14
C LEU G 70 -8.90 23.55 1.38
N GLU G 71 -7.62 23.92 1.37
CA GLU G 71 -6.53 22.98 1.60
C GLU G 71 -5.31 23.78 2.04
N ARG G 72 -4.48 23.23 2.91
CA ARG G 72 -3.22 23.90 3.22
C ARG G 72 -2.02 22.96 3.34
N ASN G 73 -2.24 21.66 3.13
CA ASN G 73 -1.14 20.72 2.97
C ASN G 73 -0.41 21.05 1.67
N PRO G 74 0.88 21.41 1.76
CA PRO G 74 1.63 21.91 0.60
C PRO G 74 1.65 20.93 -0.58
N GLN G 75 1.79 19.64 -0.28
CA GLN G 75 1.76 18.60 -1.32
C GLN G 75 0.40 18.56 -2.02
N TYR G 76 -0.67 18.68 -1.21
CA TYR G 76 -2.04 18.62 -1.72
C TYR G 76 -2.40 19.90 -2.51
N LEU G 77 -1.93 21.05 -2.02
CA LEU G 77 -2.05 22.31 -2.76
C LEU G 77 -1.39 22.22 -4.12
N GLY G 78 -0.26 21.52 -4.18
CA GLY G 78 0.38 21.19 -5.44
C GLY G 78 -0.48 20.36 -6.37
N PHE G 79 -1.06 19.28 -5.84
CA PHE G 79 -1.96 18.41 -6.61
C PHE G 79 -3.12 19.21 -7.18
N ILE G 80 -3.74 20.04 -6.32
CA ILE G 80 -4.90 20.84 -6.70
C ILE G 80 -4.60 21.82 -7.82
N ARG G 81 -3.54 22.62 -7.64
CA ARG G 81 -3.11 23.57 -8.67
C ARG G 81 -2.86 22.88 -9.99
N ASP G 82 -2.18 21.74 -9.94
CA ASP G 82 -1.96 20.91 -11.13
C ASP G 82 -3.27 20.43 -11.74
N ASN G 83 -4.21 20.00 -10.89
CA ASN G 83 -5.52 19.51 -11.33
C ASN G 83 -6.46 20.56 -11.93
N LEU G 84 -6.54 21.73 -11.29
CA LEU G 84 -7.37 22.83 -11.79
C LEU G 84 -6.92 23.30 -13.17
N LYS G 85 -5.60 23.41 -13.34
CA LYS G 85 -4.95 23.70 -14.62
C LYS G 85 -5.24 22.63 -15.68
N LYS G 86 -5.21 21.36 -15.27
CA LYS G 86 -5.48 20.23 -16.16
C LYS G 86 -6.94 20.13 -16.63
N PHE G 87 -7.88 20.39 -15.72
CA PHE G 87 -9.29 20.15 -16.00
C PHE G 87 -10.16 21.36 -16.37
N VAL G 88 -9.56 22.56 -16.33
CA VAL G 88 -10.26 23.83 -16.65
C VAL G 88 -11.52 24.03 -15.78
N ALA G 89 -11.28 24.32 -14.51
CA ALA G 89 -12.32 24.42 -13.52
C ALA G 89 -12.27 25.84 -12.99
N ARG G 90 -12.71 26.77 -13.85
CA ARG G 90 -12.45 28.19 -13.63
C ARG G 90 -13.30 28.77 -12.51
N ASN G 91 -14.43 28.11 -12.23
CA ASN G 91 -15.26 28.51 -11.09
C ASN G 91 -14.86 27.89 -9.74
N VAL G 92 -13.69 27.26 -9.69
CA VAL G 92 -13.10 26.77 -8.44
C VAL G 92 -12.02 27.75 -7.94
N THR G 93 -12.24 28.32 -6.76
CA THR G 93 -11.23 29.12 -6.06
C THR G 93 -10.52 28.27 -5.01
N LEU G 94 -9.21 28.11 -5.17
CA LEU G 94 -8.41 27.44 -4.16
C LEU G 94 -8.11 28.40 -3.01
N VAL G 95 -8.53 28.03 -1.81
CA VAL G 95 -8.29 28.85 -0.62
C VAL G 95 -7.30 28.13 0.31
N GLU G 96 -6.20 28.81 0.58
CA GLU G 96 -5.12 28.25 1.37
C GLU G 96 -5.39 28.44 2.87
N ALA G 97 -5.98 27.43 3.51
CA ALA G 97 -6.44 27.54 4.92
C ALA G 97 -6.74 26.20 5.60
N PHE G 98 -6.68 26.22 6.92
CA PHE G 98 -7.11 25.10 7.75
C PHE G 98 -8.42 25.45 8.47
N ALA G 99 -9.53 24.88 8.01
CA ALA G 99 -10.84 25.11 8.62
C ALA G 99 -10.84 24.75 10.12
N PRO G 100 -11.61 25.48 10.96
CA PRO G 100 -12.61 26.54 10.70
C PRO G 100 -12.09 27.95 10.39
N GLU G 101 -10.81 28.23 10.62
CA GLU G 101 -10.26 29.51 10.16
C GLU G 101 -10.07 29.48 8.64
N GLY G 102 -10.32 30.62 8.02
CA GLY G 102 -10.38 30.70 6.56
C GLY G 102 -11.80 30.61 6.01
N LEU G 103 -12.74 30.15 6.83
CA LEU G 103 -14.17 30.09 6.47
C LEU G 103 -14.83 31.48 6.56
N ASP G 104 -14.36 32.32 7.48
CA ASP G 104 -14.83 33.70 7.62
C ASP G 104 -14.65 34.56 6.37
N ASP G 105 -13.71 34.16 5.51
CA ASP G 105 -13.44 34.88 4.27
C ASP G 105 -14.26 34.38 3.08
N LEU G 106 -15.05 33.32 3.30
CA LEU G 106 -15.83 32.73 2.23
C LEU G 106 -17.27 33.23 2.28
N PRO G 107 -17.95 33.28 1.11
CA PRO G 107 -19.38 33.61 1.12
C PRO G 107 -20.19 32.46 1.70
N ASP G 108 -21.40 32.77 2.17
CA ASP G 108 -22.31 31.77 2.74
C ASP G 108 -22.55 30.63 1.74
N PRO G 109 -22.39 29.36 2.20
CA PRO G 109 -22.53 28.24 1.29
C PRO G 109 -23.97 27.67 1.19
N ASP G 110 -24.31 27.19 -0.01
CA ASP G 110 -25.50 26.40 -0.22
C ASP G 110 -25.16 24.95 0.07
N ARG G 111 -23.94 24.56 -0.27
CA ARG G 111 -23.49 23.16 -0.16
C ARG G 111 -22.13 23.10 0.49
N VAL G 112 -21.92 22.14 1.42
CA VAL G 112 -20.61 21.94 2.03
C VAL G 112 -20.24 20.46 1.97
N PHE G 113 -19.12 20.15 1.33
CA PHE G 113 -18.52 18.82 1.43
C PHE G 113 -17.33 18.83 2.39
N ILE G 114 -17.32 17.93 3.36
CA ILE G 114 -16.17 17.80 4.24
C ILE G 114 -15.43 16.52 3.84
N GLY G 115 -14.28 16.69 3.19
CA GLY G 115 -13.51 15.55 2.70
C GLY G 115 -12.34 15.22 3.60
N GLY G 116 -11.91 16.21 4.37
CA GLY G 116 -10.83 16.04 5.30
C GLY G 116 -11.05 17.10 6.36
N SER G 117 -11.10 16.67 7.61
CA SER G 117 -11.31 17.58 8.74
C SER G 117 -10.00 18.02 9.40
N GLY G 118 -8.97 17.20 9.21
CA GLY G 118 -7.66 17.42 9.84
C GLY G 118 -7.79 17.72 11.32
N GLY G 119 -8.40 16.81 12.06
CA GLY G 119 -8.53 16.92 13.53
C GLY G 119 -9.51 17.97 14.04
N MET G 120 -10.13 18.71 13.12
CA MET G 120 -11.01 19.82 13.50
C MET G 120 -12.50 19.61 13.17
N LEU G 121 -12.93 18.35 13.16
CA LEU G 121 -14.32 18.00 12.79
C LEU G 121 -15.41 18.77 13.54
N GLU G 122 -15.38 18.74 14.86
CA GLU G 122 -16.42 19.39 15.67
C GLU G 122 -16.51 20.89 15.40
N GLU G 123 -15.34 21.52 15.34
CA GLU G 123 -15.21 22.97 15.13
C GLU G 123 -15.66 23.35 13.73
N ILE G 124 -15.34 22.50 12.75
CA ILE G 124 -15.77 22.68 11.36
C ILE G 124 -17.30 22.61 11.21
N ILE G 125 -17.92 21.57 11.75
CA ILE G 125 -19.38 21.41 11.72
C ILE G 125 -20.09 22.57 12.41
N ASP G 126 -19.59 22.98 13.57
CA ASP G 126 -20.15 24.13 14.26
C ASP G 126 -20.06 25.43 13.44
N ALA G 127 -18.89 25.71 12.87
CA ALA G 127 -18.71 26.88 12.01
C ALA G 127 -19.57 26.78 10.74
N VAL G 128 -19.68 25.59 10.16
CA VAL G 128 -20.49 25.39 8.96
C VAL G 128 -21.97 25.64 9.26
N ASP G 129 -22.41 25.15 10.40
CA ASP G 129 -23.80 25.27 10.86
C ASP G 129 -24.28 26.73 10.97
N ARG G 130 -23.39 27.62 11.41
CA ARG G 130 -23.68 29.05 11.59
C ARG G 130 -23.75 29.80 10.26
N ARG G 131 -23.22 29.20 9.21
CA ARG G 131 -23.12 29.87 7.92
C ARG G 131 -23.99 29.28 6.84
N LEU G 132 -24.40 28.02 7.00
CA LEU G 132 -25.12 27.30 5.94
C LEU G 132 -26.44 27.99 5.59
N LYS G 133 -26.66 28.17 4.30
CA LYS G 133 -27.87 28.81 3.79
CA LYS G 133 -27.87 28.82 3.80
C LYS G 133 -29.10 27.92 3.93
N SER G 134 -30.28 28.54 3.86
CA SER G 134 -31.55 27.81 3.92
C SER G 134 -31.62 26.77 2.79
N GLU G 135 -32.16 25.60 3.12
CA GLU G 135 -32.19 24.40 2.24
C GLU G 135 -30.79 23.89 1.86
N GLY G 136 -29.81 24.17 2.71
CA GLY G 136 -28.42 23.79 2.47
C GLY G 136 -28.22 22.31 2.72
N VAL G 137 -27.16 21.74 2.14
CA VAL G 137 -26.82 20.32 2.34
C VAL G 137 -25.35 20.22 2.70
N ILE G 138 -25.08 19.46 3.78
CA ILE G 138 -23.74 19.06 4.18
C ILE G 138 -23.54 17.59 3.81
N VAL G 139 -22.41 17.28 3.15
CA VAL G 139 -22.01 15.89 2.91
C VAL G 139 -20.59 15.67 3.48
N LEU G 140 -20.39 14.55 4.16
CA LEU G 140 -19.05 14.15 4.63
CA LEU G 140 -19.08 14.17 4.67
C LEU G 140 -18.79 12.72 4.27
N ASN G 141 -17.56 12.45 3.84
CA ASN G 141 -17.12 11.06 3.61
C ASN G 141 -16.20 10.59 4.75
N ALA G 142 -16.59 9.50 5.39
CA ALA G 142 -15.91 9.02 6.59
C ALA G 142 -15.44 7.61 6.35
N VAL G 143 -14.21 7.31 6.75
CA VAL G 143 -13.65 5.96 6.58
C VAL G 143 -13.23 5.32 7.92
N THR G 144 -13.19 6.13 8.98
CA THR G 144 -12.92 5.63 10.32
C THR G 144 -14.19 5.67 11.14
N LEU G 145 -14.30 4.76 12.11
CA LEU G 145 -15.42 4.72 13.02
C LEU G 145 -15.53 6.00 13.85
N ASP G 146 -14.38 6.56 14.23
CA ASP G 146 -14.31 7.81 15.00
C ASP G 146 -14.99 8.98 14.29
N THR G 147 -14.66 9.15 13.01
CA THR G 147 -15.23 10.24 12.21
C THR G 147 -16.72 10.00 11.98
N LEU G 148 -17.09 8.76 11.66
CA LEU G 148 -18.49 8.38 11.51
C LEU G 148 -19.32 8.76 12.74
N THR G 149 -18.87 8.27 13.89
CA THR G 149 -19.49 8.46 15.21
C THR G 149 -19.72 9.94 15.49
N LYS G 150 -18.64 10.71 15.38
CA LYS G 150 -18.63 12.11 15.76
C LYS G 150 -19.42 12.98 14.80
N ALA G 151 -19.28 12.74 13.49
CA ALA G 151 -20.02 13.50 12.50
C ALA G 151 -21.51 13.39 12.75
N VAL G 152 -21.99 12.15 12.88
CA VAL G 152 -23.41 11.87 13.12
C VAL G 152 -23.92 12.56 14.41
N GLU G 153 -23.17 12.37 15.50
CA GLU G 153 -23.47 13.01 16.76
C GLU G 153 -23.60 14.54 16.60
N PHE G 154 -22.54 15.18 16.09
CA PHE G 154 -22.49 16.63 15.96
C PHE G 154 -23.53 17.19 14.99
N LEU G 155 -23.80 16.47 13.90
CA LEU G 155 -24.84 16.92 12.97
C LEU G 155 -26.23 16.86 13.55
N GLU G 156 -26.52 15.80 14.31
CA GLU G 156 -27.82 15.65 14.95
C GLU G 156 -27.95 16.61 16.13
N ASP G 157 -26.82 16.92 16.78
CA ASP G 157 -26.75 17.94 17.82
C ASP G 157 -27.29 19.28 17.32
N HIS G 158 -26.91 19.64 16.10
CA HIS G 158 -27.33 20.91 15.49
C HIS G 158 -28.69 20.86 14.79
N GLY G 159 -29.40 19.74 14.92
CA GLY G 159 -30.77 19.61 14.41
C GLY G 159 -30.90 19.20 12.95
N TYR G 160 -29.90 18.51 12.43
CA TYR G 160 -29.93 18.03 11.05
C TYR G 160 -30.53 16.64 11.00
N MET G 161 -31.31 16.39 9.96
CA MET G 161 -31.69 15.03 9.59
CA MET G 161 -31.69 15.03 9.59
C MET G 161 -30.51 14.42 8.85
N VAL G 162 -30.07 13.26 9.32
CA VAL G 162 -28.85 12.63 8.82
C VAL G 162 -29.16 11.30 8.11
N GLU G 163 -28.57 11.13 6.94
CA GLU G 163 -28.54 9.82 6.29
C GLU G 163 -27.08 9.38 6.29
N VAL G 164 -26.85 8.12 6.62
CA VAL G 164 -25.52 7.51 6.42
C VAL G 164 -25.68 6.41 5.39
N ALA G 165 -24.94 6.50 4.30
CA ALA G 165 -24.94 5.49 3.26
C ALA G 165 -23.54 4.87 3.16
N CYS G 166 -23.40 3.62 3.61
CA CYS G 166 -22.13 2.93 3.53
C CYS G 166 -22.04 2.31 2.15
N VAL G 167 -21.04 2.74 1.38
CA VAL G 167 -20.85 2.31 0.01
C VAL G 167 -19.61 1.41 -0.10
N ASN G 168 -19.85 0.16 -0.50
CA ASN G 168 -18.79 -0.79 -0.80
C ASN G 168 -18.73 -1.02 -2.33
N VAL G 169 -17.54 -0.88 -2.90
CA VAL G 169 -17.33 -1.10 -4.35
C VAL G 169 -16.22 -2.11 -4.55
N ALA G 170 -16.50 -3.14 -5.34
CA ALA G 170 -15.50 -4.10 -5.75
C ALA G 170 -15.55 -4.16 -7.27
N LYS G 171 -14.39 -4.22 -7.92
CA LYS G 171 -14.35 -4.23 -9.38
C LYS G 171 -13.24 -5.05 -9.99
N THR G 172 -13.53 -5.54 -11.19
CA THR G 172 -12.53 -6.20 -12.03
C THR G 172 -11.72 -5.15 -12.81
N LYS G 173 -10.74 -5.62 -13.57
CA LYS G 173 -10.00 -4.78 -14.50
C LYS G 173 -10.62 -4.97 -15.90
N GLY G 174 -10.03 -4.31 -16.91
CA GLY G 174 -10.56 -4.33 -18.28
C GLY G 174 -10.19 -5.55 -19.09
N LEU G 175 -9.04 -6.16 -18.78
CA LEU G 175 -8.55 -7.36 -19.47
C LEU G 175 -9.37 -8.63 -19.17
N THR G 176 -9.54 -9.46 -20.19
CA THR G 176 -10.37 -10.68 -20.12
C THR G 176 -9.77 -11.75 -19.20
N GLU G 177 -8.44 -11.79 -19.15
CA GLU G 177 -7.69 -12.73 -18.35
C GLU G 177 -7.84 -12.46 -16.86
N TYR G 178 -8.26 -13.49 -16.11
CA TYR G 178 -8.32 -13.46 -14.64
C TYR G 178 -9.03 -12.20 -14.09
N LYS G 179 -10.35 -12.16 -14.21
CA LYS G 179 -11.13 -11.03 -13.73
C LYS G 179 -11.51 -11.19 -12.27
N MET G 180 -10.57 -10.82 -11.40
CA MET G 180 -10.76 -10.86 -9.95
C MET G 180 -11.41 -9.57 -9.46
N PHE G 181 -12.40 -9.69 -8.58
CA PHE G 181 -12.99 -8.51 -7.93
C PHE G 181 -12.07 -8.01 -6.84
N GLU G 182 -11.62 -6.78 -6.99
CA GLU G 182 -10.82 -6.11 -5.97
C GLU G 182 -11.64 -5.03 -5.28
N SER G 183 -11.65 -5.08 -3.95
CA SER G 183 -12.46 -4.19 -3.14
C SER G 183 -11.76 -2.91 -2.85
N HIS G 184 -12.50 -1.80 -2.89
CA HIS G 184 -12.03 -0.57 -2.25
C HIS G 184 -12.44 -0.66 -0.80
N ASN G 185 -11.82 0.13 0.08
CA ASN G 185 -12.31 0.23 1.45
C ASN G 185 -13.73 0.83 1.45
N PRO G 186 -14.56 0.48 2.46
CA PRO G 186 -15.91 1.10 2.52
C PRO G 186 -15.81 2.59 2.78
N VAL G 187 -16.78 3.33 2.25
CA VAL G 187 -16.91 4.78 2.52
C VAL G 187 -18.30 5.11 3.07
N TYR G 188 -18.33 5.73 4.24
CA TYR G 188 -19.57 6.18 4.84
C TYR G 188 -19.85 7.60 4.33
N ILE G 189 -20.84 7.72 3.45
CA ILE G 189 -21.25 9.02 2.88
C ILE G 189 -22.38 9.52 3.76
N ILE G 190 -22.11 10.61 4.46
CA ILE G 190 -23.04 11.11 5.47
C ILE G 190 -23.66 12.41 4.90
N THR G 191 -24.98 12.40 4.70
CA THR G 191 -25.70 13.54 4.12
C THR G 191 -26.56 14.16 5.22
N ALA G 192 -26.54 15.49 5.33
CA ALA G 192 -27.29 16.18 6.38
C ALA G 192 -27.98 17.44 5.86
N TRP G 193 -29.22 17.64 6.28
CA TRP G 193 -30.03 18.78 5.84
C TRP G 193 -31.06 19.09 6.93
N LYS G 194 -31.57 20.32 6.94
CA LYS G 194 -32.50 20.76 7.99
C LYS G 194 -33.92 20.21 7.82
N LEU H 3 9.58 12.21 31.89
CA LEU H 3 10.71 12.27 30.92
C LEU H 3 11.43 10.92 30.80
N ALA H 4 11.93 10.40 31.93
CA ALA H 4 13.03 9.42 31.92
C ALA H 4 12.76 7.95 31.55
N GLN H 5 11.50 7.52 31.54
CA GLN H 5 11.23 6.15 31.05
C GLN H 5 10.87 6.04 29.56
N TYR H 6 10.77 7.20 28.91
CA TYR H 6 11.01 7.28 27.47
C TYR H 6 12.50 7.56 27.36
N PRO H 7 13.17 6.98 26.35
CA PRO H 7 14.62 7.18 26.24
C PRO H 7 15.00 8.64 26.03
N VAL H 8 16.26 8.97 26.31
CA VAL H 8 16.75 10.34 26.17
C VAL H 8 16.54 10.81 24.73
N ILE H 9 16.95 9.98 23.77
CA ILE H 9 16.65 10.17 22.34
C ILE H 9 16.23 8.79 21.84
N GLY H 10 15.55 8.72 20.69
CA GLY H 10 15.10 7.43 20.17
C GLY H 10 13.70 7.00 20.61
N ILE H 11 12.87 7.95 21.03
CA ILE H 11 11.46 7.65 21.29
C ILE H 11 10.83 7.18 19.98
N ASP H 12 10.19 6.02 20.01
CA ASP H 12 9.49 5.46 18.85
CA ASP H 12 9.52 5.49 18.82
C ASP H 12 8.48 6.50 18.31
N ASP H 13 8.42 6.62 16.98
CA ASP H 13 7.50 7.57 16.33
C ASP H 13 6.02 7.38 16.73
N ASP H 14 5.64 6.12 16.96
CA ASP H 14 4.30 5.74 17.44
C ASP H 14 3.87 6.30 18.80
N GLU H 15 4.82 6.79 19.60
CA GLU H 15 4.49 7.39 20.91
C GLU H 15 4.06 8.86 20.79
N PHE H 16 4.27 9.46 19.63
CA PHE H 16 3.88 10.85 19.44
C PHE H 16 2.50 10.94 18.78
N ALA H 17 1.75 11.97 19.14
CA ALA H 17 0.52 12.29 18.43
C ALA H 17 0.98 12.95 17.15
N THR H 18 0.62 12.37 16.02
CA THR H 18 1.15 12.80 14.73
C THR H 18 0.20 12.54 13.56
N ALA H 19 0.44 13.23 12.45
CA ALA H 19 -0.24 12.92 11.21
C ALA H 19 0.75 12.18 10.30
N LYS H 20 0.19 11.51 9.30
CA LYS H 20 0.96 10.85 8.24
C LYS H 20 1.90 11.83 7.54
N LYS H 21 3.18 11.47 7.49
CA LYS H 21 4.28 12.22 6.83
C LYS H 21 4.74 13.50 7.55
N LEU H 22 4.16 13.80 8.70
CA LEU H 22 4.48 15.02 9.44
C LEU H 22 5.72 14.87 10.35
N ILE H 23 5.79 13.75 11.04
CA ILE H 23 6.81 13.57 12.09
C ILE H 23 8.21 13.56 11.46
N THR H 24 9.16 14.19 12.15
CA THR H 24 10.56 13.95 11.84
C THR H 24 10.83 12.56 12.41
N LYS H 25 10.94 11.57 11.53
CA LYS H 25 11.08 10.18 11.95
C LYS H 25 12.36 9.94 12.75
N GLN H 26 12.33 8.88 13.57
CA GLN H 26 13.29 8.64 14.65
C GLN H 26 14.77 8.77 14.27
N GLU H 27 15.19 8.06 13.21
CA GLU H 27 16.60 8.01 12.77
C GLU H 27 17.07 9.36 12.29
N VAL H 28 16.27 10.01 11.44
CA VAL H 28 16.57 11.37 10.99
C VAL H 28 16.50 12.39 12.12
N ARG H 29 15.58 12.17 13.08
CA ARG H 29 15.48 13.03 14.27
C ARG H 29 16.79 13.02 15.06
N ALA H 30 17.36 11.84 15.26
CA ALA H 30 18.68 11.66 15.85
C ALA H 30 19.78 12.38 15.07
N VAL H 31 19.79 12.25 13.73
CA VAL H 31 20.81 12.93 12.95
C VAL H 31 20.63 14.43 13.09
N THR H 32 19.38 14.90 13.07
CA THR H 32 19.06 16.33 13.16
C THR H 32 19.57 16.90 14.49
N LEU H 33 19.31 16.18 15.58
CA LEU H 33 19.76 16.60 16.92
C LEU H 33 21.29 16.71 17.00
N SER H 34 21.95 15.74 16.37
CA SER H 34 23.41 15.68 16.30
C SER H 34 23.97 16.88 15.54
N LYS H 35 23.32 17.24 14.43
CA LYS H 35 23.70 18.41 13.62
C LYS H 35 23.47 19.72 14.35
N LEU H 36 22.48 19.74 15.25
CA LEU H 36 22.20 20.95 16.05
C LEU H 36 23.28 21.33 17.10
N ARG H 37 24.22 20.40 17.36
CA ARG H 37 25.36 20.64 18.26
CA ARG H 37 25.36 20.64 18.27
C ARG H 37 24.94 21.23 19.62
N LEU H 38 23.96 20.59 20.25
CA LEU H 38 23.38 21.07 21.47
C LEU H 38 24.30 20.91 22.69
N GLN H 39 24.23 21.87 23.60
CA GLN H 39 24.80 21.75 24.94
C GLN H 39 23.82 22.45 25.87
N ASP H 40 23.93 22.20 27.17
CA ASP H 40 22.96 22.70 28.15
C ASP H 40 22.91 24.23 28.20
N ASP H 41 21.79 24.75 28.73
CA ASP H 41 21.58 26.19 28.99
C ASP H 41 21.42 27.08 27.74
N LEU H 42 21.22 26.45 26.58
CA LEU H 42 21.04 27.18 25.32
C LEU H 42 19.59 27.52 24.98
N VAL H 43 19.40 28.58 24.20
CA VAL H 43 18.09 28.93 23.68
C VAL H 43 17.94 28.35 22.27
N MET H 44 16.87 27.58 22.07
CA MET H 44 16.53 26.96 20.80
C MET H 44 15.14 27.42 20.29
N TRP H 45 15.00 27.64 18.98
CA TRP H 45 13.67 27.75 18.38
C TRP H 45 13.46 26.56 17.47
N ASP H 46 12.26 26.00 17.51
CA ASP H 46 11.80 24.97 16.58
C ASP H 46 10.67 25.60 15.74
N ILE H 47 11.05 26.24 14.63
CA ILE H 47 10.08 26.88 13.74
C ILE H 47 9.36 25.85 12.85
N GLY H 48 8.03 25.79 12.98
CA GLY H 48 7.21 24.80 12.26
C GLY H 48 7.35 23.47 12.96
N ALA H 49 7.04 23.48 14.26
CA ALA H 49 7.34 22.36 15.17
C ALA H 49 6.69 21.01 14.86
N GLY H 50 5.53 21.02 14.20
CA GLY H 50 4.87 19.77 13.81
C GLY H 50 4.22 19.02 14.97
N SER H 51 4.80 17.86 15.31
CA SER H 51 4.45 17.12 16.53
C SER H 51 5.38 17.47 17.71
N ALA H 52 6.34 18.38 17.45
CA ALA H 52 7.37 18.80 18.42
C ALA H 52 8.33 17.68 18.91
N SER H 53 8.45 16.61 18.13
CA SER H 53 9.34 15.50 18.47
C SER H 53 10.82 15.91 18.54
N VAL H 54 11.24 16.83 17.66
CA VAL H 54 12.60 17.38 17.70
C VAL H 54 12.77 18.24 18.96
N SER H 55 11.76 19.07 19.26
CA SER H 55 11.76 19.90 20.47
C SER H 55 11.80 19.06 21.76
N ILE H 56 11.10 17.93 21.73
CA ILE H 56 10.96 17.05 22.88
C ILE H 56 12.26 16.30 23.22
N GLU H 57 12.90 15.73 22.20
CA GLU H 57 14.19 15.10 22.41
C GLU H 57 15.29 16.13 22.67
N ALA H 58 15.14 17.35 22.13
CA ALA H 58 16.06 18.45 22.44
C ALA H 58 15.97 18.86 23.92
N SER H 59 14.75 18.77 24.47
CA SER H 59 14.51 19.06 25.89
C SER H 59 15.27 18.12 26.84
N ASN H 60 15.30 16.83 26.49
CA ASN H 60 16.12 15.83 27.16
C ASN H 60 17.62 16.13 27.13
N LEU H 61 18.09 16.63 25.99
CA LEU H 61 19.51 16.92 25.80
C LEU H 61 19.94 18.24 26.42
N MET H 62 18.97 19.13 26.63
CA MET H 62 19.22 20.42 27.24
C MET H 62 18.20 20.67 28.37
N PRO H 63 18.37 19.99 29.53
CA PRO H 63 17.34 20.09 30.57
C PRO H 63 17.21 21.50 31.13
N ASN H 64 18.32 22.23 31.15
CA ASN H 64 18.38 23.60 31.61
C ASN H 64 18.40 24.63 30.45
N GLY H 65 18.31 24.14 29.22
CA GLY H 65 18.14 25.01 28.06
C GLY H 65 16.69 25.42 27.90
N ARG H 66 16.44 26.41 27.05
CA ARG H 66 15.07 26.83 26.76
C ARG H 66 14.71 26.67 25.29
N ILE H 67 13.56 26.06 25.03
CA ILE H 67 13.14 25.68 23.70
C ILE H 67 11.75 26.21 23.38
N PHE H 68 11.67 27.01 22.31
CA PHE H 68 10.42 27.61 21.90
C PHE H 68 9.96 26.91 20.63
N ALA H 69 8.82 26.24 20.74
CA ALA H 69 8.26 25.51 19.61
C ALA H 69 7.20 26.38 18.94
N LEU H 70 7.41 26.73 17.69
CA LEU H 70 6.45 27.57 16.94
C LEU H 70 5.67 26.75 15.96
N GLU H 71 4.34 26.88 16.02
CA GLU H 71 3.43 26.18 15.12
C GLU H 71 2.13 26.98 14.94
N ARG H 72 1.53 26.86 13.76
CA ARG H 72 0.35 27.66 13.40
C ARG H 72 -0.88 26.85 13.05
N ASN H 73 -0.66 25.66 12.51
CA ASN H 73 -1.72 24.71 12.17
C ASN H 73 -2.41 24.29 13.46
N PRO H 74 -3.75 24.53 13.54
CA PRO H 74 -4.57 24.19 14.71
C PRO H 74 -4.47 22.72 15.13
N GLN H 75 -4.52 21.81 14.16
CA GLN H 75 -4.40 20.37 14.41
C GLN H 75 -3.01 19.99 14.95
N TYR H 76 -1.97 20.63 14.40
CA TYR H 76 -0.60 20.35 14.85
C TYR H 76 -0.39 20.93 16.25
N LEU H 77 -1.03 22.07 16.50
CA LEU H 77 -1.04 22.66 17.83
C LEU H 77 -1.60 21.68 18.85
N GLY H 78 -2.61 20.91 18.42
CA GLY H 78 -3.25 19.88 19.25
C GLY H 78 -2.35 18.70 19.55
N PHE H 79 -1.61 18.24 18.54
CA PHE H 79 -0.57 17.22 18.70
C PHE H 79 0.49 17.64 19.70
N ILE H 80 0.97 18.88 19.57
CA ILE H 80 2.03 19.44 20.41
C ILE H 80 1.59 19.51 21.89
N ARG H 81 0.40 20.07 22.14
CA ARG H 81 -0.23 20.11 23.49
CA ARG H 81 -0.13 20.14 23.50
C ARG H 81 -0.26 18.74 24.15
N ASP H 82 -0.73 17.76 23.40
CA ASP H 82 -0.82 16.38 23.88
C ASP H 82 0.56 15.82 24.17
N ASN H 83 1.50 16.09 23.27
CA ASN H 83 2.86 15.56 23.38
C ASN H 83 3.68 16.19 24.51
N LEU H 84 3.60 17.52 24.65
CA LEU H 84 4.29 18.23 25.71
C LEU H 84 3.81 17.81 27.11
N LYS H 85 2.52 17.48 27.20
CA LYS H 85 1.94 16.93 28.43
C LYS H 85 2.38 15.48 28.69
N LYS H 86 2.24 14.62 27.67
CA LYS H 86 2.67 13.22 27.78
C LYS H 86 4.16 13.08 28.16
N PHE H 87 5.02 13.85 27.51
CA PHE H 87 6.47 13.69 27.68
C PHE H 87 7.06 14.61 28.76
N VAL H 88 6.19 15.42 29.35
CA VAL H 88 6.55 16.40 30.38
C VAL H 88 7.81 17.21 29.99
N ALA H 89 7.72 17.83 28.82
CA ALA H 89 8.80 18.64 28.30
C ALA H 89 8.57 20.09 28.74
N ARG H 90 8.94 20.37 29.99
CA ARG H 90 8.59 21.63 30.64
C ARG H 90 9.41 22.81 30.16
N ASN H 91 10.63 22.52 29.71
CA ASN H 91 11.51 23.53 29.16
C ASN H 91 11.21 23.84 27.69
N VAL H 92 10.15 23.20 27.17
CA VAL H 92 9.57 23.58 25.87
C VAL H 92 8.29 24.42 26.02
N THR H 93 8.35 25.66 25.56
CA THR H 93 7.14 26.49 25.47
C THR H 93 6.58 26.55 24.05
N LEU H 94 5.30 26.26 23.94
CA LEU H 94 4.58 26.39 22.68
C LEU H 94 4.25 27.86 22.37
N VAL H 95 4.65 28.29 21.18
CA VAL H 95 4.27 29.61 20.67
C VAL H 95 3.33 29.40 19.48
N GLU H 96 2.13 29.96 19.55
CA GLU H 96 1.19 29.89 18.44
C GLU H 96 1.45 31.06 17.49
N ALA H 97 2.17 30.75 16.43
CA ALA H 97 2.58 31.75 15.47
C ALA H 97 2.85 31.16 14.10
N PHE H 98 2.87 32.02 13.10
CA PHE H 98 3.46 31.68 11.82
C PHE H 98 4.69 32.54 11.73
N ALA H 99 5.87 31.91 11.75
CA ALA H 99 7.13 32.63 11.63
C ALA H 99 7.18 33.28 10.25
N PRO H 100 7.77 34.49 10.13
CA PRO H 100 8.53 35.27 11.12
C PRO H 100 7.74 36.05 12.19
N GLU H 101 6.41 36.03 12.12
CA GLU H 101 5.59 36.67 13.16
C GLU H 101 5.68 35.83 14.44
N GLY H 102 5.78 36.50 15.58
CA GLY H 102 5.87 35.80 16.87
C GLY H 102 7.28 35.46 17.31
N LEU H 103 8.26 35.89 16.52
CA LEU H 103 9.67 35.66 16.82
C LEU H 103 10.28 36.81 17.61
N ASP H 104 9.62 37.97 17.58
CA ASP H 104 10.18 39.22 18.09
C ASP H 104 10.32 39.25 19.61
N ASP H 105 9.39 38.62 20.31
CA ASP H 105 9.39 38.66 21.77
C ASP H 105 10.26 37.57 22.39
N LEU H 106 10.68 36.59 21.58
CA LEU H 106 11.47 35.45 22.03
C LEU H 106 12.89 35.86 22.39
N PRO H 107 13.55 35.10 23.30
CA PRO H 107 14.96 35.42 23.50
C PRO H 107 15.77 35.09 22.26
N ASP H 108 16.89 35.81 22.11
CA ASP H 108 17.84 35.58 21.03
C ASP H 108 18.27 34.10 21.07
N PRO H 109 18.24 33.42 19.91
CA PRO H 109 18.50 31.98 19.87
C PRO H 109 19.97 31.59 19.63
N ASP H 110 20.35 30.46 20.21
CA ASP H 110 21.67 29.86 19.99
C ASP H 110 21.56 28.88 18.84
N ARG H 111 20.40 28.24 18.77
CA ARG H 111 20.10 27.18 17.83
C ARG H 111 18.74 27.47 17.23
N VAL H 112 18.57 27.16 15.94
CA VAL H 112 17.26 27.23 15.28
C VAL H 112 17.11 25.99 14.41
N PHE H 113 16.05 25.23 14.65
CA PHE H 113 15.61 24.18 13.72
C PHE H 113 14.44 24.70 12.93
N ILE H 114 14.51 24.59 11.60
CA ILE H 114 13.37 24.96 10.76
C ILE H 114 12.80 23.69 10.13
N GLY H 115 11.73 23.18 10.72
CA GLY H 115 11.07 21.96 10.25
C GLY H 115 9.89 22.17 9.32
N GLY H 116 9.39 23.39 9.28
CA GLY H 116 8.22 23.76 8.48
C GLY H 116 8.25 25.26 8.27
N SER H 117 8.15 25.69 7.00
CA SER H 117 8.26 27.10 6.69
C SER H 117 6.95 27.78 6.31
N GLY H 118 5.98 26.96 5.89
CA GLY H 118 4.67 27.43 5.43
C GLY H 118 4.75 28.60 4.46
N GLY H 119 5.62 28.49 3.46
CA GLY H 119 5.77 29.51 2.42
C GLY H 119 6.57 30.75 2.79
N MET H 120 7.08 30.80 4.01
CA MET H 120 7.80 31.98 4.50
C MET H 120 9.32 31.77 4.65
N LEU H 121 9.87 30.78 3.94
CA LEU H 121 11.28 30.40 4.09
C LEU H 121 12.24 31.59 4.04
N GLU H 122 12.17 32.39 2.99
CA GLU H 122 13.10 33.53 2.85
C GLU H 122 12.94 34.51 4.01
N GLU H 123 11.69 34.73 4.42
CA GLU H 123 11.35 35.65 5.50
C GLU H 123 11.84 35.14 6.86
N ILE H 124 11.64 33.84 7.11
CA ILE H 124 12.17 33.16 8.29
C ILE H 124 13.70 33.19 8.40
N ILE H 125 14.38 32.77 7.33
CA ILE H 125 15.84 32.77 7.29
C ILE H 125 16.42 34.17 7.56
N ASP H 126 15.80 35.17 6.93
CA ASP H 126 16.19 36.57 7.11
C ASP H 126 15.99 37.08 8.54
N ALA H 127 14.89 36.66 9.17
CA ALA H 127 14.59 37.02 10.55
C ALA H 127 15.57 36.33 11.49
N VAL H 128 15.76 35.02 11.28
CA VAL H 128 16.69 34.22 12.08
C VAL H 128 18.13 34.74 11.99
N ASP H 129 18.59 35.07 10.78
CA ASP H 129 19.95 35.66 10.61
C ASP H 129 20.20 36.89 11.48
N ARG H 130 19.21 37.76 11.60
CA ARG H 130 19.35 39.01 12.37
C ARG H 130 19.41 38.76 13.88
N ARG H 131 18.71 37.71 14.33
CA ARG H 131 18.56 37.39 15.73
C ARG H 131 19.61 36.40 16.26
N LEU H 132 20.10 35.52 15.39
CA LEU H 132 21.01 34.42 15.79
C LEU H 132 22.26 34.88 16.54
N LYS H 133 22.49 34.25 17.70
CA LYS H 133 23.64 34.56 18.53
C LYS H 133 24.97 34.06 17.97
N SER H 134 26.05 34.59 18.53
CA SER H 134 27.42 34.16 18.23
C SER H 134 27.55 32.66 18.45
N GLU H 135 28.28 31.99 17.55
CA GLU H 135 28.38 30.52 17.48
C GLU H 135 27.03 29.81 17.30
N GLY H 136 26.08 30.50 16.67
CA GLY H 136 24.77 29.92 16.40
C GLY H 136 24.79 28.88 15.30
N VAL H 137 23.81 28.00 15.32
CA VAL H 137 23.66 26.93 14.32
C VAL H 137 22.21 26.86 13.88
N ILE H 138 21.98 26.95 12.57
CA ILE H 138 20.66 26.71 12.01
C ILE H 138 20.64 25.35 11.31
N VAL H 139 19.60 24.56 11.56
CA VAL H 139 19.41 23.28 10.89
C VAL H 139 18.04 23.26 10.26
N LEU H 140 17.95 22.77 9.02
CA LEU H 140 16.67 22.56 8.34
C LEU H 140 16.59 21.12 7.88
N ASN H 141 15.37 20.63 7.76
CA ASN H 141 15.12 19.37 7.08
C ASN H 141 14.23 19.69 5.88
N ALA H 142 14.66 19.23 4.70
CA ALA H 142 13.91 19.42 3.46
C ALA H 142 13.70 18.09 2.77
N VAL H 143 12.53 17.93 2.16
CA VAL H 143 12.21 16.72 1.41
C VAL H 143 11.86 17.06 -0.06
N THR H 144 11.68 18.35 -0.34
CA THR H 144 11.45 18.81 -1.71
C THR H 144 12.67 19.54 -2.27
N LEU H 145 12.86 19.39 -3.59
CA LEU H 145 13.90 20.07 -4.30
C LEU H 145 13.89 21.61 -4.11
N ASP H 146 12.70 22.23 -4.11
CA ASP H 146 12.65 23.69 -4.04
C ASP H 146 13.07 24.25 -2.68
N THR H 147 12.68 23.58 -1.60
CA THR H 147 13.11 24.00 -0.25
C THR H 147 14.61 23.82 -0.10
N LEU H 148 15.13 22.66 -0.53
CA LEU H 148 16.57 22.42 -0.55
C LEU H 148 17.35 23.51 -1.27
N THR H 149 16.95 23.78 -2.52
CA THR H 149 17.51 24.82 -3.37
C THR H 149 17.49 26.20 -2.71
N LYS H 150 16.31 26.63 -2.29
CA LYS H 150 16.13 27.98 -1.73
C LYS H 150 16.81 28.13 -0.37
N ALA H 151 16.73 27.09 0.46
CA ALA H 151 17.37 27.15 1.79
C ALA H 151 18.87 27.34 1.66
N VAL H 152 19.52 26.57 0.78
CA VAL H 152 20.97 26.72 0.58
C VAL H 152 21.31 28.11 0.04
N GLU H 153 20.54 28.58 -0.96
CA GLU H 153 20.70 29.93 -1.53
C GLU H 153 20.62 31.07 -0.51
N PHE H 154 19.53 31.09 0.27
CA PHE H 154 19.30 32.16 1.25
C PHE H 154 20.31 32.17 2.39
N LEU H 155 20.78 30.99 2.80
CA LEU H 155 21.80 30.90 3.85
C LEU H 155 23.17 31.33 3.34
N GLU H 156 23.50 30.97 2.11
CA GLU H 156 24.77 31.40 1.53
C GLU H 156 24.79 32.89 1.18
N ASP H 157 23.62 33.45 0.84
CA ASP H 157 23.45 34.91 0.68
C ASP H 157 23.79 35.66 1.97
N HIS H 158 23.42 35.07 3.10
CA HIS H 158 23.63 35.66 4.42
C HIS H 158 25.02 35.40 5.00
N GLY H 159 25.84 34.66 4.27
CA GLY H 159 27.23 34.47 4.67
C GLY H 159 27.50 33.23 5.50
N TYR H 160 26.56 32.28 5.50
CA TYR H 160 26.75 31.02 6.25
C TYR H 160 27.56 30.01 5.49
N MET H 161 28.35 29.23 6.22
CA MET H 161 28.83 27.95 5.72
C MET H 161 27.67 26.97 5.84
N VAL H 162 27.41 26.23 4.76
CA VAL H 162 26.28 25.30 4.69
C VAL H 162 26.73 23.88 4.34
N GLU H 163 26.32 22.91 5.14
CA GLU H 163 26.47 21.48 4.80
C GLU H 163 25.11 20.90 4.46
N VAL H 164 25.04 20.10 3.41
CA VAL H 164 23.84 19.30 3.13
C VAL H 164 24.14 17.81 3.29
N ALA H 165 23.40 17.13 4.17
CA ALA H 165 23.53 15.69 4.29
C ALA H 165 22.24 14.99 3.90
N CYS H 166 22.29 14.18 2.85
CA CYS H 166 21.11 13.45 2.42
C CYS H 166 21.09 12.07 3.07
N VAL H 167 20.07 11.82 3.88
CA VAL H 167 19.97 10.58 4.68
C VAL H 167 18.87 9.70 4.13
N ASN H 168 19.27 8.51 3.72
CA ASN H 168 18.38 7.50 3.21
C ASN H 168 18.35 6.38 4.21
N VAL H 169 17.16 5.96 4.62
CA VAL H 169 17.00 4.86 5.58
C VAL H 169 16.05 3.82 5.03
N ALA H 170 16.51 2.56 5.04
CA ALA H 170 15.65 1.45 4.72
C ALA H 170 15.62 0.50 5.91
N LYS H 171 14.43 0.00 6.26
CA LYS H 171 14.22 -0.81 7.49
C LYS H 171 13.42 -2.08 7.24
N THR H 172 13.84 -3.18 7.86
CA THR H 172 12.98 -4.34 8.00
C THR H 172 12.13 -4.17 9.25
N LYS H 173 11.34 -5.19 9.56
CA LYS H 173 10.51 -5.22 10.74
C LYS H 173 10.95 -6.40 11.61
N GLY H 174 10.49 -6.42 12.87
CA GLY H 174 10.71 -7.55 13.75
C GLY H 174 9.50 -8.48 13.75
N GLU H 177 10.28 -11.49 10.36
CA GLU H 177 10.37 -12.87 9.88
C GLU H 177 10.49 -12.92 8.36
N TYR H 178 9.47 -12.40 7.67
CA TYR H 178 9.58 -12.08 6.25
C TYR H 178 10.17 -10.67 6.13
N LYS H 179 11.49 -10.60 6.00
CA LYS H 179 12.20 -9.34 6.22
C LYS H 179 12.55 -8.53 4.95
N MET H 180 11.55 -7.85 4.42
CA MET H 180 11.73 -6.99 3.25
C MET H 180 12.18 -5.60 3.70
N PHE H 181 13.21 -5.05 3.05
CA PHE H 181 13.62 -3.68 3.37
C PHE H 181 12.61 -2.69 2.84
N GLU H 182 12.17 -1.77 3.69
CA GLU H 182 11.27 -0.74 3.24
C GLU H 182 11.90 0.60 3.43
N SER H 183 11.94 1.37 2.35
CA SER H 183 12.57 2.68 2.34
C SER H 183 11.73 3.82 2.85
N HIS H 184 12.34 4.69 3.64
CA HIS H 184 11.81 6.04 3.87
C HIS H 184 12.15 6.92 2.68
N ASN H 185 11.41 8.00 2.50
CA ASN H 185 11.79 9.01 1.53
C ASN H 185 13.06 9.72 2.02
N PRO H 186 13.94 10.17 1.10
CA PRO H 186 15.17 10.77 1.59
C PRO H 186 14.90 12.09 2.30
N VAL H 187 15.74 12.40 3.29
CA VAL H 187 15.65 13.70 3.94
C VAL H 187 16.98 14.40 3.75
N TYR H 188 16.93 15.69 3.38
CA TYR H 188 18.11 16.54 3.26
C TYR H 188 18.20 17.34 4.54
N ILE H 189 19.24 17.06 5.31
CA ILE H 189 19.51 17.79 6.55
C ILE H 189 20.52 18.88 6.25
N ILE H 190 20.08 20.12 6.39
CA ILE H 190 20.89 21.26 6.00
C ILE H 190 21.35 21.95 7.27
N THR H 191 22.65 22.06 7.48
CA THR H 191 23.19 22.65 8.69
C THR H 191 23.99 23.88 8.30
N ALA H 192 23.77 24.98 9.01
CA ALA H 192 24.37 26.25 8.65
C ALA H 192 24.94 26.96 9.89
N TRP H 193 26.11 27.58 9.73
CA TRP H 193 26.82 28.29 10.81
C TRP H 193 27.79 29.32 10.21
N LYS H 194 28.26 30.26 11.02
CA LYS H 194 29.33 31.17 10.61
C LYS H 194 30.68 30.62 11.07
N SER H 195 31.59 30.42 10.12
CA SER H 195 32.95 29.96 10.45
C SER H 195 33.84 31.12 10.87
CL CL I . -5.59 -22.29 3.41
C1 GOL J . -10.63 -18.46 -7.82
O1 GOL J . -11.50 -17.75 -8.67
C2 GOL J . -10.19 -19.75 -8.53
O2 GOL J . -9.59 -19.46 -9.78
C3 GOL J . -9.25 -20.57 -7.65
O3 GOL J . -8.96 -21.81 -8.27
CL CL K . 7.90 -7.80 -14.49
C1 GOL L . 6.63 9.31 -7.53
O1 GOL L . 7.68 10.24 -7.33
C2 GOL L . 7.14 7.89 -7.72
O2 GOL L . 7.14 7.57 -9.10
C3 GOL L . 8.54 7.73 -7.13
O3 GOL L . 8.86 6.37 -6.92
CL CL M . 31.97 7.93 -20.08
CL CL N . -30.68 -16.53 17.45
CL CL O . -35.79 4.19 -13.93
CL CL P . 34.60 4.88 17.23
CL CL Q . -9.85 14.25 -4.33
CL CL R . 7.60 16.07 14.72
#